data_7OH7
#
_entry.id   7OH7
#
_cell.length_a   1.00
_cell.length_b   1.00
_cell.length_c   1.00
_cell.angle_alpha   90.00
_cell.angle_beta   90.00
_cell.angle_gamma   90.00
#
_symmetry.space_group_name_H-M   'P 1'
#
loop_
_entity.id
_entity.type
_entity.pdbx_description
1 polymer 'Probable phospholipid-transporting ATPase DRS2,Probable phospholipid-transporting ATPase DRS2'
2 polymer 'Cell division control protein 50'
3 branched 2-acetamido-2-deoxy-beta-D-glucopyranose-(1-4)-2-acetamido-2-deoxy-beta-D-glucopyranose
4 branched beta-D-mannopyranose-(1-3)-beta-D-mannopyranose-(1-4)-2-acetamido-2-deoxy-beta-D-glucopyranose-(1-4)-2-acetamido-2-deoxy-beta-D-glucopyranose
5 non-polymer '(2R)-1-{[(R)-hydroxy{[(1R,2R,3R,4R,5S,6R)-2,3,5,6-tetrahydroxy-4-(phosphonooxy)cyclohexyl]oxy}phosphoryl]oxy}-3-(octadecanoyloxy)propan-2-yl (5Z,8Z,11Z,14Z)-icosa-5,8,11,14-tetraenoate'
6 non-polymer 'PHOSPHOMETHYLPHOSPHONIC ACID ADENYLATE ESTER'
7 non-polymer 'MAGNESIUM ION'
8 water water
#
loop_
_entity_poly.entity_id
_entity_poly.type
_entity_poly.pdbx_seq_one_letter_code
_entity_poly.pdbx_strand_id
1 'polypeptide(L)'
;MNDDRETPPKRKPGEDDTLFDIDFLDDTTSHSGSRSKVTNSHANANYIPPSHVLPEETIDLDADDDNIENDVHENLFMSN
NHDDQTSWNANRFDSDAYQPQSLRAVKPPGLFARFGNGLKNAFTFKRKKGPESFEMNHYNAVTNNELDDNYLDSRNKFNI
KILFNRYILRKNVGDAEGNGEPRVIHINDSLANSSFGYSDNHISTTKYNFATFLPKFLFQEFSKYANLFFLCTSAIQQVP
HVSPTNRYTTIGTLLVVLIVSAMKECIEDIKRANSDKELNNSTAEIFSEAHDDFVEKRWIDIRVGDIIRVKSEEPIPADT
IILSSSEPEGLCYIETANLDGETNLKIKQSRVETAKFIDVKTLKNMNGKVVSEQPNSSLYTYEGTMTLNDRQIPLSPDQM
ILRGATLRNTAWIFGLVIFTGHETKLLRNATATPIKRTAVEKIINRQIIALFTVLIVLILISSIGNVIMSTADAKHLSYL
YLEGTNKAGLFFKDFLTFWILFSNLVPISLFVTVELIKYYQAFMIGSDLDLYYEKTDTPTVVRTSSLVEELGQIEYIFSD
KTGTLTRNIMEFKSCSIAGHCYIDKIPEDKTATVEDGIEVGYRKFDDLKKKLNDPSDEDSPIINDFLTLLATCHTVIPEF
QSDGSIKYQAASPDEGALVQGGADLGYKFIIRKPNSVTVLLEETGEEKEYQLLNICEFNSTRKRMSAIFRFPDGSIKLFC
KGADTVILERLDDEANQYVEATMRHLEDYASEGLRTLCLAMRDISEGEYEEWNSIYNEAATTLDNRAEKLDEAANLIEKN
LILIGATAIEDKLQDGVPETIHTLQEAGIKIWVLTGDRQETAINIGMSCRLLSEDMNLLIINEETRDDTERNLLEKINAL
NEHQLSTHDMNTLALVIDGKSLGFALEPELEDYLLTVAKLCKAVICCRVSPLQKALVVKMVKRKSSSLLLAIGDGANDVS
MIQAAHVGVGISGMEGMQAARSADIAVGQFKFLKKLLLVHGSWSYQRISVAILYSFYKNTALYMTQFWYVFANAFSGQSI
MESWTMSFYNLFFTVWPPFVIGVFDQFVSSRLLERYPQLYKLGQKGQFFSVYIFWGWIINGFFHSAIVFIGTILIYRYGF
ALNMHGELADHWSWGVTVYTTSVIIVLGKAALVTNQWTKFTLIAIPGSLLFWLIFFPIYASIFPHANISREYYGVVKHTY
GSGVFWLTLIVLPIFALVRDFLWKYYKRMYEPETYHVIQEMQKYNISLVPRGSDSRPHVQQFQNAIRKVRQVQRMKKQRG
FAFSQAEEGGQEKIVRMYDTTQKRGKYGELQDASANPFNDNNGLGSNDFESAEPFIENPFADGNQNSNRFSSSRDDISFD
IGGGGLVPRGSGGTAAAPGPAPAPAPASAPAAAAPAGAGTPVTAPLAGTIWKVLASEGQTVAAGEVLLILEAMKMETEIR
AAQAGTVRGIAVKAGDAVAVGDTLM
;
A
2 'polypeptide(L)'
;MVSLFKRGKAPPLTKEGPTSKKPPNTAFRQQRLKAWQPILSPQSVLPLLIFVACIFTPIGIGLIVSATKVQDLTIDYSHC
DTKASTTAFEDIPKKYIKYHFKSKVENKPQWRLTENENGEQSCELQFEIPNDIKKSIFIYYKITNFYQNHRRYVQSFDTK
QILGEPIKKDDLDTSCSPIRSREDKIIYPCGLIANSMFNDTFSQVLSGIDDTEDYNLTNKHISWSIDRHRFKTTKYNASD
IVPPPNWMKKYPDGYTDENLPDIHTWEEFQVWMRTAAFPKFYKLTLKNESASLPKGKYQMNIELNYPISLFGGTKSFVLT
TNGAIGGRNMSLGVLYLIVAGLCALFGIIFLVKLIFQPRAMGDHTYLNFDDEENEDYEDVHAENTTLREILGGGGLVPRG
SGGHHHHHHHHHH
;
C
#
loop_
_chem_comp.id
_chem_comp.type
_chem_comp.name
_chem_comp.formula
2Y5 non-polymer '(2R)-1-{[(R)-hydroxy{[(1R,2R,3R,4R,5S,6R)-2,3,5,6-tetrahydroxy-4-(phosphonooxy)cyclohexyl]oxy}phosphoryl]oxy}-3-(octadecanoyloxy)propan-2-yl (5Z,8Z,11Z,14Z)-icosa-5,8,11,14-tetraenoate' 'C47 H84 O16 P2'
ACP non-polymer 'PHOSPHOMETHYLPHOSPHONIC ACID ADENYLATE ESTER' 'C11 H18 N5 O12 P3'
BMA D-saccharide, beta linking beta-D-mannopyranose 'C6 H12 O6'
MG non-polymer 'MAGNESIUM ION' 'Mg 2'
NAG D-saccharide, beta linking 2-acetamido-2-deoxy-beta-D-glucopyranose 'C8 H15 N O6'
#
# COMPACT_ATOMS: atom_id res chain seq x y z
N PRO A 182 -5.09 -46.93 -16.52
CA PRO A 182 -6.44 -47.28 -16.05
C PRO A 182 -6.58 -47.12 -14.54
N ARG A 183 -7.65 -46.45 -14.12
CA ARG A 183 -7.92 -46.19 -12.70
C ARG A 183 -8.99 -47.17 -12.25
N VAL A 184 -8.56 -48.32 -11.74
CA VAL A 184 -9.49 -49.37 -11.33
C VAL A 184 -10.11 -48.98 -9.99
N ILE A 185 -11.44 -48.86 -9.96
CA ILE A 185 -12.15 -48.30 -8.81
C ILE A 185 -13.22 -49.31 -8.41
N HIS A 186 -13.07 -49.92 -7.24
CA HIS A 186 -14.11 -50.82 -6.77
C HIS A 186 -15.29 -50.03 -6.22
N ILE A 187 -16.43 -50.72 -6.10
CA ILE A 187 -17.71 -50.03 -5.91
C ILE A 187 -18.09 -49.94 -4.44
N ASN A 188 -17.74 -50.97 -3.66
CA ASN A 188 -18.41 -51.21 -2.38
C ASN A 188 -17.44 -51.73 -1.33
N ASP A 189 -16.19 -51.29 -1.37
CA ASP A 189 -15.23 -51.68 -0.34
C ASP A 189 -14.18 -50.59 -0.20
N SER A 190 -14.23 -49.85 0.91
CA SER A 190 -13.30 -48.75 1.14
C SER A 190 -11.90 -49.23 1.50
N LEU A 191 -11.73 -50.51 1.82
CA LEU A 191 -10.41 -51.05 2.08
C LEU A 191 -9.66 -51.45 0.81
N ALA A 192 -10.38 -51.69 -0.28
CA ALA A 192 -9.74 -52.18 -1.50
C ALA A 192 -9.10 -51.05 -2.28
N ASN A 193 -9.78 -49.91 -2.37
CA ASN A 193 -9.26 -48.78 -3.13
C ASN A 193 -8.23 -47.99 -2.34
N SER A 194 -8.15 -48.19 -1.03
CA SER A 194 -7.16 -47.52 -0.21
C SER A 194 -5.76 -48.11 -0.42
N SER A 195 -5.66 -49.31 -0.98
CA SER A 195 -4.35 -49.89 -1.27
C SER A 195 -3.66 -49.14 -2.40
N PHE A 196 -4.42 -48.52 -3.29
CA PHE A 196 -3.82 -47.65 -4.30
C PHE A 196 -3.29 -46.37 -3.67
N GLY A 197 -3.91 -45.89 -2.60
CA GLY A 197 -3.48 -44.68 -1.93
C GLY A 197 -3.81 -43.42 -2.70
N TYR A 198 -5.08 -43.19 -2.99
CA TYR A 198 -5.51 -41.98 -3.68
C TYR A 198 -5.55 -40.81 -2.71
N SER A 199 -5.81 -39.63 -3.25
CA SER A 199 -5.84 -38.42 -2.43
C SER A 199 -7.08 -38.43 -1.53
N ASP A 200 -7.03 -37.60 -0.49
CA ASP A 200 -8.16 -37.40 0.39
C ASP A 200 -9.02 -36.25 -0.14
N ASN A 201 -9.94 -35.76 0.68
CA ASN A 201 -10.93 -34.78 0.24
C ASN A 201 -10.67 -33.39 0.79
N HIS A 202 -9.57 -33.20 1.51
CA HIS A 202 -9.29 -31.92 2.14
C HIS A 202 -8.78 -30.92 1.10
N ILE A 203 -9.31 -29.69 1.16
CA ILE A 203 -8.89 -28.61 0.28
C ILE A 203 -7.93 -27.72 1.04
N SER A 204 -6.76 -27.46 0.45
CA SER A 204 -5.72 -26.64 1.07
C SER A 204 -5.69 -25.28 0.37
N THR A 205 -6.12 -24.24 1.08
CA THR A 205 -6.09 -22.88 0.57
C THR A 205 -5.10 -22.00 1.32
N THR A 206 -4.39 -22.54 2.30
CA THR A 206 -3.41 -21.76 3.05
C THR A 206 -2.13 -21.60 2.25
N LYS A 207 -1.47 -20.45 2.41
CA LYS A 207 -0.24 -20.19 1.68
C LYS A 207 0.97 -20.80 2.38
N TYR A 208 0.97 -20.80 3.70
CA TYR A 208 2.08 -21.32 4.49
C TYR A 208 1.60 -22.50 5.35
N ASN A 209 2.53 -23.06 6.12
CA ASN A 209 2.23 -24.18 6.99
C ASN A 209 3.27 -24.22 8.11
N PHE A 210 2.89 -24.87 9.22
CA PHE A 210 3.77 -24.97 10.37
C PHE A 210 4.94 -25.92 10.16
N ALA A 211 5.00 -26.62 9.02
CA ALA A 211 6.09 -27.55 8.74
C ALA A 211 7.14 -26.95 7.82
N THR A 212 6.73 -26.41 6.67
CA THR A 212 7.63 -25.78 5.71
C THR A 212 7.24 -24.31 5.62
N PHE A 213 7.83 -23.49 6.49
CA PHE A 213 7.50 -22.07 6.60
C PHE A 213 8.68 -21.18 6.24
N LEU A 214 9.85 -21.41 6.83
CA LEU A 214 10.99 -20.53 6.58
C LEU A 214 11.56 -20.68 5.18
N PRO A 215 11.83 -21.90 4.67
CA PRO A 215 12.47 -22.00 3.34
C PRO A 215 11.71 -21.30 2.22
N LYS A 216 10.41 -21.04 2.39
CA LYS A 216 9.64 -20.31 1.40
C LYS A 216 9.44 -18.84 1.77
N PHE A 217 9.20 -18.56 3.05
CA PHE A 217 8.98 -17.17 3.47
C PHE A 217 10.25 -16.34 3.31
N LEU A 218 11.40 -16.92 3.62
CA LEU A 218 12.66 -16.18 3.46
C LEU A 218 12.91 -15.84 2.00
N PHE A 219 12.70 -16.81 1.10
CA PHE A 219 12.89 -16.55 -0.32
C PHE A 219 11.87 -15.56 -0.86
N GLN A 220 10.66 -15.57 -0.31
CA GLN A 220 9.65 -14.60 -0.74
C GLN A 220 10.00 -13.20 -0.26
N GLU A 221 10.52 -13.08 0.96
CA GLU A 221 10.81 -11.75 1.51
C GLU A 221 12.08 -11.17 0.89
N PHE A 222 13.10 -11.98 0.67
CA PHE A 222 14.35 -11.51 0.09
C PHE A 222 14.28 -11.54 -1.43
N SER A 223 13.28 -10.82 -1.97
CA SER A 223 13.07 -10.73 -3.40
C SER A 223 12.97 -9.30 -3.92
N LYS A 224 12.76 -8.31 -3.06
CA LYS A 224 12.65 -6.92 -3.50
C LYS A 224 14.02 -6.28 -3.62
N TYR A 225 14.15 -5.04 -3.15
CA TYR A 225 15.40 -4.30 -3.21
C TYR A 225 15.97 -3.98 -1.84
N ALA A 226 15.14 -3.50 -0.91
CA ALA A 226 15.65 -3.13 0.40
C ALA A 226 16.07 -4.34 1.21
N ASN A 227 15.34 -5.45 1.08
CA ASN A 227 15.65 -6.64 1.87
C ASN A 227 17.00 -7.22 1.50
N LEU A 228 17.25 -7.43 0.21
CA LEU A 228 18.53 -7.96 -0.22
C LEU A 228 19.66 -6.99 0.08
N PHE A 229 19.40 -5.69 -0.06
CA PHE A 229 20.41 -4.68 0.24
C PHE A 229 20.83 -4.75 1.70
N PHE A 230 19.85 -4.78 2.61
CA PHE A 230 20.18 -4.85 4.03
C PHE A 230 20.79 -6.20 4.42
N LEU A 231 20.39 -7.27 3.73
CA LEU A 231 21.01 -8.57 3.99
C LEU A 231 22.49 -8.55 3.62
N CYS A 232 22.81 -8.01 2.44
CA CYS A 232 24.21 -7.88 2.04
C CYS A 232 24.96 -6.95 2.99
N THR A 233 24.30 -5.89 3.45
CA THR A 233 24.94 -4.97 4.41
C THR A 233 25.30 -5.70 5.69
N SER A 234 24.36 -6.45 6.27
CA SER A 234 24.64 -7.17 7.51
C SER A 234 25.65 -8.28 7.28
N ALA A 235 25.70 -8.85 6.07
CA ALA A 235 26.72 -9.87 5.79
C ALA A 235 28.11 -9.27 5.71
N ILE A 236 28.22 -8.07 5.12
CA ILE A 236 29.51 -7.40 5.04
C ILE A 236 29.92 -6.87 6.41
N GLN A 237 28.96 -6.55 7.27
CA GLN A 237 29.24 -5.99 8.59
C GLN A 237 29.79 -7.06 9.54
N GLN A 238 30.27 -8.18 9.01
CA GLN A 238 30.82 -9.25 9.81
C GLN A 238 32.34 -9.29 9.77
N VAL A 239 32.99 -8.41 9.02
CA VAL A 239 34.45 -8.36 8.96
C VAL A 239 34.96 -7.49 10.10
N PRO A 240 36.10 -7.81 10.69
CA PRO A 240 36.57 -7.05 11.85
C PRO A 240 37.21 -5.73 11.46
N HIS A 241 37.19 -4.80 12.42
CA HIS A 241 37.83 -3.48 12.28
C HIS A 241 37.28 -2.72 11.09
N VAL A 242 35.96 -2.85 10.85
CA VAL A 242 35.31 -2.18 9.74
C VAL A 242 34.02 -1.53 10.21
N SER A 243 33.26 -2.26 11.02
CA SER A 243 31.96 -1.77 11.49
C SER A 243 32.14 -0.57 12.40
N PRO A 244 31.59 0.60 12.06
CA PRO A 244 31.74 1.76 12.95
C PRO A 244 30.89 1.66 14.20
N THR A 245 29.82 0.85 14.19
CA THR A 245 28.94 0.72 15.34
C THR A 245 28.95 -0.71 15.86
N ASN A 246 27.89 -1.11 16.57
CA ASN A 246 27.79 -2.46 17.08
C ASN A 246 27.58 -3.45 15.93
N ARG A 247 27.91 -4.72 16.20
CA ARG A 247 27.81 -5.76 15.18
C ARG A 247 26.38 -6.16 14.87
N TYR A 248 25.40 -5.68 15.65
CA TYR A 248 24.01 -6.10 15.47
C TYR A 248 23.08 -4.90 15.38
N THR A 249 23.54 -3.81 14.77
CA THR A 249 22.72 -2.62 14.64
C THR A 249 21.80 -2.65 13.43
N THR A 250 22.12 -3.45 12.42
CA THR A 250 21.28 -3.55 11.22
C THR A 250 20.45 -4.83 11.18
N ILE A 251 20.97 -5.92 11.72
CA ILE A 251 20.23 -7.18 11.71
C ILE A 251 19.02 -7.12 12.64
N GLY A 252 19.04 -6.24 13.64
CA GLY A 252 17.91 -6.14 14.56
C GLY A 252 16.66 -5.63 13.87
N THR A 253 16.76 -4.48 13.19
CA THR A 253 15.61 -3.94 12.48
C THR A 253 15.17 -4.88 11.36
N LEU A 254 16.13 -5.52 10.70
CA LEU A 254 15.78 -6.47 9.63
C LEU A 254 14.98 -7.64 10.17
N LEU A 255 15.43 -8.23 11.29
CA LEU A 255 14.67 -9.33 11.88
C LEU A 255 13.33 -8.86 12.42
N VAL A 256 13.25 -7.62 12.92
CA VAL A 256 11.98 -7.10 13.42
C VAL A 256 10.96 -6.99 12.30
N VAL A 257 11.36 -6.37 11.18
CA VAL A 257 10.41 -6.24 10.08
C VAL A 257 10.11 -7.60 9.47
N LEU A 258 11.08 -8.53 9.49
CA LEU A 258 10.83 -9.87 8.99
C LEU A 258 9.79 -10.60 9.83
N ILE A 259 9.90 -10.52 11.16
CA ILE A 259 8.93 -11.22 12.00
C ILE A 259 7.58 -10.51 11.97
N VAL A 260 7.57 -9.20 11.71
CA VAL A 260 6.29 -8.50 11.52
C VAL A 260 5.59 -9.02 10.27
N SER A 261 6.33 -9.08 9.16
CA SER A 261 5.74 -9.64 7.93
C SER A 261 5.31 -11.09 8.15
N ALA A 262 6.10 -11.86 8.91
CA ALA A 262 5.77 -13.26 9.15
C ALA A 262 4.50 -13.41 9.97
N MET A 263 4.34 -12.58 11.02
CA MET A 263 3.14 -12.68 11.83
C MET A 263 1.91 -12.19 11.07
N LYS A 264 2.08 -11.21 10.18
CA LYS A 264 0.94 -10.79 9.35
C LYS A 264 0.54 -11.90 8.39
N GLU A 265 1.52 -12.54 7.75
CA GLU A 265 1.23 -13.66 6.87
C GLU A 265 0.57 -14.80 7.64
N CYS A 266 1.01 -15.04 8.88
CA CYS A 266 0.43 -16.11 9.68
C CYS A 266 -1.00 -15.77 10.08
N ILE A 267 -1.28 -14.49 10.38
CA ILE A 267 -2.63 -14.07 10.71
C ILE A 267 -3.55 -14.27 9.51
N GLU A 268 -3.09 -13.88 8.31
CA GLU A 268 -3.93 -14.08 7.13
C GLU A 268 -4.09 -15.57 6.82
N ASP A 269 -3.06 -16.38 7.10
CA ASP A 269 -3.16 -17.82 6.87
C ASP A 269 -4.17 -18.45 7.83
N ILE A 270 -4.19 -18.00 9.09
CA ILE A 270 -5.15 -18.52 10.05
C ILE A 270 -6.56 -18.08 9.69
N LYS A 271 -6.72 -16.83 9.23
CA LYS A 271 -8.03 -16.37 8.81
C LYS A 271 -8.53 -17.12 7.58
N ARG A 272 -7.63 -17.50 6.68
CA ARG A 272 -8.05 -18.33 5.54
C ARG A 272 -8.37 -19.74 5.97
N ALA A 273 -7.56 -20.32 6.87
CA ALA A 273 -7.79 -21.68 7.32
C ALA A 273 -9.08 -21.79 8.14
N ASN A 274 -9.52 -20.70 8.77
CA ASN A 274 -10.79 -20.72 9.47
C ASN A 274 -11.93 -21.04 8.50
N SER A 275 -12.03 -20.27 7.41
CA SER A 275 -13.05 -20.56 6.40
C SER A 275 -12.80 -21.89 5.72
N ASP A 276 -11.53 -22.28 5.58
CA ASP A 276 -11.20 -23.58 5.00
C ASP A 276 -11.83 -24.71 5.81
N LYS A 277 -11.62 -24.69 7.12
CA LYS A 277 -12.19 -25.71 7.99
C LYS A 277 -13.71 -25.58 8.07
N GLU A 278 -14.24 -24.35 8.03
CA GLU A 278 -15.68 -24.17 8.05
C GLU A 278 -16.34 -24.76 6.80
N LEU A 279 -15.61 -24.77 5.67
CA LEU A 279 -16.13 -25.35 4.45
C LEU A 279 -15.86 -26.86 4.37
N ASN A 280 -14.80 -27.35 5.03
CA ASN A 280 -14.47 -28.76 4.95
C ASN A 280 -15.19 -29.62 5.98
N ASN A 281 -15.61 -29.03 7.11
CA ASN A 281 -16.25 -29.80 8.17
C ASN A 281 -17.75 -29.99 7.95
N SER A 282 -18.24 -29.74 6.73
CA SER A 282 -19.65 -29.93 6.44
C SER A 282 -20.01 -31.41 6.41
N THR A 283 -21.30 -31.70 6.42
CA THR A 283 -21.80 -33.06 6.49
C THR A 283 -21.96 -33.67 5.11
N ALA A 284 -21.82 -34.98 5.04
CA ALA A 284 -21.99 -35.73 3.80
C ALA A 284 -22.40 -37.16 4.14
N GLU A 285 -23.21 -37.75 3.28
CA GLU A 285 -23.77 -39.07 3.55
C GLU A 285 -23.03 -40.12 2.73
N ILE A 286 -22.39 -41.06 3.43
CA ILE A 286 -21.60 -42.12 2.80
C ILE A 286 -22.27 -43.46 3.09
N PHE A 287 -22.23 -44.37 2.13
CA PHE A 287 -22.80 -45.69 2.34
C PHE A 287 -21.91 -46.50 3.28
N SER A 288 -22.52 -47.42 4.03
CA SER A 288 -21.77 -48.33 4.89
C SER A 288 -22.13 -49.77 4.54
N GLU A 289 -21.10 -50.61 4.41
CA GLU A 289 -21.32 -52.02 4.12
C GLU A 289 -21.86 -52.76 5.33
N ALA A 290 -21.34 -52.45 6.53
CA ALA A 290 -21.80 -53.16 7.73
C ALA A 290 -23.20 -52.70 8.09
N HIS A 291 -23.44 -51.38 8.07
CA HIS A 291 -24.73 -50.83 8.43
C HIS A 291 -25.77 -51.02 7.34
N ASP A 292 -25.33 -51.26 6.09
CA ASP A 292 -26.22 -51.42 4.95
C ASP A 292 -27.13 -50.21 4.78
N ASP A 293 -26.60 -49.04 5.12
CA ASP A 293 -27.34 -47.79 5.00
C ASP A 293 -26.36 -46.62 5.00
N PHE A 294 -26.84 -45.49 4.50
CA PHE A 294 -26.02 -44.29 4.44
C PHE A 294 -25.87 -43.70 5.84
N VAL A 295 -24.63 -43.45 6.25
CA VAL A 295 -24.30 -42.84 7.53
C VAL A 295 -23.83 -41.41 7.27
N GLU A 296 -24.16 -40.52 8.20
CA GLU A 296 -23.72 -39.14 8.11
C GLU A 296 -22.32 -38.98 8.67
N LYS A 297 -21.45 -38.33 7.91
CA LYS A 297 -20.04 -38.17 8.23
C LYS A 297 -19.62 -36.78 7.78
N ARG A 298 -18.32 -36.54 7.74
CA ARG A 298 -17.80 -35.25 7.28
C ARG A 298 -17.31 -35.35 5.84
N TRP A 299 -17.13 -34.18 5.22
CA TRP A 299 -16.63 -34.13 3.85
C TRP A 299 -15.22 -34.70 3.75
N ILE A 300 -14.38 -34.45 4.74
CA ILE A 300 -12.99 -34.87 4.67
C ILE A 300 -12.82 -36.37 4.82
N ASP A 301 -13.87 -37.08 5.25
CA ASP A 301 -13.81 -38.53 5.39
C ASP A 301 -14.13 -39.27 4.09
N ILE A 302 -14.51 -38.55 3.04
CA ILE A 302 -14.89 -39.17 1.78
C ILE A 302 -13.65 -39.66 1.06
N ARG A 303 -13.66 -40.92 0.65
CA ARG A 303 -12.58 -41.51 -0.13
C ARG A 303 -13.04 -41.79 -1.56
N VAL A 304 -12.07 -42.04 -2.43
CA VAL A 304 -12.37 -42.46 -3.80
C VAL A 304 -12.97 -43.85 -3.77
N GLY A 305 -14.14 -44.01 -4.39
CA GLY A 305 -14.82 -45.29 -4.45
C GLY A 305 -16.04 -45.40 -3.57
N ASP A 306 -16.35 -44.38 -2.78
CA ASP A 306 -17.53 -44.43 -1.93
C ASP A 306 -18.80 -44.21 -2.73
N ILE A 307 -19.89 -44.82 -2.26
CA ILE A 307 -21.22 -44.59 -2.78
C ILE A 307 -21.90 -43.56 -1.89
N ILE A 308 -22.29 -42.43 -2.48
CA ILE A 308 -22.87 -41.33 -1.72
C ILE A 308 -24.28 -41.07 -2.21
N ARG A 309 -25.04 -40.36 -1.38
CA ARG A 309 -26.44 -40.00 -1.64
C ARG A 309 -26.58 -38.52 -1.32
N VAL A 310 -26.63 -37.67 -2.36
CA VAL A 310 -26.75 -36.24 -2.15
C VAL A 310 -28.21 -35.82 -2.27
N LYS A 311 -28.68 -35.06 -1.27
CA LYS A 311 -30.08 -34.71 -1.11
C LYS A 311 -30.55 -33.52 -1.94
N SER A 312 -31.72 -33.00 -1.54
CA SER A 312 -32.54 -32.12 -2.37
C SER A 312 -31.81 -30.81 -2.72
N GLU A 313 -31.72 -30.52 -4.02
CA GLU A 313 -30.98 -29.37 -4.53
C GLU A 313 -29.70 -28.99 -3.80
N GLU A 314 -28.87 -29.96 -3.43
CA GLU A 314 -27.62 -29.58 -2.79
C GLU A 314 -26.45 -30.00 -3.68
N PRO A 315 -25.34 -29.26 -3.65
CA PRO A 315 -24.28 -29.50 -4.63
C PRO A 315 -23.52 -30.80 -4.39
N ILE A 316 -22.87 -31.23 -5.47
CA ILE A 316 -22.11 -32.48 -5.51
C ILE A 316 -20.81 -32.30 -4.73
N PRO A 317 -20.43 -33.24 -3.89
CA PRO A 317 -19.22 -33.07 -3.07
C PRO A 317 -17.93 -33.33 -3.83
N ALA A 318 -17.97 -34.18 -4.84
CA ALA A 318 -16.76 -34.53 -5.57
C ALA A 318 -17.15 -34.98 -6.98
N ASP A 319 -16.16 -35.46 -7.74
CA ASP A 319 -16.38 -35.95 -9.10
C ASP A 319 -16.94 -37.36 -9.06
N THR A 320 -18.26 -37.47 -9.15
CA THR A 320 -18.96 -38.73 -9.00
C THR A 320 -19.58 -39.17 -10.31
N ILE A 321 -19.60 -40.47 -10.54
CA ILE A 321 -20.37 -41.08 -11.62
C ILE A 321 -21.70 -41.55 -11.06
N ILE A 322 -22.80 -41.13 -11.71
CA ILE A 322 -24.14 -41.41 -11.20
C ILE A 322 -24.48 -42.88 -11.37
N LEU A 323 -25.01 -43.49 -10.31
CA LEU A 323 -25.46 -44.88 -10.37
C LEU A 323 -26.97 -44.96 -10.56
N SER A 324 -27.72 -44.16 -9.80
CA SER A 324 -29.17 -44.11 -9.84
C SER A 324 -29.62 -42.71 -9.44
N SER A 325 -30.92 -42.50 -9.42
CA SER A 325 -31.48 -41.22 -8.97
C SER A 325 -32.93 -41.45 -8.58
N SER A 326 -33.54 -40.39 -8.02
CA SER A 326 -34.97 -40.45 -7.69
C SER A 326 -35.86 -40.29 -8.90
N GLU A 327 -35.34 -39.78 -10.02
CA GLU A 327 -36.12 -39.65 -11.23
C GLU A 327 -36.31 -41.01 -11.90
N PRO A 328 -37.43 -41.22 -12.61
CA PRO A 328 -37.75 -42.59 -13.05
C PRO A 328 -36.77 -43.14 -14.06
N GLU A 329 -36.36 -42.34 -15.06
CA GLU A 329 -35.38 -42.83 -16.02
C GLU A 329 -33.98 -42.85 -15.44
N GLY A 330 -33.65 -41.91 -14.55
CA GLY A 330 -32.31 -41.78 -14.03
C GLY A 330 -31.64 -40.46 -14.37
N LEU A 331 -32.42 -39.43 -14.71
CA LEU A 331 -31.83 -38.15 -15.07
C LEU A 331 -31.74 -37.21 -13.87
N CYS A 332 -30.89 -36.20 -14.01
CA CYS A 332 -30.75 -35.12 -13.04
C CYS A 332 -30.37 -33.86 -13.79
N TYR A 333 -30.40 -32.74 -13.07
CA TYR A 333 -30.15 -31.41 -13.62
C TYR A 333 -29.02 -30.79 -12.80
N ILE A 334 -27.86 -30.60 -13.43
CA ILE A 334 -26.73 -29.97 -12.76
C ILE A 334 -26.58 -28.54 -13.25
N GLU A 335 -26.10 -27.68 -12.36
CA GLU A 335 -25.81 -26.28 -12.69
C GLU A 335 -24.30 -26.10 -12.73
N THR A 336 -23.81 -25.60 -13.86
CA THR A 336 -22.38 -25.50 -14.15
C THR A 336 -21.92 -24.05 -14.19
N ALA A 337 -22.41 -23.22 -13.26
CA ALA A 337 -22.01 -21.82 -13.20
C ALA A 337 -20.66 -21.62 -12.54
N ASN A 338 -20.03 -22.68 -12.02
CA ASN A 338 -18.69 -22.57 -11.47
C ASN A 338 -17.61 -23.13 -12.40
N LEU A 339 -17.93 -24.16 -13.17
CA LEU A 339 -16.99 -24.71 -14.15
C LEU A 339 -17.14 -24.09 -15.53
N ASP A 340 -18.22 -23.33 -15.77
CA ASP A 340 -18.37 -22.55 -16.99
C ASP A 340 -18.94 -21.18 -16.61
N GLY A 341 -19.39 -20.45 -17.62
CA GLY A 341 -20.22 -19.28 -17.38
C GLY A 341 -21.65 -19.48 -17.81
N GLU A 342 -21.96 -20.70 -18.26
CA GLU A 342 -23.28 -20.97 -18.82
C GLU A 342 -24.33 -21.05 -17.73
N THR A 343 -25.48 -20.42 -17.97
CA THR A 343 -26.50 -20.25 -16.95
C THR A 343 -27.59 -21.31 -17.00
N ASN A 344 -27.67 -22.09 -18.07
CA ASN A 344 -28.67 -23.13 -18.18
C ASN A 344 -28.25 -24.36 -17.38
N LEU A 345 -29.19 -25.30 -17.23
CA LEU A 345 -28.96 -26.52 -16.48
C LEU A 345 -28.73 -27.69 -17.44
N LYS A 346 -27.77 -28.55 -17.10
CA LYS A 346 -27.39 -29.66 -17.95
C LYS A 346 -28.10 -30.93 -17.50
N ILE A 347 -28.61 -31.68 -18.48
CA ILE A 347 -29.30 -32.95 -18.24
C ILE A 347 -28.23 -34.04 -18.17
N LYS A 348 -27.86 -34.45 -16.97
CA LYS A 348 -26.99 -35.60 -16.79
C LYS A 348 -27.85 -36.80 -16.42
N GLN A 349 -27.82 -37.84 -17.23
CA GLN A 349 -28.64 -39.01 -16.99
C GLN A 349 -27.79 -40.24 -16.71
N SER A 350 -28.29 -41.12 -15.86
CA SER A 350 -27.69 -42.42 -15.61
C SER A 350 -28.00 -43.38 -16.76
N ARG A 351 -27.19 -44.43 -16.84
CA ARG A 351 -27.50 -45.54 -17.75
C ARG A 351 -28.69 -46.33 -17.24
N VAL A 352 -29.49 -46.83 -18.18
CA VAL A 352 -30.69 -47.58 -17.84
C VAL A 352 -30.37 -49.00 -17.38
N GLU A 353 -29.15 -49.48 -17.66
CA GLU A 353 -28.72 -50.79 -17.19
C GLU A 353 -28.23 -50.79 -15.75
N THR A 354 -28.22 -49.63 -15.09
CA THR A 354 -27.85 -49.56 -13.68
C THR A 354 -28.74 -48.63 -12.86
N ALA A 355 -29.79 -48.05 -13.44
CA ALA A 355 -30.70 -47.18 -12.71
C ALA A 355 -31.75 -47.94 -11.92
N LYS A 356 -31.72 -49.27 -11.93
CA LYS A 356 -32.67 -50.09 -11.19
C LYS A 356 -32.31 -50.25 -9.72
N PHE A 357 -31.23 -49.62 -9.26
CA PHE A 357 -30.83 -49.67 -7.85
C PHE A 357 -31.32 -48.40 -7.15
N ILE A 358 -32.60 -48.42 -6.79
CA ILE A 358 -33.23 -47.27 -6.15
C ILE A 358 -33.17 -47.37 -4.64
N ASP A 359 -33.39 -48.56 -4.09
CA ASP A 359 -33.51 -48.74 -2.65
C ASP A 359 -32.14 -48.94 -2.03
N VAL A 360 -32.01 -48.49 -0.78
CA VAL A 360 -30.71 -48.51 -0.10
C VAL A 360 -30.34 -49.91 0.38
N LYS A 361 -31.33 -50.78 0.60
CA LYS A 361 -31.04 -52.10 1.14
C LYS A 361 -30.52 -53.06 0.09
N THR A 362 -30.72 -52.76 -1.20
CA THR A 362 -30.28 -53.62 -2.28
C THR A 362 -28.98 -53.13 -2.92
N LEU A 363 -28.33 -52.13 -2.32
CA LEU A 363 -27.08 -51.60 -2.86
C LEU A 363 -25.89 -52.52 -2.59
N LYS A 364 -26.06 -53.54 -1.74
CA LYS A 364 -24.94 -54.38 -1.35
C LYS A 364 -24.68 -55.50 -2.35
N ASN A 365 -25.63 -55.80 -3.23
CA ASN A 365 -25.58 -56.96 -4.09
C ASN A 365 -24.95 -56.69 -5.45
N MET A 366 -24.40 -55.49 -5.65
CA MET A 366 -23.77 -55.12 -6.91
C MET A 366 -22.25 -55.20 -6.76
N ASN A 367 -21.61 -55.96 -7.65
CA ASN A 367 -20.16 -56.06 -7.67
C ASN A 367 -19.64 -55.69 -9.06
N GLY A 368 -18.40 -55.24 -9.10
CA GLY A 368 -17.78 -54.81 -10.34
C GLY A 368 -16.76 -53.73 -10.08
N LYS A 369 -16.07 -53.35 -11.16
CA LYS A 369 -15.07 -52.31 -11.10
C LYS A 369 -15.36 -51.25 -12.15
N VAL A 370 -14.84 -50.05 -11.92
CA VAL A 370 -14.95 -48.93 -12.84
C VAL A 370 -13.54 -48.59 -13.31
N VAL A 371 -13.24 -48.89 -14.58
CA VAL A 371 -11.96 -48.53 -15.16
C VAL A 371 -12.06 -47.07 -15.61
N SER A 372 -11.58 -46.15 -14.76
CA SER A 372 -11.71 -44.73 -15.05
C SER A 372 -10.45 -44.21 -15.71
N GLU A 373 -10.51 -42.96 -16.17
CA GLU A 373 -9.36 -42.29 -16.76
C GLU A 373 -8.50 -41.66 -15.68
N GLN A 374 -7.40 -41.06 -16.08
CA GLN A 374 -6.54 -40.34 -15.15
C GLN A 374 -7.15 -38.99 -14.82
N PRO A 375 -6.69 -38.36 -13.74
CA PRO A 375 -7.12 -36.98 -13.48
C PRO A 375 -6.65 -36.04 -14.59
N ASN A 376 -7.57 -35.17 -15.04
CA ASN A 376 -7.27 -34.22 -16.10
C ASN A 376 -7.72 -32.82 -15.72
N SER A 377 -7.68 -31.90 -16.68
CA SER A 377 -8.36 -30.63 -16.53
C SER A 377 -9.26 -30.29 -17.71
N SER A 378 -9.33 -31.16 -18.72
CA SER A 378 -10.29 -30.98 -19.80
C SER A 378 -11.68 -31.35 -19.28
N LEU A 379 -12.56 -30.36 -19.19
CA LEU A 379 -13.80 -30.55 -18.44
C LEU A 379 -14.81 -31.36 -19.23
N TYR A 380 -14.95 -31.09 -20.52
CA TYR A 380 -16.04 -31.64 -21.33
C TYR A 380 -15.70 -33.00 -21.93
N THR A 381 -14.62 -33.66 -21.49
CA THR A 381 -14.23 -34.95 -22.02
C THR A 381 -13.94 -35.90 -20.86
N TYR A 382 -14.65 -37.02 -20.81
CA TYR A 382 -14.35 -38.10 -19.89
C TYR A 382 -14.41 -39.42 -20.64
N GLU A 383 -13.58 -40.38 -20.21
CA GLU A 383 -13.62 -41.72 -20.77
C GLU A 383 -13.43 -42.72 -19.64
N GLY A 384 -14.37 -43.66 -19.50
CA GLY A 384 -14.25 -44.68 -18.49
C GLY A 384 -14.92 -45.97 -18.94
N THR A 385 -14.88 -46.97 -18.06
CA THR A 385 -15.54 -48.23 -18.32
C THR A 385 -15.99 -48.83 -16.99
N MET A 386 -17.29 -48.71 -16.69
CA MET A 386 -17.87 -49.26 -15.48
C MET A 386 -18.32 -50.69 -15.79
N THR A 387 -17.67 -51.68 -15.19
CA THR A 387 -18.13 -53.05 -15.34
C THR A 387 -19.12 -53.39 -14.23
N LEU A 388 -20.28 -53.88 -14.65
CA LEU A 388 -21.33 -54.31 -13.74
C LEU A 388 -21.10 -55.77 -13.34
N ASN A 389 -22.14 -56.43 -12.82
CA ASN A 389 -22.02 -57.81 -12.34
C ASN A 389 -21.42 -58.74 -13.39
N ASP A 390 -21.78 -58.56 -14.67
CA ASP A 390 -21.29 -59.45 -15.70
C ASP A 390 -20.45 -58.76 -16.77
N ARG A 391 -20.94 -57.70 -17.40
CA ARG A 391 -20.21 -57.08 -18.50
C ARG A 391 -20.06 -55.58 -18.29
N GLN A 392 -19.19 -54.99 -19.11
CA GLN A 392 -18.80 -53.59 -18.99
C GLN A 392 -19.77 -52.68 -19.73
N ILE A 393 -19.93 -51.47 -19.20
CA ILE A 393 -20.63 -50.37 -19.85
C ILE A 393 -19.63 -49.24 -20.06
N PRO A 394 -19.76 -48.48 -21.14
CA PRO A 394 -18.85 -47.35 -21.38
C PRO A 394 -19.29 -46.12 -20.59
N LEU A 395 -18.33 -45.24 -20.33
CA LEU A 395 -18.61 -43.97 -19.68
C LEU A 395 -18.22 -42.81 -20.59
N SER A 396 -18.68 -41.62 -20.21
CA SER A 396 -18.63 -40.45 -21.06
C SER A 396 -18.88 -39.22 -20.18
N PRO A 397 -18.54 -38.03 -20.67
CA PRO A 397 -18.82 -36.81 -19.89
C PRO A 397 -20.29 -36.47 -19.79
N ASP A 398 -21.17 -37.29 -20.36
CA ASP A 398 -22.60 -37.12 -20.19
C ASP A 398 -23.09 -37.66 -18.85
N GLN A 399 -22.26 -38.42 -18.14
CA GLN A 399 -22.52 -38.86 -16.78
C GLN A 399 -21.35 -38.50 -15.87
N MET A 400 -20.73 -37.34 -16.12
CA MET A 400 -19.65 -36.83 -15.29
C MET A 400 -20.05 -35.51 -14.68
N ILE A 401 -20.03 -35.43 -13.35
CA ILE A 401 -20.45 -34.24 -12.61
C ILE A 401 -19.25 -33.69 -11.85
N LEU A 402 -18.87 -32.46 -12.17
CA LEU A 402 -17.70 -31.85 -11.57
C LEU A 402 -18.07 -31.22 -10.23
N ARG A 403 -17.06 -30.75 -9.51
CA ARG A 403 -17.27 -30.34 -8.13
C ARG A 403 -18.00 -29.01 -8.03
N GLY A 404 -17.73 -28.09 -8.95
CA GLY A 404 -18.39 -26.80 -8.92
C GLY A 404 -19.84 -26.79 -9.33
N ALA A 405 -20.39 -27.93 -9.77
CA ALA A 405 -21.75 -28.01 -10.23
C ALA A 405 -22.71 -27.97 -9.03
N THR A 406 -24.01 -28.01 -9.31
CA THR A 406 -25.01 -27.94 -8.25
C THR A 406 -26.24 -28.73 -8.67
N LEU A 407 -26.63 -29.70 -7.87
CA LEU A 407 -27.82 -30.49 -8.17
C LEU A 407 -29.08 -29.62 -8.04
N ARG A 408 -30.05 -29.87 -8.91
CA ARG A 408 -31.26 -29.06 -8.96
C ARG A 408 -32.41 -29.92 -9.45
N ASN A 409 -33.61 -29.64 -8.92
CA ASN A 409 -34.85 -30.26 -9.38
C ASN A 409 -34.83 -31.78 -9.23
N THR A 410 -34.11 -32.28 -8.23
CA THR A 410 -34.06 -33.70 -7.94
C THR A 410 -33.98 -33.89 -6.43
N ALA A 411 -34.63 -34.96 -5.95
CA ALA A 411 -34.72 -35.20 -4.52
C ALA A 411 -33.39 -35.68 -3.95
N TRP A 412 -32.79 -36.67 -4.61
CA TRP A 412 -31.50 -37.20 -4.18
C TRP A 412 -30.88 -37.90 -5.38
N ILE A 413 -29.57 -38.10 -5.31
CA ILE A 413 -28.88 -38.91 -6.30
C ILE A 413 -27.89 -39.83 -5.60
N PHE A 414 -27.42 -40.83 -6.34
CA PHE A 414 -26.39 -41.77 -5.90
C PHE A 414 -25.14 -41.59 -6.77
N GLY A 415 -24.04 -41.19 -6.14
CA GLY A 415 -22.83 -40.96 -6.91
C GLY A 415 -21.66 -41.83 -6.45
N LEU A 416 -20.69 -42.04 -7.33
CA LEU A 416 -19.49 -42.82 -7.01
C LEU A 416 -18.28 -41.91 -7.20
N VAL A 417 -17.64 -41.54 -6.08
CA VAL A 417 -16.52 -40.62 -6.06
C VAL A 417 -15.32 -41.24 -6.76
N ILE A 418 -14.78 -40.55 -7.78
CA ILE A 418 -13.70 -41.11 -8.59
C ILE A 418 -12.50 -40.18 -8.52
N PHE A 419 -12.75 -38.88 -8.43
CA PHE A 419 -11.72 -37.89 -8.18
C PHE A 419 -12.12 -37.00 -7.02
N THR A 420 -11.19 -36.74 -6.11
CA THR A 420 -11.47 -35.98 -4.91
C THR A 420 -10.32 -35.02 -4.62
N GLY A 421 -10.64 -33.99 -3.84
CA GLY A 421 -9.62 -33.05 -3.41
C GLY A 421 -9.07 -32.23 -4.55
N HIS A 422 -7.74 -32.26 -4.70
CA HIS A 422 -7.04 -31.60 -5.79
C HIS A 422 -6.81 -32.51 -6.99
N GLU A 423 -7.53 -33.63 -7.07
CA GLU A 423 -7.45 -34.52 -8.23
C GLU A 423 -8.67 -34.41 -9.13
N THR A 424 -9.54 -33.44 -8.90
CA THR A 424 -10.74 -33.29 -9.71
C THR A 424 -10.37 -32.74 -11.10
N LYS A 425 -11.40 -32.55 -11.92
CA LYS A 425 -11.19 -31.99 -13.25
C LYS A 425 -11.07 -30.47 -13.20
N LEU A 426 -11.79 -29.83 -12.28
CA LEU A 426 -11.89 -28.37 -12.24
C LEU A 426 -10.84 -27.74 -11.34
N LEU A 427 -10.52 -28.37 -10.20
CA LEU A 427 -9.56 -27.81 -9.25
C LEU A 427 -8.19 -28.44 -9.36
N ARG A 428 -7.84 -28.98 -10.54
CA ARG A 428 -6.53 -29.61 -10.70
C ARG A 428 -5.46 -28.55 -10.83
N ASN A 429 -5.39 -27.90 -12.01
CA ASN A 429 -4.46 -26.80 -12.24
C ASN A 429 -5.24 -25.50 -12.10
N ALA A 430 -5.38 -25.06 -10.85
CA ALA A 430 -6.12 -23.83 -10.57
C ALA A 430 -5.36 -22.61 -11.08
N THR A 431 -6.13 -21.60 -11.50
CA THR A 431 -5.53 -20.38 -12.01
C THR A 431 -4.90 -19.57 -10.87
N ALA A 432 -3.87 -18.80 -11.21
CA ALA A 432 -3.14 -17.97 -10.27
C ALA A 432 -3.24 -16.52 -10.71
N THR A 433 -3.63 -15.66 -9.79
CA THR A 433 -3.73 -14.24 -10.08
C THR A 433 -2.34 -13.62 -10.24
N PRO A 434 -2.02 -13.05 -11.39
CA PRO A 434 -0.69 -12.44 -11.55
C PRO A 434 -0.54 -11.19 -10.70
N ILE A 435 0.73 -10.80 -10.50
CA ILE A 435 1.03 -9.62 -9.70
C ILE A 435 0.62 -8.38 -10.47
N LYS A 436 -0.33 -7.62 -9.92
CA LYS A 436 -0.84 -6.41 -10.52
C LYS A 436 -0.13 -5.22 -9.91
N ARG A 437 0.75 -4.59 -10.69
CA ARG A 437 1.57 -3.48 -10.22
C ARG A 437 0.94 -2.15 -10.62
N THR A 438 1.21 -1.13 -9.82
CA THR A 438 0.68 0.22 -10.04
C THR A 438 1.80 1.16 -10.47
N ALA A 439 1.41 2.36 -10.88
CA ALA A 439 2.39 3.36 -11.28
C ALA A 439 3.14 3.94 -10.07
N VAL A 440 2.46 4.00 -8.92
CA VAL A 440 3.13 4.46 -7.70
C VAL A 440 4.29 3.54 -7.35
N GLU A 441 4.16 2.24 -7.63
CA GLU A 441 5.26 1.32 -7.42
C GLU A 441 6.45 1.67 -8.29
N LYS A 442 6.20 2.04 -9.55
CA LYS A 442 7.29 2.41 -10.44
C LYS A 442 7.93 3.72 -10.02
N ILE A 443 7.14 4.68 -9.52
CA ILE A 443 7.73 5.91 -9.02
C ILE A 443 8.57 5.64 -7.79
N ILE A 444 8.12 4.73 -6.93
CA ILE A 444 8.92 4.33 -5.77
C ILE A 444 10.22 3.69 -6.21
N ASN A 445 10.16 2.85 -7.25
CA ASN A 445 11.37 2.22 -7.78
C ASN A 445 12.35 3.28 -8.30
N ARG A 446 11.85 4.28 -9.01
CA ARG A 446 12.72 5.34 -9.49
C ARG A 446 13.33 6.14 -8.34
N GLN A 447 12.54 6.41 -7.30
CA GLN A 447 13.06 7.13 -6.14
C GLN A 447 14.13 6.32 -5.43
N ILE A 448 13.94 5.00 -5.34
CA ILE A 448 14.94 4.15 -4.69
C ILE A 448 16.21 4.09 -5.53
N ILE A 449 16.08 4.07 -6.85
CA ILE A 449 17.26 4.12 -7.71
C ILE A 449 18.01 5.43 -7.51
N ALA A 450 17.27 6.54 -7.40
CA ALA A 450 17.91 7.83 -7.15
C ALA A 450 18.62 7.84 -5.80
N LEU A 451 18.01 7.24 -4.78
CA LEU A 451 18.65 7.18 -3.47
C LEU A 451 19.91 6.32 -3.52
N PHE A 452 19.87 5.22 -4.26
CA PHE A 452 21.06 4.38 -4.40
C PHE A 452 22.18 5.14 -5.10
N THR A 453 21.84 5.91 -6.13
CA THR A 453 22.85 6.68 -6.85
C THR A 453 23.47 7.76 -5.96
N VAL A 454 22.63 8.50 -5.22
CA VAL A 454 23.18 9.54 -4.35
C VAL A 454 23.99 8.90 -3.21
N LEU A 455 23.61 7.69 -2.78
CA LEU A 455 24.39 6.97 -1.79
C LEU A 455 25.78 6.64 -2.33
N ILE A 456 25.83 6.10 -3.56
CA ILE A 456 27.12 5.80 -4.18
C ILE A 456 27.96 7.07 -4.31
N VAL A 457 27.33 8.18 -4.68
CA VAL A 457 28.07 9.43 -4.85
C VAL A 457 28.66 9.89 -3.52
N LEU A 458 27.84 9.87 -2.45
CA LEU A 458 28.33 10.29 -1.15
C LEU A 458 29.46 9.38 -0.66
N ILE A 459 29.33 8.07 -0.86
CA ILE A 459 30.37 7.14 -0.44
C ILE A 459 31.66 7.42 -1.21
N LEU A 460 31.54 7.67 -2.52
CA LEU A 460 32.73 7.96 -3.32
C LEU A 460 33.41 9.24 -2.85
N ILE A 461 32.64 10.30 -2.58
CA ILE A 461 33.22 11.55 -2.13
C ILE A 461 33.91 11.37 -0.79
N SER A 462 33.27 10.65 0.14
CA SER A 462 33.87 10.44 1.45
C SER A 462 35.15 9.63 1.36
N SER A 463 35.16 8.59 0.51
CA SER A 463 36.37 7.78 0.37
C SER A 463 37.50 8.57 -0.28
N ILE A 464 37.16 9.43 -1.24
CA ILE A 464 38.18 10.27 -1.87
C ILE A 464 38.78 11.22 -0.84
N GLY A 465 37.92 11.86 -0.04
CA GLY A 465 38.42 12.71 1.02
C GLY A 465 39.31 11.96 2.00
N ASN A 466 38.91 10.74 2.38
CA ASN A 466 39.70 9.95 3.30
C ASN A 466 41.07 9.64 2.73
N VAL A 467 41.12 9.20 1.47
CA VAL A 467 42.41 8.80 0.91
C VAL A 467 43.31 10.01 0.69
N ILE A 468 42.74 11.15 0.29
CA ILE A 468 43.59 12.31 0.08
C ILE A 468 44.11 12.87 1.40
N MET A 469 43.29 12.80 2.47
CA MET A 469 43.79 13.27 3.76
C MET A 469 44.78 12.29 4.38
N SER A 470 44.66 10.99 4.07
CA SER A 470 45.62 10.02 4.57
C SER A 470 46.94 10.13 3.81
N THR A 471 46.90 10.51 2.53
CA THR A 471 48.14 10.65 1.77
C THR A 471 48.82 11.99 2.02
N ALA A 472 48.04 13.06 2.21
CA ALA A 472 48.62 14.38 2.33
C ALA A 472 49.21 14.63 3.72
N ASP A 473 48.57 14.11 4.76
CA ASP A 473 49.00 14.33 6.14
C ASP A 473 49.46 13.03 6.78
N ALA A 474 50.22 12.23 6.04
CA ALA A 474 50.74 10.97 6.58
C ALA A 474 51.83 11.18 7.62
N LYS A 475 52.39 12.39 7.73
CA LYS A 475 53.44 12.67 8.70
C LYS A 475 52.89 13.13 10.04
N HIS A 476 51.80 13.89 10.03
CA HIS A 476 51.22 14.38 11.28
C HIS A 476 50.38 13.32 11.98
N LEU A 477 49.77 12.42 11.22
CA LEU A 477 48.94 11.36 11.79
C LEU A 477 49.78 10.10 12.01
N SER A 478 50.84 10.26 12.79
CA SER A 478 51.72 9.14 13.13
C SER A 478 51.38 8.50 14.47
N TYR A 479 50.66 9.20 15.34
CA TYR A 479 50.29 8.63 16.63
C TYR A 479 49.21 7.56 16.50
N LEU A 480 48.52 7.49 15.36
CA LEU A 480 47.52 6.46 15.13
C LEU A 480 48.12 5.15 14.64
N TYR A 481 49.41 5.15 14.30
CA TYR A 481 50.09 3.95 13.80
C TYR A 481 49.38 3.37 12.59
N LEU A 482 49.20 4.22 11.58
CA LEU A 482 48.51 3.81 10.36
C LEU A 482 49.38 2.88 9.53
N GLU A 483 48.77 2.27 8.51
CA GLU A 483 49.47 1.36 7.62
C GLU A 483 50.47 2.12 6.76
N GLY A 484 49.98 2.79 5.72
CA GLY A 484 50.83 3.55 4.83
C GLY A 484 51.51 2.72 3.76
N THR A 485 51.99 1.53 4.12
CA THR A 485 52.69 0.67 3.19
C THR A 485 51.77 -0.04 2.21
N ASN A 486 50.46 -0.09 2.49
CA ASN A 486 49.49 -0.74 1.61
C ASN A 486 48.19 0.06 1.69
N LYS A 487 47.93 0.85 0.64
CA LYS A 487 46.71 1.65 0.58
C LYS A 487 45.61 1.01 -0.26
N ALA A 488 45.94 0.00 -1.06
CA ALA A 488 44.91 -0.68 -1.85
C ALA A 488 43.85 -1.31 -0.97
N GLY A 489 44.27 -1.99 0.10
CA GLY A 489 43.31 -2.53 1.04
C GLY A 489 42.71 -1.49 1.95
N LEU A 490 43.45 -0.43 2.27
CA LEU A 490 42.93 0.63 3.12
C LEU A 490 41.76 1.35 2.45
N PHE A 491 41.87 1.61 1.15
CA PHE A 491 40.79 2.26 0.44
C PHE A 491 39.53 1.40 0.43
N PHE A 492 39.70 0.09 0.22
CA PHE A 492 38.55 -0.81 0.22
C PHE A 492 37.92 -0.92 1.60
N LYS A 493 38.74 -0.94 2.65
CA LYS A 493 38.20 -0.98 4.00
C LYS A 493 37.46 0.30 4.34
N ASP A 494 37.98 1.45 3.92
CA ASP A 494 37.28 2.71 4.13
C ASP A 494 35.96 2.73 3.36
N PHE A 495 35.96 2.18 2.14
CA PHE A 495 34.74 2.08 1.35
C PHE A 495 33.70 1.23 2.08
N LEU A 496 34.12 0.08 2.61
CA LEU A 496 33.19 -0.77 3.34
C LEU A 496 32.67 -0.08 4.60
N THR A 497 33.54 0.64 5.29
CA THR A 497 33.12 1.35 6.51
C THR A 497 32.07 2.40 6.19
N PHE A 498 32.33 3.22 5.17
CA PHE A 498 31.35 4.23 4.79
C PHE A 498 30.06 3.60 4.28
N TRP A 499 30.16 2.46 3.58
CA TRP A 499 28.95 1.78 3.14
C TRP A 499 28.12 1.31 4.33
N ILE A 500 28.76 0.73 5.33
CA ILE A 500 28.03 0.27 6.51
C ILE A 500 27.44 1.45 7.27
N LEU A 501 28.15 2.59 7.28
CA LEU A 501 27.65 3.76 7.99
C LEU A 501 26.47 4.41 7.27
N PHE A 502 26.46 4.37 5.93
CA PHE A 502 25.47 5.09 5.15
C PHE A 502 24.37 4.18 4.58
N SER A 503 24.42 2.88 4.85
CA SER A 503 23.39 1.99 4.31
C SER A 503 22.01 2.26 4.89
N ASN A 504 21.93 2.98 6.01
CA ASN A 504 20.65 3.29 6.61
C ASN A 504 19.90 4.40 5.88
N LEU A 505 20.45 4.91 4.77
CA LEU A 505 19.75 5.93 3.99
C LEU A 505 18.52 5.38 3.29
N VAL A 506 18.44 4.07 3.09
CA VAL A 506 17.28 3.44 2.49
C VAL A 506 16.44 2.82 3.60
N PRO A 507 15.40 3.49 4.08
CA PRO A 507 14.62 2.95 5.21
C PRO A 507 13.81 1.73 4.83
N ILE A 508 14.15 0.58 5.41
CA ILE A 508 13.38 -0.64 5.17
C ILE A 508 12.00 -0.57 5.82
N SER A 509 11.81 0.35 6.76
CA SER A 509 10.50 0.50 7.40
C SER A 509 9.43 0.94 6.43
N LEU A 510 9.80 1.50 5.28
CA LEU A 510 8.82 2.00 4.33
C LEU A 510 8.02 0.87 3.69
N PHE A 511 8.70 -0.21 3.29
CA PHE A 511 8.01 -1.32 2.63
C PHE A 511 6.99 -2.00 3.54
N VAL A 512 7.09 -1.81 4.84
CA VAL A 512 6.11 -2.32 5.79
C VAL A 512 5.08 -1.27 6.15
N THR A 513 5.50 -0.01 6.28
CA THR A 513 4.59 1.06 6.65
C THR A 513 3.55 1.29 5.56
N VAL A 514 3.99 1.38 4.30
CA VAL A 514 3.04 1.60 3.22
C VAL A 514 2.12 0.39 3.06
N GLU A 515 2.64 -0.82 3.29
CA GLU A 515 1.81 -2.01 3.17
C GLU A 515 0.73 -2.03 4.25
N LEU A 516 1.09 -1.72 5.49
CA LEU A 516 0.10 -1.69 6.56
C LEU A 516 -0.89 -0.55 6.36
N ILE A 517 -0.44 0.59 5.82
CA ILE A 517 -1.36 1.69 5.55
C ILE A 517 -2.37 1.28 4.47
N LYS A 518 -1.90 0.63 3.41
CA LYS A 518 -2.83 0.17 2.38
C LYS A 518 -3.78 -0.89 2.91
N TYR A 519 -3.29 -1.77 3.80
CA TYR A 519 -4.15 -2.79 4.39
C TYR A 519 -5.24 -2.15 5.25
N TYR A 520 -4.87 -1.17 6.08
CA TYR A 520 -5.87 -0.46 6.88
C TYR A 520 -6.86 0.28 5.99
N GLN A 521 -6.38 0.91 4.92
CA GLN A 521 -7.28 1.61 4.01
C GLN A 521 -8.26 0.64 3.36
N ALA A 522 -7.80 -0.55 2.98
CA ALA A 522 -8.70 -1.56 2.46
C ALA A 522 -9.71 -1.98 3.53
N PHE A 523 -9.28 -2.04 4.79
CA PHE A 523 -10.19 -2.37 5.87
C PHE A 523 -11.20 -1.24 6.11
N MET A 524 -10.76 0.01 5.99
CA MET A 524 -11.65 1.14 6.25
C MET A 524 -12.62 1.40 5.11
N ILE A 525 -12.50 0.69 4.00
CA ILE A 525 -13.46 0.84 2.91
C ILE A 525 -14.69 -0.03 3.16
N GLY A 526 -14.46 -1.29 3.54
CA GLY A 526 -15.57 -2.20 3.81
C GLY A 526 -16.17 -2.03 5.19
N SER A 527 -16.01 -0.84 5.77
CA SER A 527 -16.56 -0.52 7.08
C SER A 527 -17.44 0.72 7.04
N ASP A 528 -17.84 1.16 5.85
CA ASP A 528 -18.68 2.35 5.69
C ASP A 528 -20.09 1.91 5.30
N LEU A 529 -21.08 2.45 6.01
CA LEU A 529 -22.46 2.10 5.71
C LEU A 529 -22.91 2.67 4.37
N ASP A 530 -22.33 3.79 3.94
CA ASP A 530 -22.68 4.38 2.66
C ASP A 530 -22.26 3.54 1.48
N LEU A 531 -21.50 2.46 1.70
CA LEU A 531 -21.14 1.51 0.67
C LEU A 531 -21.74 0.14 0.95
N TYR A 532 -22.84 0.10 1.69
CA TYR A 532 -23.50 -1.14 2.10
C TYR A 532 -24.93 -1.14 1.59
N TYR A 533 -25.35 -2.28 1.06
CA TYR A 533 -26.69 -2.45 0.50
C TYR A 533 -27.59 -3.08 1.56
N GLU A 534 -28.74 -2.44 1.81
CA GLU A 534 -29.68 -2.94 2.81
C GLU A 534 -30.64 -3.97 2.23
N LYS A 535 -31.07 -3.80 0.99
CA LYS A 535 -32.00 -4.73 0.37
C LYS A 535 -31.38 -6.08 0.04
N THR A 536 -30.06 -6.22 0.18
CA THR A 536 -29.38 -7.47 -0.10
C THR A 536 -28.40 -7.89 0.98
N ASP A 537 -28.03 -6.99 1.89
CA ASP A 537 -27.07 -7.27 2.97
C ASP A 537 -25.74 -7.77 2.40
N THR A 538 -25.06 -6.83 1.74
CA THR A 538 -23.76 -7.11 1.11
C THR A 538 -22.93 -5.83 1.17
N PRO A 539 -21.97 -5.77 2.08
CA PRO A 539 -21.08 -4.60 2.14
C PRO A 539 -19.97 -4.72 1.10
N THR A 540 -19.08 -3.72 1.10
CA THR A 540 -17.97 -3.69 0.17
C THR A 540 -16.88 -4.65 0.63
N VAL A 541 -16.44 -5.53 -0.28
CA VAL A 541 -15.43 -6.53 0.02
C VAL A 541 -14.23 -6.28 -0.88
N VAL A 542 -13.16 -5.74 -0.30
CA VAL A 542 -11.94 -5.46 -1.04
C VAL A 542 -11.05 -6.70 -0.95
N ARG A 543 -10.90 -7.40 -2.06
CA ARG A 543 -10.10 -8.62 -2.06
C ARG A 543 -8.61 -8.36 -2.20
N THR A 544 -8.24 -7.31 -2.94
CA THR A 544 -6.83 -6.97 -3.16
C THR A 544 -6.60 -5.54 -2.69
N SER A 545 -5.64 -5.38 -1.78
CA SER A 545 -5.30 -4.07 -1.23
C SER A 545 -4.09 -3.43 -1.91
N SER A 546 -3.56 -4.07 -2.96
CA SER A 546 -2.42 -3.52 -3.68
C SER A 546 -2.82 -2.47 -4.71
N LEU A 547 -4.12 -2.28 -4.94
CA LEU A 547 -4.63 -1.32 -5.92
C LEU A 547 -5.72 -0.47 -5.27
N VAL A 548 -5.34 0.30 -4.26
CA VAL A 548 -6.26 1.16 -3.54
C VAL A 548 -6.05 2.63 -3.88
N GLU A 549 -4.79 3.04 -4.09
CA GLU A 549 -4.52 4.42 -4.48
C GLU A 549 -4.99 4.71 -5.91
N GLU A 550 -5.01 3.69 -6.76
CA GLU A 550 -5.43 3.87 -8.15
C GLU A 550 -6.88 4.35 -8.26
N LEU A 551 -7.67 4.25 -7.20
CA LEU A 551 -9.02 4.81 -7.22
C LEU A 551 -8.99 6.33 -7.39
N GLY A 552 -7.85 6.96 -7.18
CA GLY A 552 -7.71 8.40 -7.34
C GLY A 552 -7.16 8.86 -8.67
N GLN A 553 -7.04 7.98 -9.66
CA GLN A 553 -6.51 8.35 -10.96
C GLN A 553 -7.09 7.42 -12.03
N ILE A 554 -8.41 7.46 -12.20
CA ILE A 554 -9.09 6.70 -13.23
C ILE A 554 -9.69 7.69 -14.23
N GLU A 555 -9.52 7.39 -15.52
CA GLU A 555 -10.03 8.25 -16.58
C GLU A 555 -11.11 7.60 -17.43
N TYR A 556 -11.09 6.29 -17.60
CA TYR A 556 -12.08 5.57 -18.39
C TYR A 556 -12.82 4.57 -17.51
N ILE A 557 -14.10 4.37 -17.82
CA ILE A 557 -14.95 3.43 -17.09
C ILE A 557 -15.75 2.65 -18.12
N PHE A 558 -15.44 1.35 -18.26
CA PHE A 558 -16.14 0.49 -19.21
C PHE A 558 -17.29 -0.19 -18.48
N SER A 559 -18.42 0.50 -18.41
CA SER A 559 -19.58 0.03 -17.66
C SER A 559 -20.52 -0.76 -18.56
N ASP A 560 -21.30 -1.64 -17.93
CA ASP A 560 -22.32 -2.44 -18.58
C ASP A 560 -23.68 -1.78 -18.37
N LYS A 561 -24.64 -2.16 -19.23
CA LYS A 561 -26.00 -1.65 -19.14
C LYS A 561 -26.90 -2.55 -18.29
N THR A 562 -27.13 -3.78 -18.76
CA THR A 562 -28.00 -4.70 -18.05
C THR A 562 -27.29 -5.27 -16.85
N GLY A 563 -27.87 -5.07 -15.67
CA GLY A 563 -27.28 -5.55 -14.43
C GLY A 563 -26.55 -4.47 -13.66
N THR A 564 -25.82 -3.62 -14.38
CA THR A 564 -25.09 -2.52 -13.76
C THR A 564 -25.93 -1.25 -13.70
N LEU A 565 -26.41 -0.78 -14.86
CA LEU A 565 -27.24 0.41 -14.88
C LEU A 565 -28.68 0.09 -14.49
N THR A 566 -29.24 -0.98 -15.05
CA THR A 566 -30.60 -1.37 -14.75
C THR A 566 -30.66 -2.23 -13.49
N ARG A 567 -31.86 -2.42 -12.96
CA ARG A 567 -32.06 -3.22 -11.77
C ARG A 567 -32.10 -4.71 -12.04
N ASN A 568 -31.86 -5.13 -13.28
CA ASN A 568 -31.86 -6.54 -13.70
C ASN A 568 -33.21 -7.21 -13.49
N ILE A 569 -34.26 -6.46 -13.19
CA ILE A 569 -35.60 -6.99 -13.04
C ILE A 569 -36.43 -6.64 -14.26
N MET A 570 -37.34 -7.53 -14.63
CA MET A 570 -38.18 -7.36 -15.80
C MET A 570 -39.64 -7.25 -15.38
N GLU A 571 -40.42 -6.51 -16.16
CA GLU A 571 -41.84 -6.35 -15.88
C GLU A 571 -42.58 -6.26 -17.21
N PHE A 572 -43.58 -7.13 -17.39
CA PHE A 572 -44.38 -7.10 -18.61
C PHE A 572 -45.21 -5.83 -18.66
N LYS A 573 -44.95 -4.99 -19.67
CA LYS A 573 -45.55 -3.66 -19.76
C LYS A 573 -46.63 -3.60 -20.83
N SER A 574 -46.32 -4.06 -22.05
CA SER A 574 -47.20 -3.90 -23.20
C SER A 574 -47.14 -5.16 -24.05
N CYS A 575 -48.26 -5.45 -24.70
CA CYS A 575 -48.31 -6.47 -25.75
C CYS A 575 -49.00 -5.89 -26.97
N SER A 576 -48.64 -6.42 -28.14
CA SER A 576 -49.25 -6.02 -29.40
C SER A 576 -49.56 -7.26 -30.22
N ILE A 577 -50.84 -7.59 -30.36
CA ILE A 577 -51.26 -8.80 -31.06
C ILE A 577 -52.42 -8.48 -31.97
N ALA A 578 -52.49 -9.19 -33.10
CA ALA A 578 -53.49 -8.97 -34.14
C ALA A 578 -53.53 -7.52 -34.61
N GLY A 579 -52.36 -6.89 -34.66
CA GLY A 579 -52.27 -5.51 -35.10
C GLY A 579 -52.73 -4.47 -34.10
N HIS A 580 -53.10 -4.88 -32.88
CA HIS A 580 -53.51 -3.96 -31.85
C HIS A 580 -52.36 -3.71 -30.88
N CYS A 581 -52.64 -2.96 -29.81
CA CYS A 581 -51.66 -2.71 -28.76
C CYS A 581 -52.40 -2.42 -27.46
N TYR A 582 -51.91 -2.97 -26.36
CA TYR A 582 -52.62 -2.95 -25.09
C TYR A 582 -51.65 -2.57 -23.98
N ILE A 583 -52.07 -1.62 -23.13
CA ILE A 583 -51.47 -1.39 -21.82
C ILE A 583 -52.59 -1.17 -20.81
N ASP A 584 -52.25 -1.33 -19.53
CA ASP A 584 -53.22 -1.07 -18.48
C ASP A 584 -53.30 0.43 -18.18
N LYS A 585 -52.17 1.03 -17.80
CA LYS A 585 -52.12 2.47 -17.53
C LYS A 585 -51.88 3.19 -18.84
N ILE A 586 -52.97 3.59 -19.49
CA ILE A 586 -52.87 4.36 -20.73
C ILE A 586 -52.56 5.82 -20.38
N PRO A 587 -51.53 6.42 -20.96
CA PRO A 587 -51.31 7.86 -20.80
C PRO A 587 -52.14 8.64 -21.79
N GLU A 588 -52.38 9.90 -21.43
CA GLU A 588 -53.32 10.74 -22.17
C GLU A 588 -52.70 11.45 -23.35
N ASP A 589 -51.41 11.22 -23.63
CA ASP A 589 -50.80 11.83 -24.80
C ASP A 589 -51.28 11.16 -26.09
N LYS A 590 -51.48 9.85 -26.08
CA LYS A 590 -51.96 9.12 -27.25
C LYS A 590 -53.03 8.11 -26.86
N THR A 591 -53.87 8.46 -25.89
CA THR A 591 -55.03 7.62 -25.60
C THR A 591 -55.99 7.57 -26.79
N ALA A 592 -56.16 8.69 -27.48
CA ALA A 592 -56.95 8.72 -28.71
C ALA A 592 -56.23 7.94 -29.80
N THR A 593 -56.70 6.74 -30.10
CA THR A 593 -56.23 6.01 -31.27
C THR A 593 -56.69 6.75 -32.52
N VAL A 594 -55.73 7.23 -33.32
CA VAL A 594 -56.05 8.20 -34.37
C VAL A 594 -56.66 7.53 -35.59
N GLU A 595 -56.57 6.20 -35.69
CA GLU A 595 -57.07 5.44 -36.84
C GLU A 595 -56.46 5.93 -38.16
N ASP A 596 -55.16 6.21 -38.15
CA ASP A 596 -54.48 6.66 -39.36
C ASP A 596 -54.23 5.45 -40.25
N GLY A 597 -55.28 5.00 -40.92
CA GLY A 597 -55.21 3.79 -41.71
C GLY A 597 -55.01 2.57 -40.83
N ILE A 598 -53.78 2.06 -40.79
CA ILE A 598 -53.42 1.03 -39.83
C ILE A 598 -53.54 1.59 -38.43
N GLU A 599 -54.12 0.82 -37.53
CA GLU A 599 -54.37 1.30 -36.17
C GLU A 599 -53.06 1.41 -35.41
N VAL A 600 -52.77 2.61 -34.91
CA VAL A 600 -51.67 2.86 -33.98
C VAL A 600 -52.23 3.62 -32.78
N GLY A 601 -51.84 3.19 -31.59
CA GLY A 601 -52.32 3.82 -30.37
C GLY A 601 -52.25 2.85 -29.21
N TYR A 602 -52.99 3.19 -28.15
CA TYR A 602 -52.99 2.44 -26.90
C TYR A 602 -54.42 2.20 -26.46
N ARG A 603 -54.77 0.95 -26.20
CA ARG A 603 -56.06 0.61 -25.62
C ARG A 603 -55.87 -0.16 -24.32
N LYS A 604 -56.93 -0.20 -23.52
CA LYS A 604 -56.85 -0.77 -22.19
C LYS A 604 -56.86 -2.30 -22.25
N PHE A 605 -56.42 -2.92 -21.16
CA PHE A 605 -56.49 -4.36 -21.01
C PHE A 605 -57.93 -4.84 -20.79
N ASP A 606 -58.82 -3.93 -20.35
CA ASP A 606 -60.23 -4.30 -20.24
C ASP A 606 -60.82 -4.60 -21.61
N ASP A 607 -60.47 -3.81 -22.63
CA ASP A 607 -61.00 -4.14 -23.95
C ASP A 607 -60.31 -5.38 -24.51
N LEU A 608 -59.14 -5.74 -23.97
CA LEU A 608 -58.53 -7.00 -24.31
C LEU A 608 -59.34 -8.15 -23.75
N LYS A 609 -59.84 -8.00 -22.52
CA LYS A 609 -60.61 -9.09 -21.97
C LYS A 609 -62.00 -9.12 -22.59
N LYS A 610 -62.50 -7.97 -23.05
CA LYS A 610 -63.82 -7.95 -23.66
C LYS A 610 -63.78 -8.57 -25.05
N LYS A 611 -62.66 -8.42 -25.77
CA LYS A 611 -62.49 -9.16 -27.02
C LYS A 611 -61.94 -10.56 -26.79
N LEU A 612 -61.62 -10.91 -25.54
CA LEU A 612 -61.24 -12.27 -25.17
C LEU A 612 -62.41 -13.15 -24.73
N ASN A 613 -63.44 -12.58 -24.12
CA ASN A 613 -64.48 -13.40 -23.49
C ASN A 613 -65.35 -14.11 -24.53
N ASP A 614 -66.05 -13.36 -25.38
CA ASP A 614 -66.94 -13.98 -26.34
C ASP A 614 -66.18 -14.69 -27.46
N PRO A 615 -66.58 -15.90 -27.82
CA PRO A 615 -65.85 -16.69 -28.83
C PRO A 615 -66.16 -16.30 -30.27
N SER A 616 -67.15 -15.43 -30.48
CA SER A 616 -67.60 -15.06 -31.82
C SER A 616 -66.61 -14.21 -32.58
N ASP A 617 -65.65 -13.58 -31.90
CA ASP A 617 -64.69 -12.75 -32.62
C ASP A 617 -63.65 -13.60 -33.32
N GLU A 618 -63.20 -13.11 -34.48
CA GLU A 618 -62.18 -13.81 -35.26
C GLU A 618 -60.82 -13.78 -34.58
N ASP A 619 -60.50 -12.69 -33.90
CA ASP A 619 -59.16 -12.52 -33.34
C ASP A 619 -58.95 -13.33 -32.05
N SER A 620 -60.01 -13.84 -31.45
CA SER A 620 -59.95 -14.54 -30.16
C SER A 620 -59.22 -15.88 -30.20
N PRO A 621 -59.24 -16.63 -31.30
CA PRO A 621 -58.28 -17.76 -31.42
C PRO A 621 -56.84 -17.32 -31.51
N ILE A 622 -56.56 -16.08 -31.92
CA ILE A 622 -55.18 -15.65 -32.00
C ILE A 622 -54.81 -15.11 -30.63
N ILE A 623 -55.77 -14.53 -29.93
CA ILE A 623 -55.51 -13.95 -28.64
C ILE A 623 -55.22 -15.07 -27.65
N ASN A 624 -56.01 -16.15 -27.72
CA ASN A 624 -55.76 -17.29 -26.85
C ASN A 624 -54.52 -18.07 -27.27
N ASP A 625 -54.19 -18.15 -28.56
CA ASP A 625 -52.93 -18.80 -28.92
C ASP A 625 -51.71 -18.00 -28.45
N PHE A 626 -51.83 -16.67 -28.41
CA PHE A 626 -50.84 -15.84 -27.73
C PHE A 626 -50.81 -16.14 -26.24
N LEU A 627 -51.97 -16.15 -25.59
CA LEU A 627 -51.96 -16.20 -24.14
C LEU A 627 -51.59 -17.58 -23.64
N THR A 628 -51.71 -18.61 -24.48
CA THR A 628 -51.14 -19.90 -24.14
C THR A 628 -49.66 -19.94 -24.47
N LEU A 629 -49.21 -19.15 -25.46
CA LEU A 629 -47.78 -19.16 -25.75
C LEU A 629 -47.02 -18.46 -24.63
N LEU A 630 -47.68 -17.54 -23.94
CA LEU A 630 -47.10 -16.90 -22.77
C LEU A 630 -46.93 -17.89 -21.63
N ALA A 631 -47.89 -18.79 -21.45
CA ALA A 631 -47.93 -19.65 -20.27
C ALA A 631 -47.46 -21.07 -20.54
N THR A 632 -46.98 -21.37 -21.75
CA THR A 632 -46.59 -22.75 -22.03
C THR A 632 -45.22 -22.81 -22.70
N CYS A 633 -44.88 -21.81 -23.51
CA CYS A 633 -43.64 -21.90 -24.28
C CYS A 633 -42.40 -21.73 -23.40
N HIS A 634 -42.57 -21.23 -22.18
CA HIS A 634 -41.43 -20.92 -21.31
C HIS A 634 -40.86 -22.22 -20.75
N THR A 635 -39.91 -22.09 -19.83
CA THR A 635 -39.34 -23.22 -19.11
C THR A 635 -39.29 -22.90 -17.61
N VAL A 636 -40.38 -22.34 -17.08
CA VAL A 636 -40.44 -21.99 -15.66
C VAL A 636 -40.99 -23.17 -14.89
N ILE A 637 -40.37 -23.44 -13.74
CA ILE A 637 -40.81 -24.49 -12.83
C ILE A 637 -41.54 -23.87 -11.65
N PRO A 638 -42.86 -23.97 -11.56
CA PRO A 638 -43.56 -23.31 -10.47
C PRO A 638 -43.45 -24.13 -9.20
N GLU A 639 -43.71 -23.48 -8.07
CA GLU A 639 -43.76 -24.17 -6.78
C GLU A 639 -44.74 -23.47 -5.87
N PHE A 640 -45.43 -24.25 -5.05
CA PHE A 640 -46.40 -23.69 -4.12
C PHE A 640 -45.74 -23.50 -2.75
N GLN A 641 -46.33 -22.60 -1.96
CA GLN A 641 -45.91 -22.38 -0.58
C GLN A 641 -47.09 -22.59 0.35
N SER A 642 -46.82 -22.51 1.66
CA SER A 642 -47.86 -22.75 2.64
C SER A 642 -48.85 -21.59 2.67
N ASP A 643 -48.40 -20.40 2.31
CA ASP A 643 -49.27 -19.24 2.21
C ASP A 643 -50.19 -19.31 0.99
N GLY A 644 -49.81 -20.10 -0.02
CA GLY A 644 -50.55 -20.19 -1.26
C GLY A 644 -50.02 -19.32 -2.37
N SER A 645 -49.20 -18.31 -2.06
CA SER A 645 -48.58 -17.50 -3.09
C SER A 645 -47.52 -18.32 -3.81
N ILE A 646 -47.76 -18.59 -5.10
CA ILE A 646 -46.92 -19.50 -5.86
C ILE A 646 -45.68 -18.76 -6.34
N LYS A 647 -44.51 -19.38 -6.16
CA LYS A 647 -43.24 -18.82 -6.61
C LYS A 647 -42.77 -19.54 -7.86
N TYR A 648 -42.37 -18.77 -8.86
CA TYR A 648 -41.92 -19.30 -10.15
C TYR A 648 -40.40 -19.36 -10.19
N GLN A 649 -39.86 -20.48 -10.68
CA GLN A 649 -38.43 -20.65 -10.83
C GLN A 649 -38.11 -20.54 -12.32
N ALA A 650 -37.65 -19.36 -12.74
CA ALA A 650 -37.40 -19.05 -14.13
C ALA A 650 -35.90 -18.91 -14.37
N ALA A 651 -35.42 -19.47 -15.47
CA ALA A 651 -34.00 -19.36 -15.80
C ALA A 651 -33.65 -17.97 -16.34
N SER A 652 -34.65 -17.18 -16.74
CA SER A 652 -34.45 -15.80 -17.17
C SER A 652 -35.55 -14.94 -16.57
N PRO A 653 -35.22 -13.75 -16.08
CA PRO A 653 -36.23 -12.95 -15.37
C PRO A 653 -37.29 -12.36 -16.29
N ASP A 654 -37.05 -12.31 -17.59
CA ASP A 654 -38.08 -11.82 -18.50
C ASP A 654 -39.16 -12.87 -18.69
N GLU A 655 -38.77 -14.14 -18.80
CA GLU A 655 -39.80 -15.17 -18.89
C GLU A 655 -40.57 -15.28 -17.59
N GLY A 656 -39.91 -15.04 -16.45
CA GLY A 656 -40.63 -15.06 -15.20
C GLY A 656 -41.58 -13.89 -15.07
N ALA A 657 -41.22 -12.76 -15.69
CA ALA A 657 -42.15 -11.63 -15.65
C ALA A 657 -43.28 -11.82 -16.64
N LEU A 658 -43.05 -12.62 -17.69
CA LEU A 658 -44.13 -12.93 -18.62
C LEU A 658 -45.12 -13.88 -17.98
N VAL A 659 -44.60 -14.84 -17.20
CA VAL A 659 -45.47 -15.78 -16.49
C VAL A 659 -46.26 -15.07 -15.40
N GLN A 660 -45.62 -14.19 -14.63
CA GLN A 660 -46.38 -13.41 -13.65
C GLN A 660 -47.35 -12.42 -14.30
N GLY A 661 -47.04 -11.94 -15.52
CA GLY A 661 -47.99 -11.10 -16.22
C GLY A 661 -49.19 -11.88 -16.73
N GLY A 662 -48.99 -13.14 -17.10
CA GLY A 662 -50.14 -13.94 -17.43
C GLY A 662 -50.89 -14.37 -16.19
N ALA A 663 -50.21 -14.44 -15.05
CA ALA A 663 -50.87 -14.94 -13.85
C ALA A 663 -51.79 -13.86 -13.30
N ASP A 664 -51.31 -12.61 -13.26
CA ASP A 664 -52.16 -11.54 -12.76
C ASP A 664 -53.10 -11.01 -13.83
N LEU A 665 -52.87 -11.36 -15.12
CA LEU A 665 -53.85 -11.03 -16.14
C LEU A 665 -55.02 -12.01 -16.16
N GLY A 666 -54.84 -13.22 -15.64
CA GLY A 666 -55.93 -14.17 -15.48
C GLY A 666 -55.57 -15.60 -15.80
N TYR A 667 -54.44 -15.81 -16.48
CA TYR A 667 -54.02 -17.14 -16.92
C TYR A 667 -52.87 -17.57 -16.01
N LYS A 668 -53.24 -18.10 -14.85
CA LYS A 668 -52.22 -18.54 -13.89
C LYS A 668 -51.59 -19.85 -14.35
N PHE A 669 -50.27 -19.91 -14.24
CA PHE A 669 -49.49 -21.10 -14.58
C PHE A 669 -49.23 -21.88 -13.30
N ILE A 670 -49.63 -23.15 -13.28
CA ILE A 670 -49.45 -23.98 -12.10
C ILE A 670 -48.77 -25.29 -12.46
N ILE A 671 -48.84 -26.26 -11.54
CA ILE A 671 -47.88 -27.36 -11.37
C ILE A 671 -47.38 -27.90 -12.71
N ARG A 672 -46.06 -27.95 -12.85
CA ARG A 672 -45.41 -28.48 -14.05
C ARG A 672 -44.73 -29.79 -13.69
N LYS A 673 -45.28 -30.89 -14.16
CA LYS A 673 -44.64 -32.19 -14.08
C LYS A 673 -43.87 -32.47 -15.37
N PRO A 674 -43.04 -33.52 -15.39
CA PRO A 674 -42.33 -33.84 -16.62
C PRO A 674 -43.29 -34.16 -17.77
N ASN A 675 -43.04 -33.51 -18.91
CA ASN A 675 -43.66 -33.83 -20.20
C ASN A 675 -45.17 -33.57 -20.20
N SER A 676 -45.63 -32.64 -19.36
CA SER A 676 -46.94 -32.04 -19.51
C SER A 676 -46.97 -30.75 -18.71
N VAL A 677 -47.85 -29.83 -19.12
CA VAL A 677 -47.97 -28.51 -18.50
C VAL A 677 -49.42 -28.30 -18.13
N THR A 678 -49.67 -27.94 -16.87
CA THR A 678 -51.03 -27.74 -16.38
C THR A 678 -51.25 -26.24 -16.23
N VAL A 679 -52.36 -25.74 -16.76
CA VAL A 679 -52.67 -24.31 -16.72
C VAL A 679 -54.03 -24.09 -16.07
N LEU A 680 -54.09 -23.19 -15.09
CA LEU A 680 -55.36 -22.87 -14.45
C LEU A 680 -55.97 -21.68 -15.17
N LEU A 681 -57.16 -21.88 -15.74
CA LEU A 681 -57.86 -20.86 -16.52
C LEU A 681 -58.91 -20.20 -15.64
N GLU A 682 -58.72 -18.92 -15.32
CA GLU A 682 -59.67 -18.22 -14.46
C GLU A 682 -60.87 -17.66 -15.21
N GLU A 683 -60.88 -17.70 -16.55
CA GLU A 683 -62.04 -17.24 -17.29
C GLU A 683 -63.22 -18.20 -17.11
N THR A 684 -63.01 -19.48 -17.39
CA THR A 684 -64.04 -20.50 -17.20
C THR A 684 -64.00 -21.10 -15.81
N GLY A 685 -62.84 -21.13 -15.18
CA GLY A 685 -62.63 -21.79 -13.91
C GLY A 685 -62.13 -23.21 -14.01
N GLU A 686 -62.01 -23.76 -15.22
CA GLU A 686 -61.57 -25.14 -15.38
C GLU A 686 -60.07 -25.16 -15.67
N GLU A 687 -59.39 -26.16 -15.11
CA GLU A 687 -57.94 -26.27 -15.22
C GLU A 687 -57.58 -27.12 -16.43
N LYS A 688 -56.94 -26.52 -17.44
CA LYS A 688 -56.60 -27.28 -18.63
C LYS A 688 -55.23 -27.94 -18.48
N GLU A 689 -54.79 -28.57 -19.57
CA GLU A 689 -53.49 -29.23 -19.63
C GLU A 689 -53.05 -29.40 -21.07
N TYR A 690 -51.75 -29.26 -21.32
CA TYR A 690 -51.15 -29.34 -22.64
C TYR A 690 -49.98 -30.30 -22.58
N GLN A 691 -49.93 -31.23 -23.53
CA GLN A 691 -48.91 -32.26 -23.58
C GLN A 691 -47.67 -31.74 -24.30
N LEU A 692 -46.61 -31.48 -23.54
CA LEU A 692 -45.37 -30.97 -24.10
C LEU A 692 -44.64 -32.07 -24.84
N LEU A 693 -44.49 -31.90 -26.16
CA LEU A 693 -43.80 -32.90 -26.97
C LEU A 693 -42.29 -32.70 -26.95
N ASN A 694 -41.82 -31.53 -27.37
CA ASN A 694 -40.38 -31.30 -27.37
C ASN A 694 -40.10 -29.81 -27.30
N ILE A 695 -39.02 -29.46 -26.59
CA ILE A 695 -38.51 -28.09 -26.58
C ILE A 695 -37.06 -28.11 -27.02
N CYS A 696 -36.69 -27.11 -27.82
CA CYS A 696 -35.32 -26.89 -28.24
C CYS A 696 -34.69 -25.79 -27.40
N GLU A 697 -33.46 -26.01 -26.97
CA GLU A 697 -32.86 -25.14 -25.97
C GLU A 697 -32.50 -23.78 -26.58
N PHE A 698 -32.27 -22.82 -25.70
CA PHE A 698 -31.83 -21.49 -26.13
C PHE A 698 -30.37 -21.52 -26.58
N ASN A 699 -30.09 -20.76 -27.64
CA ASN A 699 -28.73 -20.63 -28.18
C ASN A 699 -28.52 -19.18 -28.58
N SER A 700 -27.32 -18.67 -28.29
CA SER A 700 -26.99 -17.30 -28.70
C SER A 700 -26.80 -17.19 -30.22
N THR A 701 -26.44 -18.28 -30.90
CA THR A 701 -26.37 -18.24 -32.35
C THR A 701 -27.76 -18.24 -32.97
N ARG A 702 -28.70 -18.98 -32.39
CA ARG A 702 -30.08 -18.99 -32.87
C ARG A 702 -30.83 -17.73 -32.48
N LYS A 703 -30.59 -17.23 -31.26
CA LYS A 703 -31.49 -16.28 -30.60
C LYS A 703 -32.96 -16.62 -30.80
N ARG A 704 -33.28 -17.91 -30.75
CA ARG A 704 -34.65 -18.39 -30.89
C ARG A 704 -34.96 -19.34 -29.73
N MET A 705 -36.23 -19.72 -29.63
CA MET A 705 -36.62 -20.82 -28.74
C MET A 705 -37.91 -21.46 -29.27
N SER A 706 -37.80 -22.71 -29.70
CA SER A 706 -38.88 -23.42 -30.38
C SER A 706 -39.35 -24.59 -29.53
N ALA A 707 -40.65 -24.87 -29.61
CA ALA A 707 -41.29 -25.87 -28.74
C ALA A 707 -42.48 -26.45 -29.47
N ILE A 708 -42.40 -27.72 -29.87
CA ILE A 708 -43.54 -28.40 -30.46
C ILE A 708 -44.38 -28.99 -29.33
N PHE A 709 -45.70 -28.95 -29.51
CA PHE A 709 -46.65 -29.34 -28.47
C PHE A 709 -47.76 -30.18 -29.08
N ARG A 710 -48.38 -30.99 -28.22
CA ARG A 710 -49.59 -31.75 -28.53
C ARG A 710 -50.71 -31.33 -27.58
N PHE A 711 -51.90 -31.14 -28.14
CA PHE A 711 -53.00 -30.47 -27.49
C PHE A 711 -54.07 -31.46 -27.02
N PRO A 712 -55.04 -31.02 -26.24
CA PRO A 712 -56.25 -31.83 -26.04
C PRO A 712 -57.04 -32.06 -27.31
N ASP A 713 -56.80 -31.25 -28.35
CA ASP A 713 -57.42 -31.46 -29.66
C ASP A 713 -56.84 -32.64 -30.40
N GLY A 714 -55.69 -33.17 -29.95
CA GLY A 714 -54.89 -34.08 -30.73
C GLY A 714 -54.07 -33.44 -31.82
N SER A 715 -54.09 -32.11 -31.93
CA SER A 715 -53.39 -31.40 -32.98
C SER A 715 -52.01 -31.00 -32.49
N ILE A 716 -51.05 -30.96 -33.41
CA ILE A 716 -49.66 -30.66 -33.11
C ILE A 716 -49.40 -29.22 -33.52
N LYS A 717 -49.04 -28.38 -32.57
CA LYS A 717 -48.68 -27.00 -32.88
C LYS A 717 -47.27 -26.66 -32.43
N LEU A 718 -46.60 -25.81 -33.20
CA LEU A 718 -45.25 -25.35 -32.93
C LEU A 718 -45.33 -23.91 -32.44
N PHE A 719 -44.67 -23.64 -31.30
CA PHE A 719 -44.51 -22.32 -30.72
C PHE A 719 -43.06 -21.88 -30.85
N CYS A 720 -42.84 -20.62 -31.20
CA CYS A 720 -41.48 -20.14 -31.43
C CYS A 720 -41.40 -18.68 -30.99
N LYS A 721 -40.42 -18.37 -30.16
CA LYS A 721 -40.20 -17.00 -29.70
C LYS A 721 -38.79 -16.57 -30.04
N GLY A 722 -38.64 -15.29 -30.42
CA GLY A 722 -37.31 -14.82 -30.78
C GLY A 722 -37.32 -13.36 -31.18
N ALA A 723 -36.13 -12.87 -31.54
CA ALA A 723 -36.01 -11.47 -31.88
C ALA A 723 -36.65 -11.17 -33.24
N ASP A 724 -36.90 -9.88 -33.46
CA ASP A 724 -37.53 -9.42 -34.70
C ASP A 724 -36.60 -9.49 -35.89
N THR A 725 -35.29 -9.54 -35.66
CA THR A 725 -34.30 -9.49 -36.73
C THR A 725 -33.99 -10.87 -37.33
N VAL A 726 -34.57 -11.94 -36.78
CA VAL A 726 -34.26 -13.29 -37.19
C VAL A 726 -35.48 -14.01 -37.76
N ILE A 727 -36.63 -13.86 -37.12
CA ILE A 727 -37.82 -14.62 -37.51
C ILE A 727 -38.65 -13.95 -38.59
N LEU A 728 -38.53 -12.63 -38.77
CA LEU A 728 -39.30 -11.94 -39.81
C LEU A 728 -38.90 -12.35 -41.23
N GLU A 729 -37.70 -12.92 -41.40
CA GLU A 729 -37.33 -13.50 -42.69
C GLU A 729 -38.03 -14.82 -42.99
N ARG A 730 -38.51 -15.53 -41.97
CA ARG A 730 -39.00 -16.89 -42.14
C ARG A 730 -40.52 -17.00 -41.99
N LEU A 731 -41.24 -16.01 -42.51
CA LEU A 731 -42.69 -16.00 -42.46
C LEU A 731 -43.27 -16.23 -43.86
N ASP A 732 -44.58 -16.44 -43.91
CA ASP A 732 -45.35 -16.34 -45.15
C ASP A 732 -46.11 -15.02 -45.13
N ASP A 733 -45.57 -14.02 -45.82
CA ASP A 733 -46.18 -12.69 -45.83
C ASP A 733 -47.46 -12.62 -46.65
N GLU A 734 -47.72 -13.63 -47.50
CA GLU A 734 -49.00 -13.70 -48.21
C GLU A 734 -50.14 -14.12 -47.30
N ALA A 735 -49.86 -14.76 -46.18
CA ALA A 735 -50.91 -15.30 -45.31
C ALA A 735 -51.39 -14.28 -44.30
N ASN A 736 -50.48 -13.61 -43.60
CA ASN A 736 -50.84 -12.67 -42.56
C ASN A 736 -50.88 -11.25 -43.12
N GLN A 737 -51.75 -10.42 -42.53
CA GLN A 737 -52.05 -9.09 -43.04
C GLN A 737 -51.74 -7.99 -42.04
N TYR A 738 -51.13 -8.32 -40.91
CA TYR A 738 -50.90 -7.36 -39.84
C TYR A 738 -49.42 -7.25 -39.48
N VAL A 739 -48.53 -7.43 -40.46
CA VAL A 739 -47.10 -7.38 -40.17
C VAL A 739 -46.64 -5.94 -40.04
N GLU A 740 -47.24 -5.02 -40.80
CA GLU A 740 -46.80 -3.63 -40.78
C GLU A 740 -47.21 -2.95 -39.48
N ALA A 741 -48.31 -3.42 -38.87
CA ALA A 741 -48.74 -2.85 -37.60
C ALA A 741 -47.80 -3.31 -36.51
N THR A 742 -47.32 -4.55 -36.60
CA THR A 742 -46.49 -5.06 -35.52
C THR A 742 -45.10 -4.49 -35.66
N MET A 743 -44.66 -4.23 -36.90
CA MET A 743 -43.35 -3.61 -37.11
C MET A 743 -43.34 -2.15 -36.68
N ARG A 744 -44.47 -1.44 -36.85
CA ARG A 744 -44.53 -0.11 -36.24
C ARG A 744 -44.69 -0.17 -34.73
N HIS A 745 -45.27 -1.25 -34.20
CA HIS A 745 -45.27 -1.34 -32.75
C HIS A 745 -43.91 -1.76 -32.22
N LEU A 746 -43.08 -2.41 -33.05
CA LEU A 746 -41.69 -2.62 -32.66
C LEU A 746 -40.86 -1.38 -32.89
N GLU A 747 -41.44 -0.39 -33.58
CA GLU A 747 -40.68 0.80 -33.89
C GLU A 747 -40.92 1.83 -32.80
N ASP A 748 -42.15 1.88 -32.27
CA ASP A 748 -42.34 2.81 -31.16
C ASP A 748 -41.97 2.14 -29.85
N TYR A 749 -41.87 0.80 -29.82
CA TYR A 749 -41.29 0.12 -28.67
C TYR A 749 -39.77 0.34 -28.63
N ALA A 750 -39.12 0.25 -29.81
CA ALA A 750 -37.68 0.49 -29.86
C ALA A 750 -37.34 1.96 -29.67
N SER A 751 -38.32 2.85 -29.83
CA SER A 751 -38.13 4.27 -29.52
C SER A 751 -38.19 4.56 -28.03
N GLU A 752 -38.59 3.59 -27.21
CA GLU A 752 -38.55 3.72 -25.76
C GLU A 752 -37.51 2.81 -25.11
N GLY A 753 -36.76 2.04 -25.90
CA GLY A 753 -35.72 1.19 -25.37
C GLY A 753 -36.19 -0.09 -24.70
N LEU A 754 -37.47 -0.42 -24.80
CA LEU A 754 -37.99 -1.63 -24.18
C LEU A 754 -37.67 -2.84 -25.03
N ARG A 755 -37.09 -3.86 -24.42
CA ARG A 755 -36.76 -5.08 -25.15
C ARG A 755 -38.04 -5.84 -25.52
N THR A 756 -38.05 -6.40 -26.72
CA THR A 756 -39.24 -7.03 -27.27
C THR A 756 -38.89 -8.39 -27.86
N LEU A 757 -39.91 -9.24 -27.96
CA LEU A 757 -39.79 -10.57 -28.55
C LEU A 757 -41.02 -10.86 -29.38
N CYS A 758 -40.82 -11.46 -30.55
CA CYS A 758 -41.91 -11.86 -31.42
C CYS A 758 -42.26 -13.33 -31.21
N LEU A 759 -43.55 -13.62 -31.27
CA LEU A 759 -44.16 -14.91 -30.99
C LEU A 759 -44.81 -15.44 -32.25
N ALA A 760 -44.46 -16.66 -32.64
CA ALA A 760 -44.95 -17.27 -33.87
C ALA A 760 -45.43 -18.68 -33.56
N MET A 761 -46.29 -19.20 -34.44
CA MET A 761 -46.89 -20.51 -34.26
C MET A 761 -47.17 -21.12 -35.62
N ARG A 762 -47.37 -22.44 -35.62
CA ARG A 762 -47.83 -23.12 -36.82
C ARG A 762 -48.40 -24.50 -36.48
N ASP A 763 -49.54 -24.83 -37.09
CA ASP A 763 -50.02 -26.21 -37.06
C ASP A 763 -49.16 -27.07 -37.96
N ILE A 764 -48.74 -28.22 -37.45
CA ILE A 764 -47.99 -29.21 -38.21
C ILE A 764 -48.75 -30.54 -38.21
N SER A 765 -48.35 -31.42 -39.11
CA SER A 765 -48.96 -32.73 -39.28
C SER A 765 -48.07 -33.81 -38.66
N GLU A 766 -48.63 -35.02 -38.56
CA GLU A 766 -47.89 -36.12 -37.94
C GLU A 766 -46.73 -36.60 -38.78
N GLY A 767 -46.87 -36.62 -40.12
CA GLY A 767 -45.82 -37.21 -40.94
C GLY A 767 -44.54 -36.41 -40.93
N GLU A 768 -44.67 -35.08 -40.92
CA GLU A 768 -43.50 -34.22 -40.76
C GLU A 768 -43.01 -34.20 -39.32
N TYR A 769 -43.86 -34.46 -38.33
CA TYR A 769 -43.30 -34.52 -36.99
C TYR A 769 -42.55 -35.83 -36.79
N GLU A 770 -43.02 -36.92 -37.39
CA GLU A 770 -42.31 -38.19 -37.33
C GLU A 770 -40.99 -38.14 -38.09
N GLU A 771 -40.93 -37.31 -39.14
CA GLU A 771 -39.62 -37.12 -39.76
C GLU A 771 -38.74 -36.20 -38.95
N TRP A 772 -39.28 -35.14 -38.33
CA TRP A 772 -38.38 -34.31 -37.55
C TRP A 772 -37.97 -35.01 -36.27
N ASN A 773 -38.76 -35.99 -35.81
CA ASN A 773 -38.33 -36.90 -34.75
C ASN A 773 -37.19 -37.80 -35.21
N SER A 774 -37.22 -38.25 -36.47
CA SER A 774 -36.07 -39.02 -36.93
C SER A 774 -34.84 -38.14 -37.16
N ILE A 775 -35.04 -36.85 -37.47
CA ILE A 775 -33.94 -35.90 -37.50
C ILE A 775 -33.39 -35.60 -36.11
N TYR A 776 -34.26 -35.59 -35.10
CA TYR A 776 -33.78 -35.52 -33.72
C TYR A 776 -33.08 -36.78 -33.27
N ASN A 777 -33.48 -37.96 -33.74
CA ASN A 777 -32.66 -39.11 -33.39
C ASN A 777 -31.39 -39.21 -34.24
N GLU A 778 -31.34 -38.51 -35.38
CA GLU A 778 -30.07 -38.31 -36.07
C GLU A 778 -29.15 -37.44 -35.24
N ALA A 779 -29.71 -36.46 -34.53
CA ALA A 779 -28.87 -35.63 -33.68
C ALA A 779 -28.60 -36.31 -32.35
N ALA A 780 -29.42 -37.30 -31.98
CA ALA A 780 -29.19 -38.11 -30.80
C ALA A 780 -28.11 -39.15 -31.04
N THR A 781 -27.84 -39.47 -32.30
CA THR A 781 -26.78 -40.43 -32.62
C THR A 781 -25.40 -39.78 -32.53
N THR A 782 -25.32 -38.49 -32.86
CA THR A 782 -24.07 -37.74 -32.87
C THR A 782 -23.96 -37.00 -31.54
N LEU A 783 -23.39 -37.68 -30.53
CA LEU A 783 -22.99 -37.02 -29.31
C LEU A 783 -21.68 -36.24 -29.45
N ASP A 784 -20.87 -36.57 -30.47
CA ASP A 784 -19.62 -35.84 -30.66
C ASP A 784 -19.89 -34.42 -31.16
N ASN A 785 -20.93 -34.23 -31.94
CA ASN A 785 -21.27 -32.92 -32.51
C ASN A 785 -22.72 -32.62 -32.18
N ARG A 786 -22.95 -31.58 -31.38
CA ARG A 786 -24.29 -31.23 -30.92
C ARG A 786 -24.59 -29.76 -31.19
N ALA A 787 -23.55 -28.92 -31.21
CA ALA A 787 -23.74 -27.52 -31.53
C ALA A 787 -24.09 -27.32 -33.00
N GLU A 788 -23.47 -28.10 -33.88
CA GLU A 788 -23.74 -27.95 -35.31
C GLU A 788 -24.97 -28.72 -35.74
N LYS A 789 -25.20 -29.89 -35.13
CA LYS A 789 -26.22 -30.81 -35.65
C LYS A 789 -27.61 -30.43 -35.16
N LEU A 790 -27.75 -30.23 -33.84
CA LEU A 790 -29.08 -30.09 -33.25
C LEU A 790 -29.75 -28.81 -33.72
N ASP A 791 -29.01 -27.69 -33.73
CA ASP A 791 -29.67 -26.40 -33.81
C ASP A 791 -30.15 -26.14 -35.23
N GLU A 792 -29.36 -26.52 -36.23
CA GLU A 792 -29.78 -26.40 -37.60
C GLU A 792 -30.62 -27.59 -38.06
N ALA A 793 -30.60 -28.71 -37.33
CA ALA A 793 -31.60 -29.75 -37.55
C ALA A 793 -32.99 -29.31 -37.09
N ALA A 794 -33.05 -28.49 -36.03
CA ALA A 794 -34.31 -27.85 -35.66
C ALA A 794 -34.76 -26.82 -36.69
N ASN A 795 -33.82 -26.07 -37.26
CA ASN A 795 -34.17 -25.05 -38.23
C ASN A 795 -34.64 -25.61 -39.56
N LEU A 796 -34.55 -26.93 -39.77
CA LEU A 796 -35.22 -27.53 -40.92
C LEU A 796 -36.73 -27.40 -40.83
N ILE A 797 -37.27 -27.40 -39.62
CA ILE A 797 -38.71 -27.34 -39.41
C ILE A 797 -39.19 -25.93 -39.03
N GLU A 798 -38.29 -25.00 -38.73
CA GLU A 798 -38.66 -23.60 -38.58
C GLU A 798 -38.43 -22.79 -39.85
N LYS A 799 -38.74 -23.38 -41.01
CA LYS A 799 -38.66 -22.66 -42.28
C LYS A 799 -39.81 -21.70 -42.51
N ASN A 800 -40.95 -21.88 -41.87
CA ASN A 800 -42.10 -21.01 -42.05
C ASN A 800 -42.98 -20.98 -40.80
N LEU A 801 -43.44 -19.79 -40.43
CA LEU A 801 -44.25 -19.62 -39.23
C LEU A 801 -45.33 -18.57 -39.51
N ILE A 802 -46.31 -18.50 -38.61
CA ILE A 802 -47.32 -17.44 -38.62
C ILE A 802 -47.17 -16.58 -37.37
N LEU A 803 -47.03 -15.27 -37.57
CA LEU A 803 -46.79 -14.34 -36.49
C LEU A 803 -48.08 -14.12 -35.69
N ILE A 804 -48.00 -14.24 -34.37
CA ILE A 804 -49.10 -13.88 -33.48
C ILE A 804 -49.02 -12.41 -33.05
N GLY A 805 -47.82 -11.93 -32.75
CA GLY A 805 -47.63 -10.56 -32.31
C GLY A 805 -46.34 -10.42 -31.53
N ALA A 806 -46.28 -9.38 -30.71
CA ALA A 806 -45.09 -9.06 -29.94
C ALA A 806 -45.43 -8.72 -28.50
N THR A 807 -44.44 -8.87 -27.63
CA THR A 807 -44.52 -8.56 -26.22
C THR A 807 -43.46 -7.52 -25.87
N ALA A 808 -43.64 -6.87 -24.73
CA ALA A 808 -42.72 -5.81 -24.31
C ALA A 808 -42.46 -5.93 -22.82
N ILE A 809 -41.21 -6.25 -22.46
CA ILE A 809 -40.77 -6.35 -21.08
C ILE A 809 -39.85 -5.17 -20.78
N GLU A 810 -40.17 -4.43 -19.73
CA GLU A 810 -39.38 -3.27 -19.33
C GLU A 810 -38.40 -3.65 -18.23
N ASP A 811 -37.31 -2.89 -18.16
CA ASP A 811 -36.26 -3.09 -17.16
C ASP A 811 -36.05 -1.76 -16.45
N LYS A 812 -36.39 -1.71 -15.17
CA LYS A 812 -36.30 -0.46 -14.43
C LYS A 812 -34.85 -0.08 -14.18
N LEU A 813 -34.57 1.22 -14.23
CA LEU A 813 -33.23 1.71 -13.99
C LEU A 813 -32.97 1.84 -12.49
N GLN A 814 -31.72 1.64 -12.10
CA GLN A 814 -31.36 1.73 -10.68
C GLN A 814 -31.41 3.18 -10.21
N ASP A 815 -31.48 3.34 -8.89
CA ASP A 815 -31.53 4.66 -8.30
C ASP A 815 -30.14 5.30 -8.28
N GLY A 816 -30.12 6.62 -8.45
CA GLY A 816 -28.89 7.39 -8.33
C GLY A 816 -28.03 7.41 -9.58
N VAL A 817 -28.27 6.47 -10.50
CA VAL A 817 -27.44 6.38 -11.69
C VAL A 817 -27.46 7.66 -12.51
N PRO A 818 -28.62 8.28 -12.80
CA PRO A 818 -28.60 9.56 -13.53
C PRO A 818 -27.81 10.64 -12.83
N GLU A 819 -27.66 10.57 -11.51
CA GLU A 819 -26.86 11.53 -10.78
C GLU A 819 -25.39 11.13 -10.73
N THR A 820 -25.11 9.85 -10.52
CA THR A 820 -23.72 9.40 -10.44
C THR A 820 -23.00 9.59 -11.78
N ILE A 821 -23.66 9.24 -12.88
CA ILE A 821 -23.01 9.37 -14.19
C ILE A 821 -22.76 10.84 -14.52
N HIS A 822 -23.71 11.71 -14.18
CA HIS A 822 -23.52 13.14 -14.43
C HIS A 822 -22.39 13.69 -13.57
N THR A 823 -22.30 13.25 -12.31
CA THR A 823 -21.22 13.72 -11.45
C THR A 823 -19.86 13.23 -11.94
N LEU A 824 -19.82 11.99 -12.45
CA LEU A 824 -18.56 11.46 -12.97
C LEU A 824 -18.15 12.18 -14.26
N GLN A 825 -19.11 12.52 -15.11
CA GLN A 825 -18.78 13.28 -16.31
C GLN A 825 -18.38 14.71 -15.99
N GLU A 826 -18.92 15.27 -14.91
CA GLU A 826 -18.52 16.61 -14.50
C GLU A 826 -17.04 16.65 -14.10
N ALA A 827 -16.57 15.59 -13.44
CA ALA A 827 -15.17 15.54 -13.02
C ALA A 827 -14.20 15.34 -14.18
N GLY A 828 -14.70 14.98 -15.36
CA GLY A 828 -13.83 14.80 -16.50
C GLY A 828 -13.40 13.36 -16.69
N ILE A 829 -14.36 12.43 -16.59
CA ILE A 829 -14.11 11.01 -16.75
C ILE A 829 -14.91 10.52 -17.93
N LYS A 830 -14.22 10.17 -19.01
CA LYS A 830 -14.90 9.68 -20.21
C LYS A 830 -15.43 8.27 -19.97
N ILE A 831 -16.71 8.07 -20.18
CA ILE A 831 -17.39 6.81 -19.89
C ILE A 831 -17.67 6.07 -21.19
N TRP A 832 -17.39 4.77 -21.19
CA TRP A 832 -17.68 3.89 -22.31
C TRP A 832 -18.78 2.93 -21.89
N VAL A 833 -19.99 3.15 -22.41
CA VAL A 833 -21.14 2.31 -22.10
C VAL A 833 -21.29 1.28 -23.21
N LEU A 834 -21.28 0.01 -22.84
CA LEU A 834 -21.37 -1.11 -23.78
C LEU A 834 -22.73 -1.77 -23.62
N THR A 835 -23.61 -1.57 -24.61
CA THR A 835 -24.95 -2.13 -24.61
C THR A 835 -25.02 -3.25 -25.63
N GLY A 836 -25.62 -4.37 -25.24
CA GLY A 836 -25.77 -5.51 -26.14
C GLY A 836 -27.04 -5.47 -26.94
N ASP A 837 -27.42 -4.29 -27.43
CA ASP A 837 -28.64 -4.13 -28.23
C ASP A 837 -28.28 -3.39 -29.51
N ARG A 838 -29.28 -2.79 -30.14
CA ARG A 838 -29.10 -2.08 -31.40
C ARG A 838 -28.71 -0.63 -31.13
N GLN A 839 -28.71 0.19 -32.17
CA GLN A 839 -28.25 1.57 -32.04
C GLN A 839 -29.29 2.44 -31.37
N GLU A 840 -30.53 2.41 -31.86
CA GLU A 840 -31.56 3.32 -31.36
C GLU A 840 -31.88 3.06 -29.89
N THR A 841 -31.92 1.79 -29.49
CA THR A 841 -32.15 1.47 -28.08
C THR A 841 -31.05 2.03 -27.20
N ALA A 842 -29.79 1.89 -27.63
CA ALA A 842 -28.68 2.43 -26.86
C ALA A 842 -28.75 3.95 -26.79
N ILE A 843 -29.10 4.60 -27.90
CA ILE A 843 -29.23 6.07 -27.89
C ILE A 843 -30.33 6.50 -26.93
N ASN A 844 -31.45 5.79 -26.93
CA ASN A 844 -32.55 6.14 -26.03
C ASN A 844 -32.15 5.96 -24.57
N ILE A 845 -31.54 4.82 -24.24
CA ILE A 845 -31.15 4.58 -22.84
C ILE A 845 -30.01 5.50 -22.42
N GLY A 846 -29.23 6.01 -23.36
CA GLY A 846 -28.20 6.98 -23.03
C GLY A 846 -28.78 8.36 -22.77
N MET A 847 -29.75 8.76 -23.60
CA MET A 847 -30.41 10.04 -23.38
C MET A 847 -31.23 10.03 -22.09
N SER A 848 -31.83 8.89 -21.74
CA SER A 848 -32.61 8.82 -20.51
C SER A 848 -31.73 8.76 -19.27
N CYS A 849 -30.53 8.20 -19.39
CA CYS A 849 -29.61 8.06 -18.28
C CYS A 849 -28.77 9.31 -18.05
N ARG A 850 -29.10 10.42 -18.71
CA ARG A 850 -28.35 11.68 -18.62
C ARG A 850 -26.88 11.48 -19.00
N LEU A 851 -26.59 10.46 -19.81
CA LEU A 851 -25.24 10.26 -20.31
C LEU A 851 -24.92 11.27 -21.42
N LEU A 852 -25.84 11.45 -22.37
CA LEU A 852 -25.64 12.39 -23.45
C LEU A 852 -26.36 13.70 -23.14
N SER A 853 -26.79 14.41 -24.19
CA SER A 853 -27.51 15.66 -24.01
C SER A 853 -28.33 15.92 -25.28
N GLU A 854 -29.13 16.98 -25.23
CA GLU A 854 -29.96 17.38 -26.36
C GLU A 854 -29.18 18.16 -27.42
N ASP A 855 -27.88 18.34 -27.23
CA ASP A 855 -27.07 19.06 -28.21
C ASP A 855 -25.72 18.40 -28.45
N MET A 856 -25.55 17.15 -28.04
CA MET A 856 -24.27 16.46 -28.14
C MET A 856 -24.12 15.85 -29.53
N ASN A 857 -23.04 16.22 -30.22
CA ASN A 857 -22.79 15.73 -31.57
C ASN A 857 -22.52 14.23 -31.55
N LEU A 858 -23.38 13.46 -32.20
CA LEU A 858 -23.27 12.01 -32.26
C LEU A 858 -22.62 11.62 -33.58
N LEU A 859 -21.40 11.07 -33.51
CA LEU A 859 -20.68 10.62 -34.70
C LEU A 859 -21.07 9.17 -34.96
N ILE A 860 -22.22 9.01 -35.62
CA ILE A 860 -22.74 7.68 -35.91
C ILE A 860 -21.84 7.00 -36.93
N ILE A 861 -21.45 5.76 -36.63
CA ILE A 861 -20.57 4.97 -37.49
C ILE A 861 -21.22 3.60 -37.65
N ASN A 862 -22.03 3.43 -38.69
CA ASN A 862 -22.71 2.16 -38.98
C ASN A 862 -22.44 1.78 -40.43
N GLU A 863 -21.33 1.07 -40.65
CA GLU A 863 -20.97 0.60 -41.97
C GLU A 863 -20.53 -0.86 -41.89
N GLU A 864 -20.75 -1.59 -42.98
CA GLU A 864 -20.44 -3.01 -43.04
C GLU A 864 -19.11 -3.30 -43.75
N THR A 865 -18.86 -2.64 -44.87
CA THR A 865 -17.62 -2.89 -45.61
C THR A 865 -16.43 -2.30 -44.85
N ARG A 866 -15.36 -3.10 -44.72
CA ARG A 866 -14.19 -2.66 -43.97
C ARG A 866 -13.57 -1.42 -44.60
N ASP A 867 -13.42 -1.41 -45.93
CA ASP A 867 -12.90 -0.23 -46.60
C ASP A 867 -13.83 0.96 -46.42
N ASP A 868 -15.15 0.71 -46.40
CA ASP A 868 -16.09 1.80 -46.17
C ASP A 868 -15.97 2.34 -44.75
N THR A 869 -15.73 1.46 -43.77
CA THR A 869 -15.49 1.93 -42.40
C THR A 869 -14.22 2.75 -42.33
N GLU A 870 -13.17 2.34 -43.05
CA GLU A 870 -11.94 3.11 -43.07
C GLU A 870 -12.17 4.48 -43.68
N ARG A 871 -12.92 4.54 -44.79
CA ARG A 871 -13.23 5.83 -45.40
C ARG A 871 -14.05 6.71 -44.47
N ASN A 872 -14.99 6.11 -43.75
CA ASN A 872 -15.80 6.88 -42.80
C ASN A 872 -14.93 7.45 -41.67
N LEU A 873 -14.03 6.62 -41.14
CA LEU A 873 -13.13 7.12 -40.09
C LEU A 873 -12.24 8.23 -40.61
N LEU A 874 -11.71 8.08 -41.83
CA LEU A 874 -10.88 9.13 -42.40
C LEU A 874 -11.67 10.42 -42.60
N GLU A 875 -12.91 10.31 -43.10
CA GLU A 875 -13.74 11.49 -43.27
C GLU A 875 -14.01 12.17 -41.94
N LYS A 876 -14.32 11.39 -40.90
CA LYS A 876 -14.57 11.97 -39.58
C LYS A 876 -13.33 12.70 -39.07
N ILE A 877 -12.16 12.05 -39.15
CA ILE A 877 -10.97 12.63 -38.55
C ILE A 877 -10.53 13.87 -39.32
N ASN A 878 -10.69 13.87 -40.64
CA ASN A 878 -10.27 15.05 -41.40
C ASN A 878 -11.30 16.17 -41.32
N ALA A 879 -12.57 15.85 -41.05
CA ALA A 879 -13.54 16.90 -40.80
C ALA A 879 -13.37 17.48 -39.40
N LEU A 880 -12.81 16.71 -38.47
CA LEU A 880 -12.61 17.20 -37.11
C LEU A 880 -11.29 17.93 -36.93
N ASN A 881 -10.23 17.55 -37.67
CA ASN A 881 -8.93 18.17 -37.45
C ASN A 881 -8.74 19.48 -38.21
N GLU A 882 -9.45 19.68 -39.32
CA GLU A 882 -9.23 20.87 -40.14
C GLU A 882 -9.69 22.15 -39.46
N HIS A 883 -10.65 22.07 -38.55
CA HIS A 883 -11.15 23.24 -37.84
C HIS A 883 -10.76 23.18 -36.37
N GLN A 884 -10.70 24.36 -35.76
CA GLN A 884 -10.35 24.46 -34.35
C GLN A 884 -11.49 23.92 -33.48
N LEU A 885 -11.15 23.56 -32.25
CA LEU A 885 -12.11 23.04 -31.27
C LEU A 885 -12.19 24.04 -30.13
N SER A 886 -13.30 24.77 -30.07
CA SER A 886 -13.50 25.77 -29.03
C SER A 886 -13.79 25.09 -27.69
N THR A 887 -14.03 25.91 -26.67
CA THR A 887 -14.32 25.38 -25.34
C THR A 887 -15.63 24.61 -25.34
N HIS A 888 -16.63 25.08 -26.10
CA HIS A 888 -17.89 24.36 -26.19
C HIS A 888 -17.80 23.17 -27.11
N ASP A 889 -16.92 23.22 -28.13
CA ASP A 889 -16.77 22.10 -29.05
C ASP A 889 -15.95 20.97 -28.45
N MET A 890 -14.96 21.29 -27.62
CA MET A 890 -14.13 20.26 -27.02
C MET A 890 -14.89 19.48 -25.94
N ASN A 891 -15.95 20.06 -25.38
CA ASN A 891 -16.74 19.40 -24.36
C ASN A 891 -17.96 18.69 -24.91
N THR A 892 -18.52 19.17 -26.02
CA THR A 892 -19.76 18.61 -26.57
C THR A 892 -19.42 17.70 -27.75
N LEU A 893 -18.92 16.51 -27.42
CA LEU A 893 -18.58 15.51 -28.40
C LEU A 893 -18.81 14.12 -27.82
N ALA A 894 -19.45 13.26 -28.60
CA ALA A 894 -19.70 11.89 -28.19
C ALA A 894 -19.56 10.96 -29.38
N LEU A 895 -19.25 9.70 -29.11
CA LEU A 895 -19.10 8.70 -30.15
C LEU A 895 -20.11 7.58 -29.94
N VAL A 896 -20.71 7.12 -31.03
CA VAL A 896 -21.67 6.02 -31.02
C VAL A 896 -21.25 5.04 -32.10
N ILE A 897 -20.94 3.81 -31.70
CA ILE A 897 -20.49 2.79 -32.63
C ILE A 897 -21.32 1.53 -32.43
N ASP A 898 -21.38 0.71 -33.48
CA ASP A 898 -22.13 -0.53 -33.44
C ASP A 898 -21.18 -1.70 -33.24
N GLY A 899 -21.71 -2.92 -33.31
CA GLY A 899 -20.88 -4.09 -33.08
C GLY A 899 -19.95 -4.40 -34.23
N LYS A 900 -20.48 -4.36 -35.46
CA LYS A 900 -19.65 -4.69 -36.62
C LYS A 900 -18.59 -3.64 -36.86
N SER A 901 -18.95 -2.36 -36.73
CA SER A 901 -17.98 -1.29 -36.92
C SER A 901 -16.89 -1.36 -35.85
N LEU A 902 -17.25 -1.72 -34.62
CA LEU A 902 -16.26 -1.86 -33.57
C LEU A 902 -15.34 -3.06 -33.84
N GLY A 903 -15.92 -4.17 -34.29
CA GLY A 903 -15.10 -5.34 -34.61
C GLY A 903 -14.17 -5.10 -35.78
N PHE A 904 -14.56 -4.24 -36.72
CA PHE A 904 -13.71 -3.91 -37.85
C PHE A 904 -12.78 -2.73 -37.58
N ALA A 905 -12.98 -2.00 -36.48
CA ALA A 905 -12.17 -0.85 -36.15
C ALA A 905 -11.11 -1.16 -35.09
N LEU A 906 -10.96 -2.42 -34.69
CA LEU A 906 -9.98 -2.81 -33.69
C LEU A 906 -8.83 -3.63 -34.28
N GLU A 907 -8.70 -3.65 -35.60
CA GLU A 907 -7.58 -4.35 -36.21
C GLU A 907 -6.27 -3.63 -35.91
N PRO A 908 -5.15 -4.36 -35.88
CA PRO A 908 -3.86 -3.71 -35.56
C PRO A 908 -3.48 -2.60 -36.52
N GLU A 909 -4.08 -2.56 -37.72
CA GLU A 909 -3.80 -1.52 -38.69
C GLU A 909 -4.83 -0.40 -38.67
N LEU A 910 -5.93 -0.56 -37.94
CA LEU A 910 -6.99 0.43 -37.90
C LEU A 910 -7.35 0.91 -36.51
N GLU A 911 -6.85 0.27 -35.45
CA GLU A 911 -7.22 0.65 -34.10
C GLU A 911 -6.71 2.04 -33.72
N ASP A 912 -5.64 2.51 -34.35
CA ASP A 912 -5.10 3.82 -34.02
C ASP A 912 -6.09 4.93 -34.38
N TYR A 913 -6.82 4.77 -35.48
CA TYR A 913 -7.81 5.77 -35.86
C TYR A 913 -8.94 5.85 -34.84
N LEU A 914 -9.45 4.69 -34.42
CA LEU A 914 -10.50 4.66 -33.40
C LEU A 914 -9.99 5.23 -32.08
N LEU A 915 -8.72 4.96 -31.76
CA LEU A 915 -8.15 5.48 -30.52
C LEU A 915 -8.03 7.00 -30.55
N THR A 916 -7.50 7.55 -31.64
CA THR A 916 -7.33 8.99 -31.73
C THR A 916 -8.65 9.72 -31.92
N VAL A 917 -9.69 9.03 -32.40
CA VAL A 917 -11.01 9.65 -32.49
C VAL A 917 -11.81 9.48 -31.21
N ALA A 918 -11.43 8.54 -30.35
CA ALA A 918 -12.14 8.35 -29.10
C ALA A 918 -11.66 9.30 -28.00
N LYS A 919 -10.40 9.71 -28.06
CA LYS A 919 -9.87 10.62 -27.05
C LYS A 919 -10.43 12.04 -27.16
N LEU A 920 -11.09 12.36 -28.27
CA LEU A 920 -11.65 13.70 -28.46
C LEU A 920 -13.07 13.82 -27.90
N CYS A 921 -13.85 12.75 -27.96
CA CYS A 921 -15.22 12.78 -27.47
C CYS A 921 -15.24 12.61 -25.94
N LYS A 922 -16.41 12.85 -25.36
CA LYS A 922 -16.60 12.77 -23.92
C LYS A 922 -17.28 11.49 -23.46
N ALA A 923 -18.11 10.89 -24.31
CA ALA A 923 -18.82 9.66 -23.94
C ALA A 923 -18.89 8.75 -25.15
N VAL A 924 -18.51 7.48 -24.96
CA VAL A 924 -18.53 6.48 -26.00
C VAL A 924 -19.66 5.51 -25.71
N ILE A 925 -20.42 5.15 -26.74
CA ILE A 925 -21.55 4.24 -26.63
C ILE A 925 -21.35 3.15 -27.67
N CYS A 926 -20.95 1.97 -27.24
CA CYS A 926 -20.83 0.82 -28.13
C CYS A 926 -22.10 0.00 -28.05
N CYS A 927 -22.57 -0.48 -29.20
CA CYS A 927 -23.82 -1.22 -29.31
C CYS A 927 -23.55 -2.59 -29.93
N ARG A 928 -24.36 -3.57 -29.53
CA ARG A 928 -24.29 -4.93 -30.08
C ARG A 928 -22.88 -5.51 -29.92
N VAL A 929 -22.32 -5.35 -28.73
CA VAL A 929 -20.95 -5.77 -28.47
C VAL A 929 -20.93 -7.26 -28.13
N SER A 930 -20.04 -8.00 -28.79
CA SER A 930 -19.86 -9.40 -28.47
C SER A 930 -19.25 -9.54 -27.09
N PRO A 931 -19.62 -10.59 -26.34
CA PRO A 931 -19.08 -10.75 -24.97
C PRO A 931 -17.57 -10.86 -24.94
N LEU A 932 -16.97 -11.62 -25.86
CA LEU A 932 -15.52 -11.79 -25.88
C LEU A 932 -14.77 -10.62 -26.50
N GLN A 933 -15.45 -9.52 -26.82
CA GLN A 933 -14.81 -8.35 -27.39
C GLN A 933 -14.65 -7.20 -26.40
N LYS A 934 -15.35 -7.23 -25.27
CA LYS A 934 -15.18 -6.19 -24.26
C LYS A 934 -13.77 -6.21 -23.69
N ALA A 935 -13.26 -7.41 -23.37
CA ALA A 935 -11.88 -7.52 -22.93
C ALA A 935 -10.91 -7.09 -24.01
N LEU A 936 -11.25 -7.32 -25.28
CA LEU A 936 -10.41 -6.85 -26.37
C LEU A 936 -10.35 -5.33 -26.41
N VAL A 937 -11.49 -4.67 -26.23
CA VAL A 937 -11.52 -3.21 -26.18
C VAL A 937 -10.70 -2.70 -25.01
N VAL A 938 -10.84 -3.34 -23.85
CA VAL A 938 -10.11 -2.90 -22.67
C VAL A 938 -8.60 -3.04 -22.89
N LYS A 939 -8.17 -4.19 -23.42
CA LYS A 939 -6.75 -4.40 -23.67
C LYS A 939 -6.22 -3.47 -24.76
N MET A 940 -7.07 -3.09 -25.72
CA MET A 940 -6.65 -2.14 -26.74
C MET A 940 -6.47 -0.75 -26.15
N VAL A 941 -7.38 -0.33 -25.28
CA VAL A 941 -7.27 1.00 -24.68
C VAL A 941 -6.10 1.07 -23.73
N LYS A 942 -5.85 -0.01 -22.98
CA LYS A 942 -4.80 0.02 -21.96
C LYS A 942 -3.40 -0.18 -22.54
N ARG A 943 -3.27 -0.63 -23.78
CA ARG A 943 -1.96 -0.90 -24.35
C ARG A 943 -1.38 0.29 -25.12
N LYS A 944 -2.18 1.29 -25.43
CA LYS A 944 -1.74 2.44 -26.20
C LYS A 944 -2.17 3.75 -25.55
N SER A 945 -2.13 3.79 -24.22
CA SER A 945 -2.51 4.99 -23.48
C SER A 945 -1.81 4.98 -22.14
N SER A 946 -1.91 6.12 -21.44
CA SER A 946 -1.29 6.29 -20.14
C SER A 946 -2.33 6.43 -19.03
N SER A 947 -3.60 6.19 -19.32
CA SER A 947 -4.66 6.32 -18.33
C SER A 947 -4.93 4.97 -17.66
N LEU A 948 -5.65 5.03 -16.54
CA LEU A 948 -6.04 3.85 -15.80
C LEU A 948 -7.54 3.60 -15.99
N LEU A 949 -7.90 2.34 -16.21
CA LEU A 949 -9.26 1.95 -16.54
C LEU A 949 -9.98 1.41 -15.31
N LEU A 950 -11.29 1.24 -15.44
CA LEU A 950 -12.13 0.68 -14.39
C LEU A 950 -13.23 -0.14 -15.05
N ALA A 951 -13.20 -1.45 -14.88
CA ALA A 951 -14.14 -2.36 -15.53
C ALA A 951 -15.16 -2.83 -14.49
N ILE A 952 -16.39 -2.36 -14.63
CA ILE A 952 -17.50 -2.75 -13.75
C ILE A 952 -18.51 -3.51 -14.59
N GLY A 953 -19.00 -4.62 -14.07
CA GLY A 953 -19.95 -5.43 -14.78
C GLY A 953 -20.65 -6.41 -13.87
N ASP A 954 -21.37 -7.35 -14.49
CA ASP A 954 -22.10 -8.36 -13.76
C ASP A 954 -22.17 -9.64 -14.59
N GLY A 955 -22.26 -10.77 -13.90
CA GLY A 955 -22.36 -12.05 -14.56
C GLY A 955 -21.02 -12.53 -15.11
N ALA A 956 -20.97 -13.82 -15.41
CA ALA A 956 -19.76 -14.45 -15.94
C ALA A 956 -19.56 -14.18 -17.42
N ASN A 957 -20.43 -13.40 -18.06
CA ASN A 957 -20.29 -13.11 -19.48
C ASN A 957 -19.18 -12.09 -19.75
N ASP A 958 -18.83 -11.28 -18.77
CA ASP A 958 -17.81 -10.24 -18.95
C ASP A 958 -16.72 -10.35 -17.89
N VAL A 959 -16.52 -11.55 -17.34
CA VAL A 959 -15.47 -11.75 -16.33
C VAL A 959 -14.10 -11.42 -16.92
N SER A 960 -13.90 -11.74 -18.21
CA SER A 960 -12.65 -11.42 -18.86
C SER A 960 -12.38 -9.92 -18.89
N MET A 961 -13.43 -9.09 -18.83
CA MET A 961 -13.24 -7.65 -18.76
C MET A 961 -12.63 -7.24 -17.43
N ILE A 962 -12.93 -7.97 -16.36
CA ILE A 962 -12.45 -7.60 -15.03
C ILE A 962 -11.05 -8.13 -14.77
N GLN A 963 -10.76 -9.35 -15.22
CA GLN A 963 -9.45 -9.96 -15.00
C GLN A 963 -8.36 -9.40 -15.91
N ALA A 964 -8.70 -8.48 -16.81
CA ALA A 964 -7.73 -7.87 -17.71
C ALA A 964 -7.55 -6.37 -17.52
N ALA A 965 -8.52 -5.68 -16.94
CA ALA A 965 -8.42 -4.24 -16.72
C ALA A 965 -7.52 -3.98 -15.51
N HIS A 966 -7.42 -2.71 -15.11
CA HIS A 966 -6.58 -2.33 -13.98
C HIS A 966 -7.33 -2.43 -12.66
N VAL A 967 -8.43 -1.70 -12.52
CA VAL A 967 -9.23 -1.68 -11.29
C VAL A 967 -10.57 -2.33 -11.63
N GLY A 968 -10.72 -3.59 -11.27
CA GLY A 968 -11.96 -4.30 -11.54
C GLY A 968 -12.98 -4.14 -10.41
N VAL A 969 -14.24 -4.08 -10.79
CA VAL A 969 -15.34 -3.90 -9.86
C VAL A 969 -16.46 -4.88 -10.23
N GLY A 970 -16.97 -5.60 -9.24
CA GLY A 970 -18.04 -6.56 -9.47
C GLY A 970 -19.27 -6.26 -8.64
N ILE A 971 -20.41 -6.08 -9.31
CA ILE A 971 -21.66 -5.77 -8.63
C ILE A 971 -22.34 -7.08 -8.23
N SER A 972 -22.68 -7.20 -6.95
CA SER A 972 -23.37 -8.37 -6.44
C SER A 972 -24.82 -8.33 -6.92
N GLY A 973 -25.14 -9.15 -7.91
CA GLY A 973 -26.47 -9.14 -8.49
C GLY A 973 -27.13 -10.50 -8.54
N MET A 974 -28.21 -10.61 -9.30
CA MET A 974 -28.96 -11.86 -9.41
C MET A 974 -28.50 -12.75 -10.56
N GLU A 975 -27.60 -12.26 -11.41
CA GLU A 975 -27.10 -13.02 -12.55
C GLU A 975 -26.02 -14.02 -12.18
N GLY A 976 -25.73 -14.18 -10.89
CA GLY A 976 -24.66 -15.07 -10.46
C GLY A 976 -23.58 -14.29 -9.73
N MET A 977 -23.02 -14.90 -8.69
CA MET A 977 -22.00 -14.24 -7.88
C MET A 977 -20.61 -14.57 -8.41
N GLN A 978 -20.50 -14.79 -9.71
CA GLN A 978 -19.20 -15.14 -10.30
C GLN A 978 -18.28 -13.93 -10.36
N ALA A 979 -18.82 -12.75 -10.69
CA ALA A 979 -17.99 -11.56 -10.81
C ALA A 979 -17.56 -11.02 -9.45
N ALA A 980 -18.37 -11.26 -8.41
CA ALA A 980 -18.05 -10.72 -7.09
C ALA A 980 -16.86 -11.43 -6.46
N ARG A 981 -16.65 -12.70 -6.78
CA ARG A 981 -15.54 -13.47 -6.22
C ARG A 981 -14.23 -13.25 -6.96
N SER A 982 -14.27 -12.62 -8.13
CA SER A 982 -13.06 -12.40 -8.93
C SER A 982 -12.74 -10.93 -9.14
N ALA A 983 -13.52 -10.01 -8.56
CA ALA A 983 -13.30 -8.60 -8.71
C ALA A 983 -12.48 -8.06 -7.55
N ASP A 984 -11.69 -7.02 -7.82
CA ASP A 984 -10.86 -6.42 -6.78
C ASP A 984 -11.70 -5.74 -5.71
N ILE A 985 -12.84 -5.16 -6.09
CA ILE A 985 -13.76 -4.51 -5.16
C ILE A 985 -15.16 -4.98 -5.47
N ALA A 986 -15.88 -5.46 -4.46
CA ALA A 986 -17.27 -5.88 -4.60
C ALA A 986 -18.17 -4.75 -4.11
N VAL A 987 -18.99 -4.22 -5.01
CA VAL A 987 -19.86 -3.09 -4.70
C VAL A 987 -21.30 -3.53 -4.84
N GLY A 988 -22.17 -2.96 -4.00
CA GLY A 988 -23.57 -3.33 -4.03
C GLY A 988 -24.27 -2.90 -5.30
N GLN A 989 -24.11 -1.63 -5.67
CA GLN A 989 -24.77 -1.08 -6.85
C GLN A 989 -23.89 -0.01 -7.47
N PHE A 990 -24.37 0.57 -8.57
CA PHE A 990 -23.62 1.62 -9.26
C PHE A 990 -23.68 2.96 -8.51
N LYS A 991 -24.65 3.13 -7.62
CA LYS A 991 -24.77 4.40 -6.90
C LYS A 991 -23.56 4.65 -6.00
N PHE A 992 -22.91 3.59 -5.53
CA PHE A 992 -21.83 3.75 -4.56
C PHE A 992 -20.55 4.29 -5.18
N LEU A 993 -20.36 4.12 -6.49
CA LEU A 993 -19.12 4.56 -7.13
C LEU A 993 -18.88 6.05 -6.95
N LYS A 994 -19.96 6.84 -6.86
CA LYS A 994 -19.80 8.28 -6.65
C LYS A 994 -19.00 8.57 -5.38
N LYS A 995 -19.06 7.68 -4.39
CA LYS A 995 -18.25 7.83 -3.19
C LYS A 995 -17.01 6.96 -3.19
N LEU A 996 -16.90 6.01 -4.13
CA LEU A 996 -15.73 5.14 -4.16
C LEU A 996 -14.57 5.78 -4.92
N LEU A 997 -14.85 6.61 -5.92
CA LEU A 997 -13.80 7.23 -6.72
C LEU A 997 -13.58 8.71 -6.38
N LEU A 998 -14.53 9.36 -5.74
CA LEU A 998 -14.36 10.76 -5.39
C LEU A 998 -13.70 10.96 -4.03
N VAL A 999 -14.12 10.16 -3.03
CA VAL A 999 -13.59 10.33 -1.67
C VAL A 999 -12.51 9.28 -1.42
N HIS A 1000 -12.87 8.00 -1.52
CA HIS A 1000 -11.93 6.92 -1.28
C HIS A 1000 -10.90 6.76 -2.39
N GLY A 1001 -10.90 7.65 -3.38
CA GLY A 1001 -9.84 7.69 -4.37
C GLY A 1001 -8.92 8.86 -4.13
N SER A 1002 -9.51 10.04 -3.94
CA SER A 1002 -8.72 11.23 -3.61
C SER A 1002 -7.93 11.01 -2.33
N TRP A 1003 -8.58 10.51 -1.28
CA TRP A 1003 -7.87 10.27 -0.03
C TRP A 1003 -6.82 9.18 -0.18
N SER A 1004 -7.16 8.10 -0.86
CA SER A 1004 -6.22 6.99 -1.00
C SER A 1004 -5.04 7.32 -1.89
N TYR A 1005 -5.15 8.34 -2.73
CA TYR A 1005 -4.01 8.80 -3.50
C TYR A 1005 -3.25 9.94 -2.83
N GLN A 1006 -3.91 10.71 -1.95
CA GLN A 1006 -3.24 11.81 -1.28
C GLN A 1006 -2.49 11.38 -0.03
N ARG A 1007 -2.97 10.34 0.67
CA ARG A 1007 -2.35 9.95 1.93
C ARG A 1007 -1.05 9.19 1.71
N ILE A 1008 -1.04 8.23 0.78
CA ILE A 1008 0.12 7.37 0.59
C ILE A 1008 1.32 8.18 0.10
N SER A 1009 1.08 9.18 -0.76
CA SER A 1009 2.17 10.00 -1.28
C SER A 1009 2.85 10.77 -0.16
N VAL A 1010 2.06 11.44 0.68
CA VAL A 1010 2.62 12.19 1.80
C VAL A 1010 3.33 11.25 2.77
N ALA A 1011 2.77 10.06 2.99
CA ALA A 1011 3.39 9.10 3.89
C ALA A 1011 4.77 8.69 3.38
N ILE A 1012 4.87 8.38 2.09
CA ILE A 1012 6.15 7.94 1.53
C ILE A 1012 7.16 9.08 1.54
N LEU A 1013 6.72 10.29 1.18
CA LEU A 1013 7.63 11.44 1.20
C LEU A 1013 8.16 11.68 2.60
N TYR A 1014 7.29 11.60 3.62
CA TYR A 1014 7.73 11.81 4.99
C TYR A 1014 8.64 10.69 5.45
N SER A 1015 8.38 9.46 5.02
CA SER A 1015 9.25 8.34 5.39
C SER A 1015 10.65 8.54 4.82
N PHE A 1016 10.74 9.07 3.60
CA PHE A 1016 12.06 9.38 3.04
C PHE A 1016 12.73 10.53 3.77
N TYR A 1017 11.95 11.59 4.07
CA TYR A 1017 12.53 12.79 4.64
C TYR A 1017 13.04 12.57 6.06
N LYS A 1018 12.26 11.86 6.89
CA LYS A 1018 12.66 11.65 8.28
C LYS A 1018 13.93 10.82 8.37
N ASN A 1019 14.19 9.97 7.38
CA ASN A 1019 15.41 9.17 7.38
C ASN A 1019 16.59 9.96 6.83
N THR A 1020 16.37 10.70 5.74
CA THR A 1020 17.47 11.45 5.14
C THR A 1020 17.91 12.60 6.02
N ALA A 1021 16.99 13.22 6.77
CA ALA A 1021 17.35 14.35 7.62
C ALA A 1021 18.20 13.93 8.81
N LEU A 1022 18.13 12.67 9.22
CA LEU A 1022 18.94 12.18 10.34
C LEU A 1022 20.21 11.48 9.90
N TYR A 1023 20.09 10.50 9.00
CA TYR A 1023 21.26 9.70 8.65
C TYR A 1023 22.16 10.41 7.65
N MET A 1024 22.15 11.75 7.66
CA MET A 1024 23.03 12.54 6.83
C MET A 1024 24.11 13.26 7.62
N THR A 1025 23.90 13.51 8.91
CA THR A 1025 24.95 14.06 9.75
C THR A 1025 26.18 13.16 9.77
N GLN A 1026 25.97 11.86 9.57
CA GLN A 1026 27.10 10.94 9.41
C GLN A 1026 27.98 11.31 8.22
N PHE A 1027 27.43 12.03 7.24
CA PHE A 1027 28.22 12.51 6.12
C PHE A 1027 28.80 13.89 6.37
N TRP A 1028 28.04 14.80 6.97
CA TRP A 1028 28.57 16.12 7.27
C TRP A 1028 29.64 16.09 8.34
N TYR A 1029 29.74 14.99 9.10
CA TYR A 1029 30.74 14.87 10.14
C TYR A 1029 32.09 14.42 9.63
N VAL A 1030 32.18 13.97 8.38
CA VAL A 1030 33.45 13.51 7.84
C VAL A 1030 34.43 14.64 7.60
N PHE A 1031 34.00 15.89 7.74
CA PHE A 1031 34.88 17.05 7.62
C PHE A 1031 35.57 17.39 8.93
N ALA A 1032 35.26 16.68 10.02
CA ALA A 1032 35.85 16.96 11.32
C ALA A 1032 36.59 15.78 11.94
N ASN A 1033 36.29 14.54 11.55
CA ASN A 1033 36.97 13.38 12.07
C ASN A 1033 38.03 12.85 11.10
N ALA A 1034 38.60 13.73 10.28
CA ALA A 1034 39.62 13.36 9.30
C ALA A 1034 39.12 12.29 8.34
N PHE A 1035 37.82 12.33 8.03
CA PHE A 1035 37.22 11.39 7.08
C PHE A 1035 37.43 9.95 7.50
N SER A 1036 37.32 9.68 8.80
CA SER A 1036 37.55 8.35 9.34
C SER A 1036 36.30 7.47 9.32
N GLY A 1037 35.11 8.07 9.28
CA GLY A 1037 33.89 7.29 9.30
C GLY A 1037 33.44 6.95 10.71
N GLN A 1038 33.49 7.94 11.59
CA GLN A 1038 33.12 7.75 12.99
C GLN A 1038 31.65 8.08 13.19
N SER A 1039 30.94 7.17 13.85
CA SER A 1039 29.52 7.40 14.14
C SER A 1039 29.36 8.56 15.10
N ILE A 1040 28.42 9.46 14.79
CA ILE A 1040 28.20 10.63 15.63
C ILE A 1040 27.32 10.27 16.83
N MET A 1041 26.36 9.38 16.64
CA MET A 1041 25.43 8.96 17.67
C MET A 1041 25.73 7.53 18.11
N GLU A 1042 24.90 7.02 19.01
CA GLU A 1042 25.08 5.67 19.52
C GLU A 1042 24.73 4.65 18.44
N SER A 1043 24.86 3.37 18.80
CA SER A 1043 24.57 2.30 17.85
C SER A 1043 23.14 1.80 17.96
N TRP A 1044 22.62 1.67 19.19
CA TRP A 1044 21.28 1.16 19.38
C TRP A 1044 20.23 2.26 19.29
N THR A 1045 20.59 3.50 19.59
CA THR A 1045 19.64 4.60 19.46
C THR A 1045 19.27 4.84 18.00
N MET A 1046 20.25 4.77 17.11
CA MET A 1046 19.97 4.93 15.68
C MET A 1046 19.07 3.82 15.16
N SER A 1047 19.20 2.60 15.71
CA SER A 1047 18.33 1.52 15.29
C SER A 1047 16.93 1.68 15.86
N PHE A 1048 16.82 2.12 17.12
CA PHE A 1048 15.52 2.37 17.71
C PHE A 1048 14.80 3.53 17.05
N TYR A 1049 15.53 4.43 16.40
CA TYR A 1049 14.91 5.55 15.70
C TYR A 1049 13.87 5.09 14.69
N ASN A 1050 14.06 3.91 14.10
CA ASN A 1050 13.15 3.40 13.07
C ASN A 1050 12.08 2.49 13.62
N LEU A 1051 12.02 2.26 14.93
CA LEU A 1051 11.09 1.30 15.51
C LEU A 1051 10.19 1.88 16.58
N PHE A 1052 10.70 2.76 17.44
CA PHE A 1052 9.96 3.21 18.60
C PHE A 1052 9.73 4.72 18.67
N PHE A 1053 10.04 5.46 17.60
CA PHE A 1053 9.95 6.91 17.69
C PHE A 1053 9.34 7.54 16.44
N THR A 1054 9.50 6.89 15.28
CA THR A 1054 9.06 7.44 14.01
C THR A 1054 8.27 6.40 13.21
N VAL A 1055 7.31 5.75 13.87
CA VAL A 1055 6.43 4.80 13.22
C VAL A 1055 4.96 5.08 13.48
N TRP A 1056 4.63 6.16 14.20
CA TRP A 1056 3.24 6.47 14.50
C TRP A 1056 2.74 7.70 13.74
N PRO A 1057 3.53 8.78 13.62
CA PRO A 1057 3.10 9.89 12.76
C PRO A 1057 2.86 9.47 11.32
N PRO A 1058 3.68 8.58 10.73
CA PRO A 1058 3.34 8.13 9.37
C PRO A 1058 1.99 7.47 9.25
N PHE A 1059 1.64 6.57 10.18
CA PHE A 1059 0.34 5.91 10.12
C PHE A 1059 -0.80 6.92 10.28
N VAL A 1060 -0.61 7.93 11.14
CA VAL A 1060 -1.67 8.91 11.34
C VAL A 1060 -1.85 9.77 10.11
N ILE A 1061 -0.75 10.21 9.50
CA ILE A 1061 -0.87 11.05 8.31
C ILE A 1061 -1.26 10.25 7.07
N GLY A 1062 -1.15 8.92 7.11
CA GLY A 1062 -1.52 8.12 5.97
C GLY A 1062 -2.84 7.38 6.11
N VAL A 1063 -3.45 7.43 7.29
CA VAL A 1063 -4.71 6.73 7.51
C VAL A 1063 -5.74 7.67 8.11
N PHE A 1064 -5.39 8.33 9.23
CA PHE A 1064 -6.33 9.13 10.00
C PHE A 1064 -6.24 10.61 9.70
N ASP A 1065 -5.99 10.98 8.44
CA ASP A 1065 -5.90 12.37 8.05
C ASP A 1065 -6.81 12.62 6.85
N GLN A 1066 -7.53 13.75 6.89
CA GLN A 1066 -8.44 14.14 5.82
C GLN A 1066 -8.15 15.59 5.46
N PHE A 1067 -7.56 15.82 4.29
CA PHE A 1067 -7.26 17.18 3.86
C PHE A 1067 -8.50 17.95 3.46
N VAL A 1068 -9.61 17.26 3.18
CA VAL A 1068 -10.87 17.90 2.84
C VAL A 1068 -12.00 16.99 3.28
N SER A 1069 -13.10 17.61 3.70
CA SER A 1069 -14.25 16.84 4.17
C SER A 1069 -14.89 16.05 3.04
N SER A 1070 -15.44 14.89 3.39
CA SER A 1070 -16.14 14.08 2.41
C SER A 1070 -17.47 14.70 1.98
N ARG A 1071 -18.03 15.60 2.79
CA ARG A 1071 -19.28 16.26 2.43
C ARG A 1071 -19.05 17.36 1.40
N LEU A 1072 -17.90 18.06 1.47
CA LEU A 1072 -17.56 19.10 0.53
C LEU A 1072 -16.62 18.61 -0.58
N LEU A 1073 -16.56 17.30 -0.81
CA LEU A 1073 -15.76 16.72 -1.86
C LEU A 1073 -16.60 16.21 -3.03
N GLU A 1074 -17.77 15.63 -2.75
CA GLU A 1074 -18.67 15.22 -3.82
C GLU A 1074 -19.31 16.41 -4.51
N ARG A 1075 -19.34 17.58 -3.86
CA ARG A 1075 -19.94 18.76 -4.45
C ARG A 1075 -19.05 19.36 -5.54
N TYR A 1076 -17.73 19.31 -5.35
CA TYR A 1076 -16.77 19.85 -6.31
C TYR A 1076 -15.90 18.70 -6.81
N PRO A 1077 -16.37 17.98 -7.84
CA PRO A 1077 -15.60 16.82 -8.34
C PRO A 1077 -14.34 17.21 -9.09
N GLN A 1078 -14.15 18.49 -9.41
CA GLN A 1078 -12.94 18.90 -10.14
C GLN A 1078 -11.67 18.58 -9.38
N LEU A 1079 -11.75 18.47 -8.05
CA LEU A 1079 -10.58 18.08 -7.26
C LEU A 1079 -10.02 16.74 -7.72
N TYR A 1080 -10.87 15.87 -8.25
CA TYR A 1080 -10.40 14.58 -8.73
C TYR A 1080 -9.37 14.75 -9.84
N LYS A 1081 -9.46 15.84 -10.62
CA LYS A 1081 -8.45 16.10 -11.64
C LYS A 1081 -7.07 16.23 -11.03
N LEU A 1082 -6.96 16.79 -9.81
CA LEU A 1082 -5.67 16.87 -9.14
C LEU A 1082 -5.06 15.49 -8.95
N GLY A 1083 -5.87 14.48 -8.72
CA GLY A 1083 -5.37 13.13 -8.60
C GLY A 1083 -5.31 12.43 -9.94
N GLN A 1084 -6.02 12.99 -10.93
CA GLN A 1084 -6.07 12.38 -12.25
C GLN A 1084 -4.82 12.67 -13.08
N LYS A 1085 -4.10 13.74 -12.75
CA LYS A 1085 -2.87 14.11 -13.46
C LYS A 1085 -1.61 13.63 -12.75
N GLY A 1086 -1.54 13.76 -11.43
CA GLY A 1086 -0.37 13.39 -10.68
C GLY A 1086 0.36 14.59 -10.13
N GLN A 1087 -0.34 15.39 -9.32
CA GLN A 1087 0.20 16.63 -8.79
C GLN A 1087 0.76 16.50 -7.38
N PHE A 1088 0.23 15.57 -6.58
CA PHE A 1088 0.67 15.40 -5.20
C PHE A 1088 1.76 14.34 -5.05
N PHE A 1089 2.24 13.76 -6.15
CA PHE A 1089 3.25 12.71 -6.06
C PHE A 1089 4.06 12.72 -7.35
N SER A 1090 5.31 13.18 -7.28
CA SER A 1090 6.18 13.23 -8.44
C SER A 1090 7.63 13.24 -7.97
N VAL A 1091 8.53 12.93 -8.90
CA VAL A 1091 9.96 12.90 -8.57
C VAL A 1091 10.47 14.29 -8.24
N TYR A 1092 9.85 15.34 -8.79
CA TYR A 1092 10.25 16.70 -8.46
C TYR A 1092 10.03 16.98 -6.98
N ILE A 1093 8.85 16.64 -6.46
CA ILE A 1093 8.58 16.82 -5.03
C ILE A 1093 9.46 15.90 -4.20
N PHE A 1094 9.81 14.72 -4.74
CA PHE A 1094 10.72 13.82 -4.06
C PHE A 1094 12.07 14.48 -3.84
N TRP A 1095 12.66 15.04 -4.90
CA TRP A 1095 13.92 15.74 -4.78
C TRP A 1095 13.79 16.98 -3.91
N GLY A 1096 12.64 17.66 -3.94
CA GLY A 1096 12.44 18.78 -3.04
C GLY A 1096 12.51 18.39 -1.58
N TRP A 1097 11.79 17.33 -1.20
CA TRP A 1097 11.86 16.83 0.17
C TRP A 1097 13.26 16.36 0.51
N ILE A 1098 13.96 15.72 -0.44
CA ILE A 1098 15.30 15.23 -0.16
C ILE A 1098 16.25 16.39 0.12
N ILE A 1099 16.21 17.44 -0.70
CA ILE A 1099 17.11 18.56 -0.48
C ILE A 1099 16.70 19.35 0.76
N ASN A 1100 15.40 19.34 1.11
CA ASN A 1100 14.99 19.95 2.37
C ASN A 1100 15.57 19.20 3.56
N GLY A 1101 15.57 17.87 3.49
CA GLY A 1101 16.21 17.09 4.54
C GLY A 1101 17.70 17.33 4.62
N PHE A 1102 18.36 17.43 3.46
CA PHE A 1102 19.78 17.77 3.44
C PHE A 1102 20.03 19.12 4.11
N PHE A 1103 19.20 20.11 3.79
CA PHE A 1103 19.35 21.43 4.38
C PHE A 1103 19.19 21.36 5.90
N HIS A 1104 18.18 20.64 6.38
CA HIS A 1104 17.96 20.53 7.82
C HIS A 1104 19.13 19.81 8.50
N SER A 1105 19.66 18.76 7.85
CA SER A 1105 20.79 18.03 8.42
C SER A 1105 22.01 18.94 8.54
N ALA A 1106 22.35 19.65 7.46
CA ALA A 1106 23.48 20.56 7.52
C ALA A 1106 23.26 21.66 8.55
N ILE A 1107 22.03 22.15 8.68
CA ILE A 1107 21.73 23.20 9.64
C ILE A 1107 21.96 22.71 11.06
N VAL A 1108 21.43 21.54 11.40
CA VAL A 1108 21.62 21.04 12.77
C VAL A 1108 23.08 20.72 13.03
N PHE A 1109 23.80 20.22 12.01
CA PHE A 1109 25.21 19.91 12.20
C PHE A 1109 26.01 21.17 12.52
N ILE A 1110 25.82 22.23 11.71
CA ILE A 1110 26.60 23.45 11.94
C ILE A 1110 26.17 24.12 13.24
N GLY A 1111 24.88 24.11 13.55
CA GLY A 1111 24.42 24.71 14.79
C GLY A 1111 24.91 24.00 16.03
N THR A 1112 25.14 22.69 15.92
CA THR A 1112 25.70 21.95 17.06
C THR A 1112 27.20 22.14 17.16
N ILE A 1113 27.91 22.12 16.03
CA ILE A 1113 29.36 22.27 16.09
C ILE A 1113 29.77 23.69 16.46
N LEU A 1114 28.90 24.68 16.23
CA LEU A 1114 29.23 26.02 16.68
C LEU A 1114 29.07 26.19 18.19
N ILE A 1115 28.17 25.44 18.81
CA ILE A 1115 27.96 25.53 20.24
C ILE A 1115 28.92 24.61 20.99
N TYR A 1116 29.02 23.35 20.57
CA TYR A 1116 29.97 22.41 21.16
C TYR A 1116 31.35 22.60 20.56
N ARG A 1117 31.87 23.82 20.61
CA ARG A 1117 33.14 24.15 19.96
C ARG A 1117 34.29 23.39 20.59
N TYR A 1118 34.74 23.81 21.78
CA TYR A 1118 35.78 23.12 22.51
C TYR A 1118 35.24 22.10 23.50
N GLY A 1119 33.94 21.84 23.46
CA GLY A 1119 33.30 20.98 24.43
C GLY A 1119 33.06 21.62 25.78
N PHE A 1120 33.69 22.75 26.07
CA PHE A 1120 33.52 23.45 27.34
C PHE A 1120 32.20 24.22 27.30
N ALA A 1121 31.12 23.48 27.52
CA ALA A 1121 29.77 24.05 27.55
C ALA A 1121 29.01 23.57 28.78
N LEU A 1122 29.72 23.23 29.85
CA LEU A 1122 29.12 22.72 31.07
C LEU A 1122 29.58 23.54 32.26
N ASN A 1123 28.75 23.57 33.30
CA ASN A 1123 29.03 24.32 34.51
C ASN A 1123 29.12 23.40 35.73
N MET A 1124 29.50 22.14 35.51
CA MET A 1124 29.59 21.16 36.58
C MET A 1124 31.07 21.01 36.98
N HIS A 1125 31.52 21.94 37.81
CA HIS A 1125 32.89 21.93 38.36
C HIS A 1125 33.94 21.89 37.25
N GLY A 1126 33.66 22.59 36.15
CA GLY A 1126 34.61 22.67 35.06
C GLY A 1126 34.77 21.41 34.24
N GLU A 1127 33.94 20.39 34.47
CA GLU A 1127 34.02 19.18 33.67
C GLU A 1127 33.58 19.46 32.24
N LEU A 1128 34.07 18.66 31.31
CA LEU A 1128 33.83 18.85 29.88
C LEU A 1128 32.82 17.84 29.36
N ALA A 1129 32.40 18.06 28.13
CA ALA A 1129 31.57 17.11 27.41
C ALA A 1129 32.47 16.05 26.78
N ASP A 1130 31.90 15.20 25.93
CA ASP A 1130 32.68 14.15 25.28
C ASP A 1130 32.11 13.94 23.89
N HIS A 1131 32.38 12.77 23.31
CA HIS A 1131 31.92 12.46 21.96
C HIS A 1131 30.46 12.02 21.92
N TRP A 1132 29.91 11.59 23.06
CA TRP A 1132 28.56 11.03 23.09
C TRP A 1132 27.52 12.01 23.61
N SER A 1133 27.87 12.87 24.56
CA SER A 1133 26.93 13.88 25.04
C SER A 1133 26.56 14.88 23.95
N TRP A 1134 27.34 14.92 22.86
CA TRP A 1134 27.03 15.76 21.71
C TRP A 1134 26.21 15.01 20.67
N GLY A 1135 26.53 13.73 20.44
CA GLY A 1135 25.70 12.93 19.56
C GLY A 1135 24.29 12.75 20.07
N VAL A 1136 24.12 12.65 21.39
CA VAL A 1136 22.79 12.56 21.97
C VAL A 1136 22.00 13.83 21.71
N THR A 1137 22.66 15.00 21.86
CA THR A 1137 21.99 16.26 21.56
C THR A 1137 21.61 16.34 20.09
N VAL A 1138 22.50 15.88 19.21
CA VAL A 1138 22.19 15.87 17.77
C VAL A 1138 20.96 15.00 17.50
N TYR A 1139 20.93 13.80 18.09
CA TYR A 1139 19.80 12.90 17.88
C TYR A 1139 18.50 13.50 18.39
N THR A 1140 18.54 14.10 19.58
CA THR A 1140 17.32 14.68 20.15
C THR A 1140 16.82 15.84 19.31
N THR A 1141 17.72 16.72 18.88
CA THR A 1141 17.29 17.83 18.01
C THR A 1141 16.73 17.30 16.69
N SER A 1142 17.34 16.25 16.15
CA SER A 1142 16.86 15.68 14.89
C SER A 1142 15.45 15.14 15.04
N VAL A 1143 15.19 14.38 16.11
CA VAL A 1143 13.84 13.82 16.27
C VAL A 1143 12.84 14.92 16.56
N ILE A 1144 13.24 15.97 17.29
CA ILE A 1144 12.32 17.08 17.56
C ILE A 1144 11.95 17.78 16.26
N ILE A 1145 12.93 18.00 15.38
CA ILE A 1145 12.66 18.68 14.12
C ILE A 1145 11.79 17.80 13.21
N VAL A 1146 12.05 16.49 13.20
CA VAL A 1146 11.23 15.59 12.39
C VAL A 1146 9.79 15.61 12.87
N LEU A 1147 9.58 15.59 14.20
CA LEU A 1147 8.22 15.64 14.72
C LEU A 1147 7.56 16.98 14.45
N GLY A 1148 8.32 18.07 14.50
CA GLY A 1148 7.76 19.36 14.17
C GLY A 1148 7.32 19.46 12.72
N LYS A 1149 8.13 18.91 11.81
CA LYS A 1149 7.74 18.86 10.41
C LYS A 1149 6.50 18.00 10.21
N ALA A 1150 6.44 16.86 10.90
CA ALA A 1150 5.24 16.03 10.83
C ALA A 1150 4.01 16.81 11.29
N ALA A 1151 4.14 17.55 12.39
CA ALA A 1151 3.01 18.33 12.89
C ALA A 1151 2.62 19.42 11.90
N LEU A 1152 3.60 20.01 11.21
CA LEU A 1152 3.29 21.01 10.19
C LEU A 1152 2.66 20.40 8.95
N VAL A 1153 2.87 19.11 8.69
CA VAL A 1153 2.31 18.49 7.50
C VAL A 1153 0.86 18.07 7.72
N THR A 1154 0.50 17.69 8.94
CA THR A 1154 -0.85 17.18 9.21
C THR A 1154 -1.91 18.22 8.86
N ASN A 1155 -3.06 17.73 8.42
CA ASN A 1155 -4.19 18.57 8.03
C ASN A 1155 -5.31 18.61 9.05
N GLN A 1156 -5.55 17.50 9.77
CA GLN A 1156 -6.63 17.40 10.73
C GLN A 1156 -6.05 16.97 12.08
N TRP A 1157 -6.43 17.67 13.14
CA TRP A 1157 -5.93 17.39 14.49
C TRP A 1157 -6.96 16.54 15.23
N THR A 1158 -6.90 15.24 14.99
CA THR A 1158 -7.79 14.30 15.65
C THR A 1158 -7.29 13.99 17.05
N LYS A 1159 -7.98 13.08 17.73
CA LYS A 1159 -7.57 12.61 19.05
C LYS A 1159 -6.59 11.44 18.97
N PHE A 1160 -6.22 11.01 17.76
CA PHE A 1160 -5.22 9.98 17.57
C PHE A 1160 -3.87 10.53 17.10
N THR A 1161 -3.82 11.81 16.72
CA THR A 1161 -2.56 12.41 16.31
C THR A 1161 -1.71 12.81 17.50
N LEU A 1162 -2.33 13.25 18.59
CA LEU A 1162 -1.57 13.65 19.77
C LEU A 1162 -0.82 12.48 20.40
N ILE A 1163 -1.23 11.24 20.13
CA ILE A 1163 -0.51 10.07 20.62
C ILE A 1163 0.55 9.59 19.65
N ALA A 1164 0.72 10.26 18.50
CA ALA A 1164 1.70 9.87 17.50
C ALA A 1164 2.86 10.85 17.41
N ILE A 1165 2.59 12.14 17.25
CA ILE A 1165 3.64 13.13 17.03
C ILE A 1165 4.17 13.64 18.37
N PRO A 1166 3.34 14.22 19.25
CA PRO A 1166 3.88 14.58 20.57
C PRO A 1166 4.07 13.39 21.47
N GLY A 1167 3.26 12.34 21.29
CA GLY A 1167 3.43 11.12 22.07
C GLY A 1167 4.81 10.51 21.88
N SER A 1168 5.32 10.54 20.65
CA SER A 1168 6.66 10.00 20.40
C SER A 1168 7.73 10.85 21.10
N LEU A 1169 7.56 12.17 21.10
CA LEU A 1169 8.50 13.05 21.79
C LEU A 1169 8.52 12.76 23.28
N LEU A 1170 7.35 12.65 23.89
CA LEU A 1170 7.29 12.34 25.32
C LEU A 1170 7.83 10.94 25.60
N PHE A 1171 7.56 9.99 24.70
CA PHE A 1171 8.10 8.64 24.87
C PHE A 1171 9.61 8.64 24.86
N TRP A 1172 10.22 9.41 23.95
CA TRP A 1172 11.67 9.50 23.93
C TRP A 1172 12.22 10.18 25.18
N LEU A 1173 11.60 11.30 25.57
CA LEU A 1173 12.07 12.04 26.74
C LEU A 1173 11.93 11.24 28.02
N ILE A 1174 11.01 10.29 28.07
CA ILE A 1174 10.89 9.45 29.26
C ILE A 1174 11.76 8.19 29.15
N PHE A 1175 11.97 7.68 27.93
CA PHE A 1175 12.71 6.44 27.75
C PHE A 1175 14.22 6.64 27.80
N PHE A 1176 14.71 7.82 27.43
CA PHE A 1176 16.15 8.04 27.41
C PHE A 1176 16.78 7.92 28.79
N PRO A 1177 16.28 8.59 29.85
CA PRO A 1177 16.95 8.43 31.16
C PRO A 1177 16.89 7.01 31.69
N ILE A 1178 15.74 6.33 31.54
CA ILE A 1178 15.61 4.97 32.04
C ILE A 1178 16.62 4.06 31.35
N TYR A 1179 16.71 4.16 30.02
CA TYR A 1179 17.68 3.35 29.28
C TYR A 1179 19.10 3.66 29.73
N ALA A 1180 19.47 4.94 29.72
CA ALA A 1180 20.84 5.33 30.06
C ALA A 1180 21.19 5.01 31.52
N SER A 1181 20.20 4.80 32.38
CA SER A 1181 20.47 4.46 33.76
C SER A 1181 20.44 2.97 34.03
N ILE A 1182 19.75 2.18 33.21
CA ILE A 1182 19.62 0.74 33.44
C ILE A 1182 20.56 -0.07 32.56
N PHE A 1183 20.49 0.15 31.24
CA PHE A 1183 21.19 -0.72 30.29
C PHE A 1183 22.72 -0.69 30.39
N PRO A 1184 23.37 0.46 30.62
CA PRO A 1184 24.84 0.45 30.70
C PRO A 1184 25.41 -0.49 31.75
N HIS A 1185 24.64 -0.85 32.78
CA HIS A 1185 25.11 -1.77 33.80
C HIS A 1185 25.10 -3.22 33.35
N ALA A 1186 24.78 -3.49 32.08
CA ALA A 1186 24.71 -4.85 31.56
C ALA A 1186 25.70 -5.10 30.43
N ASN A 1187 26.67 -4.21 30.23
CA ASN A 1187 27.69 -4.36 29.18
C ASN A 1187 27.06 -4.43 27.80
N ILE A 1188 26.04 -3.60 27.57
CA ILE A 1188 25.39 -3.50 26.26
C ILE A 1188 25.58 -2.11 25.66
N SER A 1189 25.47 -1.05 26.47
CA SER A 1189 25.64 0.33 26.01
C SER A 1189 26.56 1.02 27.01
N ARG A 1190 27.86 0.76 26.89
CA ARG A 1190 28.85 1.30 27.80
C ARG A 1190 29.27 2.73 27.47
N GLU A 1191 28.53 3.42 26.61
CA GLU A 1191 28.84 4.78 26.22
C GLU A 1191 27.95 5.81 26.90
N TYR A 1192 27.02 5.38 27.75
CA TYR A 1192 26.09 6.28 28.42
C TYR A 1192 26.39 6.41 29.91
N TYR A 1193 27.63 6.12 30.33
CA TYR A 1193 28.00 6.23 31.74
C TYR A 1193 28.06 7.70 32.14
N GLY A 1194 27.09 8.15 32.93
CA GLY A 1194 27.08 9.50 33.42
C GLY A 1194 26.64 10.56 32.43
N VAL A 1195 26.12 10.17 31.27
CA VAL A 1195 25.70 11.15 30.28
C VAL A 1195 24.40 11.85 30.70
N VAL A 1196 23.64 11.25 31.61
CA VAL A 1196 22.38 11.85 32.03
C VAL A 1196 22.62 13.18 32.73
N LYS A 1197 23.62 13.24 33.60
CA LYS A 1197 23.94 14.49 34.28
C LYS A 1197 24.52 15.51 33.31
N HIS A 1198 25.36 15.05 32.37
CA HIS A 1198 25.99 15.97 31.43
C HIS A 1198 25.02 16.47 30.37
N THR A 1199 23.87 15.82 30.20
CA THR A 1199 22.86 16.27 29.25
C THR A 1199 21.73 17.02 29.94
N TYR A 1200 20.98 16.36 30.82
CA TYR A 1200 19.86 17.00 31.49
C TYR A 1200 20.35 18.10 32.43
N GLY A 1201 21.38 17.80 33.24
CA GLY A 1201 21.89 18.78 34.17
C GLY A 1201 22.56 19.98 33.51
N SER A 1202 22.98 19.84 32.26
CA SER A 1202 23.59 20.95 31.54
C SER A 1202 22.53 21.90 31.01
N GLY A 1203 22.80 23.19 31.11
CA GLY A 1203 21.90 24.20 30.61
C GLY A 1203 21.91 24.41 29.12
N VAL A 1204 22.74 23.66 28.40
CA VAL A 1204 22.82 23.81 26.95
C VAL A 1204 21.75 23.00 26.22
N PHE A 1205 21.33 21.88 26.81
CA PHE A 1205 20.39 20.98 26.15
C PHE A 1205 19.05 21.67 25.89
N TRP A 1206 18.42 22.17 26.97
CA TRP A 1206 17.12 22.81 26.85
C TRP A 1206 17.16 24.11 26.07
N LEU A 1207 18.35 24.64 25.77
CA LEU A 1207 18.45 25.85 24.97
C LEU A 1207 18.65 25.55 23.49
N THR A 1208 19.49 24.55 23.17
CA THR A 1208 19.64 24.17 21.77
C THR A 1208 18.36 23.51 21.25
N LEU A 1209 17.69 22.71 22.08
CA LEU A 1209 16.45 22.07 21.68
C LEU A 1209 15.33 23.08 21.39
N ILE A 1210 15.51 24.34 21.79
CA ILE A 1210 14.56 25.38 21.45
C ILE A 1210 15.07 26.30 20.35
N VAL A 1211 16.38 26.54 20.27
CA VAL A 1211 16.89 27.47 19.27
C VAL A 1211 17.09 26.82 17.91
N LEU A 1212 17.21 25.49 17.84
CA LEU A 1212 17.53 24.87 16.55
C LEU A 1212 16.29 24.40 15.79
N PRO A 1213 15.32 23.74 16.42
CA PRO A 1213 14.14 23.29 15.65
C PRO A 1213 13.35 24.43 15.02
N ILE A 1214 13.16 25.54 15.74
CA ILE A 1214 12.46 26.68 15.16
C ILE A 1214 13.27 27.25 14.00
N PHE A 1215 14.59 27.34 14.17
CA PHE A 1215 15.44 27.85 13.10
C PHE A 1215 15.39 26.96 11.86
N ALA A 1216 15.13 25.66 12.04
CA ALA A 1216 15.05 24.76 10.89
C ALA A 1216 13.66 24.71 10.27
N LEU A 1217 12.61 24.97 11.05
CA LEU A 1217 11.25 24.87 10.56
C LEU A 1217 10.65 26.19 10.11
N VAL A 1218 11.31 27.32 10.40
CA VAL A 1218 10.75 28.62 10.02
C VAL A 1218 10.63 28.73 8.51
N ARG A 1219 11.58 28.15 7.77
CA ARG A 1219 11.53 28.23 6.31
C ARG A 1219 10.30 27.50 5.76
N ASP A 1220 10.09 26.26 6.21
CA ASP A 1220 8.93 25.50 5.75
C ASP A 1220 7.64 26.19 6.16
N PHE A 1221 7.59 26.74 7.38
CA PHE A 1221 6.40 27.43 7.83
C PHE A 1221 6.09 28.63 6.94
N LEU A 1222 7.10 29.44 6.64
CA LEU A 1222 6.90 30.62 5.81
C LEU A 1222 6.49 30.24 4.40
N TRP A 1223 7.11 29.20 3.83
CA TRP A 1223 6.76 28.81 2.47
C TRP A 1223 5.34 28.26 2.40
N LYS A 1224 4.93 27.48 3.41
CA LYS A 1224 3.56 26.99 3.44
C LYS A 1224 2.57 28.14 3.58
N TYR A 1225 2.87 29.11 4.44
CA TYR A 1225 1.99 30.27 4.57
C TYR A 1225 1.92 31.06 3.27
N TYR A 1226 3.03 31.16 2.55
CA TYR A 1226 3.03 31.91 1.29
C TYR A 1226 2.22 31.20 0.22
N LYS A 1227 2.37 29.88 0.10
CA LYS A 1227 1.58 29.15 -0.86
C LYS A 1227 0.11 29.03 -0.46
N ARG A 1228 -0.20 29.23 0.82
CA ARG A 1228 -1.60 29.23 1.24
C ARG A 1228 -2.24 30.60 1.12
N MET A 1229 -1.46 31.68 1.17
CA MET A 1229 -2.00 33.03 1.21
C MET A 1229 -2.01 33.71 -0.16
N TYR A 1230 -0.86 33.77 -0.83
CA TYR A 1230 -0.73 34.56 -2.05
C TYR A 1230 -0.82 33.74 -3.32
N GLU A 1231 -0.39 32.49 -3.31
CA GLU A 1231 -0.45 31.62 -4.50
C GLU A 1231 -1.15 30.31 -4.13
N PRO A 1232 -2.46 30.35 -3.92
CA PRO A 1232 -3.19 29.13 -3.57
C PRO A 1232 -3.52 28.32 -4.80
N GLU A 1233 -4.25 27.23 -4.60
CA GLU A 1233 -4.77 26.41 -5.69
C GLU A 1233 -6.24 26.10 -5.44
N THR A 1234 -6.79 25.13 -6.18
CA THR A 1234 -8.20 24.79 -6.03
C THR A 1234 -8.48 24.19 -4.66
N TYR A 1235 -7.69 23.19 -4.26
CA TYR A 1235 -7.90 22.56 -2.96
C TYR A 1235 -7.66 23.55 -1.83
N HIS A 1236 -6.76 24.51 -2.02
CA HIS A 1236 -6.55 25.54 -0.99
C HIS A 1236 -7.82 26.37 -0.78
N VAL A 1237 -8.43 26.83 -1.88
CA VAL A 1237 -9.64 27.63 -1.77
C VAL A 1237 -10.78 26.81 -1.19
N ILE A 1238 -10.85 25.53 -1.57
CA ILE A 1238 -11.93 24.69 -1.06
C ILE A 1238 -11.76 24.43 0.43
N GLN A 1239 -10.53 24.19 0.89
CA GLN A 1239 -10.29 24.02 2.31
C GLN A 1239 -10.55 25.32 3.07
N GLU A 1240 -10.25 26.46 2.46
CA GLU A 1240 -10.54 27.74 3.09
C GLU A 1240 -12.05 27.91 3.28
N MET A 1241 -12.82 27.62 2.23
CA MET A 1241 -14.28 27.72 2.33
C MET A 1241 -14.84 26.71 3.33
N GLN A 1242 -14.20 25.53 3.45
CA GLN A 1242 -14.63 24.55 4.43
C GLN A 1242 -14.37 25.03 5.85
N LYS A 1243 -13.21 25.66 6.07
CA LYS A 1243 -12.87 26.13 7.41
C LYS A 1243 -13.72 27.32 7.81
N TYR A 1244 -13.96 28.25 6.89
CA TYR A 1244 -14.74 29.45 7.23
C TYR A 1244 -16.23 29.21 7.13
N ASN A 1245 -16.66 28.28 6.28
CA ASN A 1245 -18.09 27.97 6.14
C ASN A 1245 -18.34 26.48 6.36
N THR B 19 -25.48 -12.96 12.50
CA THR B 19 -25.30 -13.28 11.09
C THR B 19 -25.39 -12.02 10.24
N SER B 20 -25.77 -10.91 10.86
CA SER B 20 -25.89 -9.64 10.15
C SER B 20 -24.51 -9.12 9.78
N LYS B 21 -24.23 -9.05 8.47
CA LYS B 21 -22.94 -8.59 7.98
C LYS B 21 -22.85 -7.07 7.87
N LYS B 22 -23.74 -6.34 8.54
CA LYS B 22 -23.71 -4.89 8.47
C LYS B 22 -22.54 -4.35 9.27
N PRO B 23 -21.69 -3.51 8.68
CA PRO B 23 -20.55 -2.96 9.42
C PRO B 23 -21.01 -2.11 10.59
N PRO B 24 -20.17 -1.95 11.62
CA PRO B 24 -20.58 -1.16 12.78
C PRO B 24 -20.81 0.30 12.42
N ASN B 25 -21.61 0.96 13.25
CA ASN B 25 -21.94 2.38 13.08
C ASN B 25 -21.50 3.13 14.32
N THR B 26 -20.44 3.93 14.20
CA THR B 26 -19.94 4.69 15.33
C THR B 26 -19.22 5.93 14.80
N ALA B 27 -18.21 6.40 15.52
CA ALA B 27 -17.41 7.54 15.12
C ALA B 27 -16.07 7.17 14.50
N PHE B 28 -15.51 6.01 14.88
CA PHE B 28 -14.24 5.56 14.34
C PHE B 28 -14.41 4.75 13.06
N ARG B 29 -15.35 3.81 13.05
CA ARG B 29 -15.58 3.00 11.86
C ARG B 29 -16.19 3.79 10.71
N GLN B 30 -16.66 5.00 10.97
CA GLN B 30 -17.20 5.87 9.93
C GLN B 30 -16.29 7.05 9.63
N GLN B 31 -15.11 7.09 10.24
CA GLN B 31 -14.15 8.18 10.05
C GLN B 31 -14.78 9.53 10.36
N ARG B 32 -15.61 9.56 11.40
CA ARG B 32 -16.32 10.76 11.83
C ARG B 32 -15.80 11.27 13.17
N LEU B 33 -14.50 11.12 13.41
CA LEU B 33 -13.92 11.57 14.67
C LEU B 33 -13.80 13.08 14.71
N LYS B 34 -14.03 13.65 15.88
CA LYS B 34 -13.89 15.09 16.05
C LYS B 34 -12.44 15.51 15.90
N ALA B 35 -12.22 16.67 15.29
CA ALA B 35 -10.88 17.17 15.04
C ALA B 35 -10.94 18.67 14.84
N TRP B 36 -9.78 19.27 14.61
CA TRP B 36 -9.67 20.71 14.37
C TRP B 36 -8.72 20.94 13.21
N GLN B 37 -9.11 21.82 12.29
CA GLN B 37 -8.29 22.12 11.12
C GLN B 37 -7.55 23.42 11.34
N PRO B 38 -6.23 23.45 11.22
CA PRO B 38 -5.49 24.69 11.43
C PRO B 38 -5.64 25.63 10.25
N ILE B 39 -5.80 26.92 10.54
CA ILE B 39 -5.96 27.96 9.54
C ILE B 39 -4.70 28.81 9.52
N LEU B 40 -4.15 29.03 8.33
CA LEU B 40 -2.95 29.84 8.16
C LEU B 40 -3.28 31.28 7.84
N SER B 41 -4.30 31.85 8.49
CA SER B 41 -4.64 33.24 8.28
C SER B 41 -3.53 34.14 8.81
N PRO B 42 -3.30 35.29 8.17
CA PRO B 42 -2.28 36.22 8.68
C PRO B 42 -2.52 36.65 10.12
N GLN B 43 -3.79 36.76 10.53
CA GLN B 43 -4.10 37.06 11.92
C GLN B 43 -3.66 35.95 12.86
N SER B 44 -3.43 34.75 12.33
CA SER B 44 -2.96 33.62 13.14
C SER B 44 -1.49 33.30 12.88
N VAL B 45 -0.81 34.08 12.05
CA VAL B 45 0.59 33.87 11.73
C VAL B 45 1.47 35.00 12.24
N LEU B 46 1.06 36.24 11.99
CA LEU B 46 1.87 37.39 12.42
C LEU B 46 2.01 37.48 13.94
N PRO B 47 0.96 37.30 14.76
CA PRO B 47 1.19 37.30 16.21
C PRO B 47 2.17 36.24 16.66
N LEU B 48 2.15 35.06 16.04
CA LEU B 48 3.09 34.01 16.39
C LEU B 48 4.53 34.46 16.17
N LEU B 49 4.80 35.04 15.01
CA LEU B 49 6.16 35.47 14.68
C LEU B 49 6.62 36.62 15.56
N ILE B 50 5.73 37.60 15.80
CA ILE B 50 6.14 38.72 16.64
C ILE B 50 6.35 38.27 18.08
N PHE B 51 5.58 37.28 18.54
CA PHE B 51 5.80 36.75 19.89
C PHE B 51 7.11 35.97 19.97
N VAL B 52 7.42 35.19 18.94
CA VAL B 52 8.70 34.48 18.91
C VAL B 52 9.86 35.47 18.96
N ALA B 53 9.76 36.57 18.19
CA ALA B 53 10.82 37.57 18.21
C ALA B 53 10.92 38.25 19.57
N CYS B 54 9.77 38.61 20.17
CA CYS B 54 9.76 39.30 21.44
C CYS B 54 10.21 38.41 22.59
N ILE B 55 10.14 37.09 22.44
CA ILE B 55 10.66 36.20 23.48
C ILE B 55 12.10 35.75 23.21
N PHE B 56 12.57 35.84 21.96
CA PHE B 56 13.93 35.45 21.66
C PHE B 56 14.93 36.60 21.77
N THR B 57 14.47 37.85 21.62
CA THR B 57 15.40 38.97 21.77
C THR B 57 15.94 39.09 23.19
N PRO B 58 15.13 39.08 24.25
CA PRO B 58 15.72 39.16 25.60
C PRO B 58 16.59 37.97 25.94
N ILE B 59 16.19 36.77 25.54
CA ILE B 59 17.01 35.59 25.80
C ILE B 59 18.34 35.72 25.06
N GLY B 60 18.31 36.20 23.82
CA GLY B 60 19.54 36.37 23.07
C GLY B 60 20.48 37.37 23.70
N ILE B 61 19.95 38.53 24.11
CA ILE B 61 20.81 39.54 24.71
C ILE B 61 21.33 39.08 26.06
N GLY B 62 20.52 38.34 26.83
CA GLY B 62 21.01 37.79 28.08
C GLY B 62 22.11 36.76 27.86
N LEU B 63 21.98 35.93 26.82
CA LEU B 63 23.01 34.95 26.53
C LEU B 63 24.31 35.61 26.09
N ILE B 64 24.22 36.65 25.25
CA ILE B 64 25.46 37.31 24.83
C ILE B 64 26.08 38.08 25.98
N VAL B 65 25.28 38.61 26.89
CA VAL B 65 25.83 39.28 28.06
C VAL B 65 26.53 38.27 28.97
N SER B 66 25.92 37.10 29.16
CA SER B 66 26.54 36.08 29.99
C SER B 66 27.83 35.56 29.36
N ALA B 67 27.86 35.44 28.03
CA ALA B 67 29.08 35.02 27.35
C ALA B 67 30.13 36.12 27.31
N THR B 68 29.74 37.38 27.46
CA THR B 68 30.70 38.47 27.49
C THR B 68 31.50 38.48 28.79
N LYS B 69 30.88 38.07 29.90
CA LYS B 69 31.54 38.09 31.21
C LYS B 69 32.64 37.04 31.34
N VAL B 70 32.84 36.19 30.34
CA VAL B 70 33.89 35.17 30.41
C VAL B 70 35.23 35.86 30.21
N GLN B 71 36.03 35.92 31.27
CA GLN B 71 37.36 36.53 31.23
C GLN B 71 38.39 35.42 31.34
N ASP B 72 39.12 35.16 30.26
CA ASP B 72 40.04 34.04 30.20
C ASP B 72 41.31 34.45 29.47
N LEU B 73 42.21 33.49 29.30
CA LEU B 73 43.49 33.74 28.66
C LEU B 73 43.98 32.46 28.02
N THR B 74 44.72 32.60 26.92
CA THR B 74 45.28 31.47 26.19
C THR B 74 46.64 31.88 25.64
N ILE B 75 47.66 31.08 25.94
CA ILE B 75 49.02 31.35 25.49
C ILE B 75 49.50 30.14 24.70
N ASP B 76 49.84 30.36 23.44
CA ASP B 76 50.37 29.31 22.57
C ASP B 76 51.84 29.12 22.91
N TYR B 77 52.10 28.33 23.94
CA TYR B 77 53.46 28.12 24.40
C TYR B 77 54.27 27.21 23.49
N SER B 78 53.77 26.84 22.31
CA SER B 78 54.55 26.04 21.39
C SER B 78 55.74 26.83 20.86
N HIS B 79 56.69 26.12 20.24
CA HIS B 79 57.92 26.69 19.71
C HIS B 79 58.76 27.38 20.78
N CYS B 80 58.49 27.10 22.06
CA CYS B 80 59.28 27.67 23.14
C CYS B 80 60.69 27.08 23.20
N ASP B 81 60.90 25.93 22.55
CA ASP B 81 62.23 25.32 22.53
C ASP B 81 63.16 25.96 21.51
N THR B 82 62.62 26.68 20.54
CA THR B 82 63.44 27.29 19.49
C THR B 82 63.25 28.79 19.36
N LYS B 83 62.01 29.29 19.49
CA LYS B 83 61.70 30.70 19.28
C LYS B 83 61.63 31.47 20.58
N ALA B 84 62.21 30.96 21.66
CA ALA B 84 62.21 31.64 22.95
C ALA B 84 63.64 31.83 23.42
N SER B 85 63.86 32.92 24.17
CA SER B 85 65.18 33.23 24.69
C SER B 85 65.58 32.26 25.79
N THR B 86 66.84 32.34 26.20
CA THR B 86 67.39 31.48 27.24
C THR B 86 67.94 32.25 28.42
N THR B 87 68.62 33.37 28.18
CA THR B 87 69.23 34.13 29.27
C THR B 87 68.27 35.09 29.95
N ALA B 88 67.20 35.50 29.26
CA ALA B 88 66.24 36.43 29.84
C ALA B 88 64.85 36.13 29.28
N PHE B 89 63.85 36.76 29.89
CA PHE B 89 62.46 36.59 29.48
C PHE B 89 62.16 37.58 28.37
N GLU B 90 62.19 37.12 27.12
CA GLU B 90 61.85 37.96 26.00
C GLU B 90 60.34 38.02 25.82
N ASP B 91 59.87 39.09 25.17
CA ASP B 91 58.45 39.27 24.95
C ASP B 91 57.91 38.22 23.99
N ILE B 92 56.70 37.75 24.26
CA ILE B 92 56.03 36.80 23.37
C ILE B 92 55.33 37.57 22.25
N PRO B 93 55.48 37.17 21.00
CA PRO B 93 54.79 37.88 19.90
C PRO B 93 53.29 37.88 20.11
N LYS B 94 52.66 38.98 19.71
CA LYS B 94 51.21 39.11 19.84
C LYS B 94 50.45 38.10 18.98
N LYS B 95 51.13 37.45 18.03
CA LYS B 95 50.48 36.42 17.21
C LYS B 95 49.97 35.27 18.07
N TYR B 96 50.65 34.95 19.17
CA TYR B 96 50.32 33.79 19.97
C TYR B 96 49.38 34.12 21.13
N ILE B 97 49.67 35.19 21.86
CA ILE B 97 48.94 35.48 23.09
C ILE B 97 47.52 35.92 22.76
N LYS B 98 46.57 35.46 23.57
CA LYS B 98 45.18 35.89 23.49
C LYS B 98 44.64 36.04 24.90
N TYR B 99 43.84 37.07 25.13
CA TYR B 99 43.34 37.34 26.47
C TYR B 99 42.07 38.17 26.39
N HIS B 100 41.14 37.91 27.32
CA HIS B 100 39.89 38.66 27.40
C HIS B 100 39.62 38.90 28.89
N PHE B 101 39.90 40.11 29.35
CA PHE B 101 39.71 40.49 30.74
C PHE B 101 38.86 41.74 30.83
N LYS B 102 38.45 42.06 32.06
CA LYS B 102 37.63 43.25 32.27
C LYS B 102 38.44 44.53 32.09
N SER B 103 39.74 44.47 32.37
CA SER B 103 40.63 45.61 32.21
C SER B 103 41.63 45.35 31.10
N LYS B 104 42.43 46.37 30.79
CA LYS B 104 43.41 46.29 29.73
C LYS B 104 44.72 45.72 30.25
N VAL B 105 45.47 45.10 29.34
CA VAL B 105 46.76 44.51 29.67
C VAL B 105 47.85 45.56 29.47
N GLU B 106 48.69 45.75 30.48
CA GLU B 106 49.76 46.74 30.44
C GLU B 106 51.11 46.14 30.07
N ASN B 107 51.45 44.98 30.62
CA ASN B 107 52.74 44.34 30.37
C ASN B 107 52.53 43.13 29.46
N LYS B 108 53.36 43.03 28.43
CA LYS B 108 53.24 41.94 27.49
C LYS B 108 53.72 40.63 28.12
N PRO B 109 53.03 39.52 27.91
CA PRO B 109 53.49 38.24 28.43
C PRO B 109 54.85 37.87 27.88
N GLN B 110 55.69 37.27 28.72
CA GLN B 110 57.05 36.91 28.37
C GLN B 110 57.26 35.43 28.63
N TRP B 111 58.36 34.90 28.10
CA TRP B 111 58.68 33.49 28.28
C TRP B 111 60.20 33.30 28.25
N ARG B 112 60.63 32.18 28.81
CA ARG B 112 62.04 31.83 28.82
C ARG B 112 62.18 30.32 28.71
N LEU B 113 63.33 29.87 28.23
CA LEU B 113 63.66 28.46 28.11
C LEU B 113 64.72 28.11 29.14
N THR B 114 64.40 27.21 30.05
CA THR B 114 65.33 26.79 31.10
C THR B 114 65.44 25.27 31.05
N GLU B 115 66.66 24.77 30.88
CA GLU B 115 66.93 23.34 30.83
C GLU B 115 67.81 22.94 32.00
N ASN B 116 67.61 21.72 32.49
CA ASN B 116 68.35 21.23 33.64
C ASN B 116 69.14 19.96 33.30
N GLU B 117 69.21 19.03 34.24
CA GLU B 117 69.99 17.81 34.05
C GLU B 117 69.30 16.91 33.02
N ASN B 118 70.13 16.11 32.33
CA ASN B 118 69.69 15.15 31.33
C ASN B 118 68.94 15.81 30.17
N GLY B 119 69.22 17.09 29.92
CA GLY B 119 68.58 17.79 28.81
C GLY B 119 67.09 17.95 28.96
N GLU B 120 66.59 17.95 30.20
CA GLU B 120 65.16 18.12 30.45
C GLU B 120 64.81 19.59 30.29
N GLN B 121 64.47 19.97 29.06
CA GLN B 121 64.11 21.35 28.77
C GLN B 121 62.76 21.68 29.40
N SER B 122 62.55 22.98 29.64
CA SER B 122 61.32 23.45 30.25
C SER B 122 61.07 24.89 29.81
N CYS B 123 59.80 25.26 29.73
CA CYS B 123 59.38 26.59 29.33
C CYS B 123 58.77 27.28 30.53
N GLU B 124 59.29 28.46 30.86
CA GLU B 124 58.76 29.27 31.96
C GLU B 124 58.04 30.45 31.36
N LEU B 125 56.71 30.43 31.46
CA LEU B 125 55.88 31.53 31.00
C LEU B 125 55.63 32.50 32.14
N GLN B 126 55.42 33.77 31.80
CA GLN B 126 55.16 34.80 32.80
C GLN B 126 54.16 35.78 32.23
N PHE B 127 53.01 35.90 32.90
CA PHE B 127 51.94 36.78 32.45
C PHE B 127 51.45 37.62 33.63
N GLU B 128 50.41 38.42 33.37
CA GLU B 128 49.88 39.33 34.37
C GLU B 128 48.36 39.29 34.33
N ILE B 129 47.74 39.04 35.48
CA ILE B 129 46.29 39.10 35.64
C ILE B 129 45.95 40.49 36.18
N PRO B 130 45.27 41.34 35.42
CA PRO B 130 45.07 42.73 35.85
C PRO B 130 43.90 42.96 36.78
N ASN B 131 43.11 41.93 37.10
CA ASN B 131 41.96 42.12 37.97
C ASN B 131 41.70 40.84 38.75
N ASP B 132 41.16 41.01 39.96
CA ASP B 132 40.86 39.87 40.81
C ASP B 132 39.66 39.12 40.25
N ILE B 133 39.85 37.83 39.95
CA ILE B 133 38.79 36.98 39.43
C ILE B 133 38.03 36.38 40.61
N LYS B 134 36.74 36.68 40.71
CA LYS B 134 35.95 36.17 41.84
C LYS B 134 35.55 34.72 41.65
N LYS B 135 35.29 34.29 40.43
CA LYS B 135 34.87 32.91 40.18
C LYS B 135 36.05 31.95 40.30
N SER B 136 35.73 30.66 40.31
CA SER B 136 36.75 29.63 40.36
C SER B 136 37.58 29.64 39.08
N ILE B 137 38.78 29.07 39.18
CA ILE B 137 39.75 29.08 38.07
C ILE B 137 39.96 27.65 37.59
N PHE B 138 40.09 27.49 36.28
CA PHE B 138 40.40 26.21 35.67
C PHE B 138 41.52 26.40 34.65
N ILE B 139 42.37 25.39 34.52
CA ILE B 139 43.54 25.43 33.65
C ILE B 139 43.56 24.16 32.82
N TYR B 140 43.46 24.32 31.51
CA TYR B 140 43.47 23.25 30.52
C TYR B 140 44.63 23.43 29.57
N TYR B 141 44.88 22.40 28.76
CA TYR B 141 45.76 22.51 27.61
C TYR B 141 44.94 22.28 26.35
N LYS B 142 44.93 23.26 25.47
CA LYS B 142 44.22 23.18 24.19
C LYS B 142 45.17 22.62 23.14
N ILE B 143 44.75 21.53 22.50
CA ILE B 143 45.52 20.88 21.44
C ILE B 143 44.72 21.00 20.15
N THR B 144 45.37 21.48 19.10
CA THR B 144 44.73 21.69 17.81
C THR B 144 45.26 20.70 16.79
N ASN B 145 44.39 20.29 15.86
CA ASN B 145 44.74 19.36 14.79
C ASN B 145 45.18 18.01 15.35
N PHE B 146 44.53 17.58 16.43
CA PHE B 146 44.76 16.28 17.04
C PHE B 146 43.41 15.59 17.11
N TYR B 147 43.03 14.94 16.02
CA TYR B 147 41.71 14.35 15.89
C TYR B 147 41.53 13.18 16.85
N GLN B 148 40.94 13.44 18.03
CA GLN B 148 40.61 12.36 18.94
C GLN B 148 39.34 11.62 18.50
N ASN B 149 38.46 12.29 17.78
CA ASN B 149 37.23 11.66 17.29
C ASN B 149 37.46 10.72 16.12
N HIS B 150 38.71 10.43 15.76
CA HIS B 150 38.99 9.46 14.71
C HIS B 150 38.46 8.09 15.12
N ARG B 151 37.95 7.34 14.14
CA ARG B 151 37.31 6.06 14.43
C ARG B 151 38.31 5.07 15.03
N ARG B 152 39.51 5.01 14.48
CA ARG B 152 40.53 4.09 15.00
C ARG B 152 41.07 4.52 16.36
N TYR B 153 40.73 5.71 16.83
CA TYR B 153 41.27 6.24 18.07
C TYR B 153 40.31 6.22 19.23
N VAL B 154 38.99 6.37 18.98
CA VAL B 154 38.05 6.54 20.08
C VAL B 154 37.71 5.20 20.72
N GLN B 155 37.60 4.13 19.93
CA GLN B 155 37.16 2.84 20.42
C GLN B 155 38.30 1.89 20.76
N SER B 156 39.55 2.35 20.67
CA SER B 156 40.70 1.47 20.86
C SER B 156 41.21 1.57 22.29
N PHE B 157 40.42 0.99 23.21
CA PHE B 157 40.83 0.85 24.59
C PHE B 157 39.90 -0.14 25.27
N ASP B 158 40.47 -0.97 26.15
CA ASP B 158 39.72 -1.99 26.85
C ASP B 158 39.21 -1.43 28.18
N THR B 159 37.96 -1.79 28.51
CA THR B 159 37.35 -1.30 29.74
C THR B 159 37.56 -2.24 30.92
N LYS B 160 37.76 -3.53 30.66
CA LYS B 160 38.01 -4.47 31.76
C LYS B 160 39.34 -4.20 32.42
N GLN B 161 40.38 -3.88 31.64
CA GLN B 161 41.67 -3.50 32.22
C GLN B 161 41.57 -2.19 32.98
N ILE B 162 40.63 -1.33 32.59
CA ILE B 162 40.39 -0.11 33.36
C ILE B 162 39.72 -0.45 34.69
N LEU B 163 38.77 -1.38 34.68
CA LEU B 163 38.11 -1.80 35.91
C LEU B 163 39.06 -2.54 36.84
N GLY B 164 40.17 -3.06 36.34
CA GLY B 164 41.15 -3.72 37.18
C GLY B 164 40.98 -5.22 37.27
N GLU B 165 41.39 -5.93 36.24
CA GLU B 165 41.35 -7.40 36.22
C GLU B 165 42.58 -7.91 35.49
N PRO B 166 43.09 -9.08 35.86
CA PRO B 166 44.24 -9.67 35.15
C PRO B 166 43.82 -10.43 33.89
N ILE B 167 43.51 -9.66 32.85
CA ILE B 167 43.08 -10.24 31.58
C ILE B 167 44.28 -10.91 30.91
N LYS B 168 44.07 -12.15 30.44
CA LYS B 168 45.14 -12.90 29.80
C LYS B 168 45.46 -12.32 28.43
N LYS B 169 46.53 -12.84 27.81
CA LYS B 169 46.95 -12.35 26.52
C LYS B 169 45.91 -12.65 25.44
N ASP B 170 45.36 -13.85 25.43
CA ASP B 170 44.38 -14.22 24.41
C ASP B 170 43.01 -13.59 24.63
N ASP B 171 42.79 -12.96 25.78
CA ASP B 171 41.51 -12.32 26.09
C ASP B 171 41.58 -10.80 25.98
N LEU B 172 42.68 -10.25 25.46
CA LEU B 172 42.80 -8.81 25.31
C LEU B 172 41.84 -8.29 24.25
N ASP B 173 41.54 -7.00 24.34
CA ASP B 173 40.61 -6.38 23.40
C ASP B 173 41.23 -6.33 22.00
N THR B 174 40.41 -6.64 21.01
CA THR B 174 40.86 -6.61 19.62
C THR B 174 40.89 -5.19 19.04
N SER B 175 40.41 -4.19 19.79
CA SER B 175 40.45 -2.82 19.29
C SER B 175 41.87 -2.25 19.36
N CYS B 176 42.60 -2.56 20.43
CA CYS B 176 43.99 -2.14 20.57
C CYS B 176 44.91 -3.20 19.95
N SER B 177 44.73 -3.41 18.65
CA SER B 177 45.46 -4.48 17.97
C SER B 177 46.95 -4.19 17.80
N PRO B 178 47.38 -3.04 17.27
CA PRO B 178 48.82 -2.84 17.09
C PRO B 178 49.60 -2.78 18.39
N ILE B 179 49.10 -2.05 19.38
CA ILE B 179 49.76 -1.97 20.69
C ILE B 179 49.12 -3.06 21.54
N ARG B 180 49.57 -4.30 21.33
CA ARG B 180 49.04 -5.46 22.03
C ARG B 180 50.13 -6.49 22.18
N SER B 181 50.48 -6.81 23.42
CA SER B 181 51.46 -7.84 23.74
C SER B 181 52.80 -7.58 23.05
N ARG B 182 53.62 -6.73 23.64
CA ARG B 182 54.94 -6.45 23.10
C ARG B 182 55.96 -7.43 23.67
N GLU B 183 56.92 -7.82 22.83
CA GLU B 183 57.97 -8.79 23.15
C GLU B 183 57.43 -9.95 23.98
N ASP B 184 56.28 -10.48 23.54
CA ASP B 184 55.62 -11.62 24.17
C ASP B 184 55.29 -11.35 25.64
N LYS B 185 54.95 -10.11 25.96
CA LYS B 185 54.57 -9.71 27.31
C LYS B 185 53.33 -8.85 27.23
N ILE B 186 52.36 -9.13 28.11
CA ILE B 186 51.07 -8.46 28.06
C ILE B 186 51.27 -6.98 28.37
N ILE B 187 50.88 -6.11 27.44
CA ILE B 187 50.94 -4.67 27.67
C ILE B 187 49.83 -4.27 28.63
N TYR B 188 50.18 -3.53 29.68
CA TYR B 188 49.18 -3.16 30.67
C TYR B 188 48.13 -2.21 30.11
N PRO B 189 48.48 -1.05 29.52
CA PRO B 189 47.44 -0.18 28.97
C PRO B 189 47.22 -0.39 27.48
N CYS B 190 46.59 -1.51 27.11
CA CYS B 190 46.33 -1.82 25.71
C CYS B 190 45.37 -0.79 25.15
N GLY B 191 45.90 0.21 24.45
CA GLY B 191 45.06 1.25 23.88
C GLY B 191 45.85 2.41 23.30
N LEU B 192 45.39 2.93 22.15
CA LEU B 192 46.08 4.05 21.53
C LEU B 192 45.89 5.34 22.32
N ILE B 193 44.80 5.44 23.08
CA ILE B 193 44.58 6.63 23.88
C ILE B 193 45.56 6.67 25.05
N ALA B 194 45.83 5.52 25.66
CA ALA B 194 46.77 5.47 26.77
C ALA B 194 48.21 5.71 26.32
N ASN B 195 48.54 5.29 25.10
CA ASN B 195 49.90 5.47 24.60
C ASN B 195 50.19 6.94 24.33
N SER B 196 49.40 7.57 23.46
CA SER B 196 49.58 8.99 23.13
C SER B 196 48.88 9.82 24.20
N MET B 197 49.57 10.02 25.32
CA MET B 197 49.06 10.79 26.44
C MET B 197 49.85 12.08 26.58
N PHE B 198 49.13 13.18 26.82
CA PHE B 198 49.76 14.47 27.02
C PHE B 198 50.49 14.48 28.36
N ASN B 199 51.80 14.73 28.33
CA ASN B 199 52.66 14.60 29.50
C ASN B 199 53.50 15.85 29.71
N ASP B 200 52.86 17.02 29.63
CA ASP B 200 53.50 18.29 29.96
C ASP B 200 53.12 18.63 31.39
N THR B 201 53.99 18.28 32.33
CA THR B 201 53.71 18.49 33.74
C THR B 201 53.66 19.97 34.07
N PHE B 202 52.57 20.40 34.69
CA PHE B 202 52.43 21.78 35.13
C PHE B 202 52.98 21.95 36.54
N SER B 203 53.24 23.21 36.90
CA SER B 203 53.83 23.51 38.20
C SER B 203 52.86 23.29 39.36
N GLN B 204 51.58 23.06 39.08
CA GLN B 204 50.55 22.79 40.09
C GLN B 204 50.34 24.01 41.00
N VAL B 205 51.00 25.12 40.69
CA VAL B 205 50.85 26.35 41.46
C VAL B 205 51.37 27.50 40.62
N LEU B 206 50.62 28.61 40.63
CA LEU B 206 51.04 29.82 39.93
C LEU B 206 52.00 30.59 40.82
N SER B 207 53.26 30.68 40.40
CA SER B 207 54.28 31.35 41.21
C SER B 207 54.11 32.85 41.09
N GLY B 208 53.68 33.50 42.18
CA GLY B 208 53.52 34.94 42.15
C GLY B 208 54.88 35.63 42.19
N ILE B 209 54.99 36.73 41.46
CA ILE B 209 56.23 37.50 41.37
C ILE B 209 55.96 38.93 41.83
N ASP B 210 56.92 39.50 42.56
CA ASP B 210 56.87 40.88 43.01
C ASP B 210 55.69 41.13 43.94
N ASP B 211 55.88 40.84 45.23
CA ASP B 211 54.90 41.15 46.28
C ASP B 211 53.56 40.47 46.03
N THR B 212 53.57 39.32 45.35
CA THR B 212 52.36 38.55 45.07
C THR B 212 52.59 37.12 45.53
N GLU B 213 51.72 36.64 46.42
CA GLU B 213 51.84 35.28 46.92
C GLU B 213 51.47 34.28 45.83
N ASP B 214 51.79 33.01 46.09
CA ASP B 214 51.48 31.95 45.14
C ASP B 214 49.98 31.63 45.19
N TYR B 215 49.55 30.72 44.33
CA TYR B 215 48.15 30.33 44.22
C TYR B 215 48.09 28.82 43.98
N ASN B 216 47.81 28.07 45.04
CA ASN B 216 47.75 26.62 44.95
C ASN B 216 46.52 26.20 44.13
N LEU B 217 46.64 25.02 43.50
CA LEU B 217 45.59 24.49 42.65
C LEU B 217 45.31 23.05 43.01
N THR B 218 44.07 22.62 42.79
CA THR B 218 43.67 21.24 43.04
C THR B 218 43.96 20.40 41.81
N ASN B 219 44.59 19.24 42.02
CA ASN B 219 44.95 18.36 40.92
C ASN B 219 44.01 17.18 40.76
N LYS B 220 43.28 16.81 41.81
CA LYS B 220 42.34 15.70 41.76
C LYS B 220 40.91 16.22 41.68
N HIS B 221 39.96 15.30 41.61
CA HIS B 221 38.53 15.61 41.48
C HIS B 221 38.26 16.49 40.26
N ILE B 222 38.89 16.15 39.14
CA ILE B 222 38.72 16.89 37.91
C ILE B 222 37.99 16.10 36.82
N SER B 223 38.09 14.78 36.84
CA SER B 223 37.42 13.96 35.84
C SER B 223 35.97 13.72 36.24
N TRP B 224 35.27 12.88 35.47
CA TRP B 224 33.90 12.56 35.77
C TRP B 224 33.80 11.70 37.04
N SER B 225 32.62 11.70 37.63
CA SER B 225 32.39 10.85 38.80
C SER B 225 32.42 9.37 38.42
N ILE B 226 31.83 9.03 37.27
CA ILE B 226 31.80 7.64 36.83
C ILE B 226 33.20 7.15 36.50
N ASP B 227 34.09 8.05 36.08
CA ASP B 227 35.48 7.65 35.84
C ASP B 227 36.17 7.28 37.14
N ARG B 228 36.05 8.13 38.17
CA ARG B 228 36.63 7.80 39.46
C ARG B 228 35.97 6.57 40.07
N HIS B 229 34.73 6.28 39.69
CA HIS B 229 34.04 5.12 40.23
C HIS B 229 34.36 3.83 39.48
N ARG B 230 34.80 3.93 38.22
CA ARG B 230 35.13 2.76 37.41
C ARG B 230 36.62 2.50 37.30
N PHE B 231 37.43 3.54 37.16
CA PHE B 231 38.88 3.38 37.11
C PHE B 231 39.41 2.87 38.45
N LYS B 232 39.46 1.55 38.60
CA LYS B 232 39.91 0.93 39.84
C LYS B 232 41.37 0.50 39.71
N THR B 233 42.07 0.51 40.84
CA THR B 233 43.48 0.13 40.85
C THR B 233 43.64 -1.31 40.42
N THR B 234 44.59 -1.56 39.52
CA THR B 234 44.79 -2.88 38.96
C THR B 234 45.32 -3.84 40.02
N LYS B 235 45.32 -5.13 39.67
CA LYS B 235 45.80 -6.19 40.56
C LYS B 235 46.83 -7.06 39.87
N TYR B 236 47.56 -6.49 38.90
CA TYR B 236 48.62 -7.23 38.22
C TYR B 236 49.84 -7.37 39.14
N ASN B 237 50.85 -8.05 38.63
CA ASN B 237 52.12 -8.25 39.35
C ASN B 237 53.11 -7.20 38.85
N ALA B 238 54.30 -7.58 38.36
CA ALA B 238 55.27 -6.60 37.88
C ALA B 238 56.21 -7.22 36.85
N SER B 239 56.06 -8.53 36.64
CA SER B 239 56.89 -9.26 35.68
C SER B 239 56.12 -9.67 34.44
N ASP B 240 54.84 -9.34 34.34
CA ASP B 240 54.03 -9.70 33.19
C ASP B 240 53.48 -8.50 32.41
N ILE B 241 53.53 -7.30 32.98
CA ILE B 241 53.04 -6.10 32.33
C ILE B 241 54.22 -5.23 31.95
N VAL B 242 54.13 -4.61 30.77
CA VAL B 242 55.19 -3.74 30.27
C VAL B 242 54.56 -2.41 29.84
N PRO B 243 55.26 -1.29 30.00
CA PRO B 243 54.71 0.00 29.59
C PRO B 243 54.60 0.10 28.08
N PRO B 244 53.75 0.97 27.56
CA PRO B 244 53.68 1.18 26.11
C PRO B 244 54.94 1.86 25.62
N PRO B 245 55.20 1.83 24.30
CA PRO B 245 56.43 2.44 23.78
C PRO B 245 56.57 3.92 24.11
N ASN B 246 55.48 4.63 24.37
CA ASN B 246 55.55 6.05 24.72
C ASN B 246 55.71 6.30 26.21
N TRP B 247 55.86 5.25 27.02
CA TRP B 247 56.04 5.39 28.46
C TRP B 247 57.41 4.89 28.92
N MET B 248 58.32 4.57 28.00
CA MET B 248 59.59 3.99 28.38
C MET B 248 60.52 5.00 29.05
N LYS B 249 60.30 6.30 28.85
CA LYS B 249 61.19 7.30 29.42
C LYS B 249 60.93 7.51 30.91
N LYS B 250 59.70 7.90 31.26
CA LYS B 250 59.40 8.19 32.65
C LYS B 250 59.40 6.92 33.50
N TYR B 251 59.08 5.76 32.90
CA TYR B 251 59.06 4.48 33.59
C TYR B 251 60.04 3.54 32.88
N PRO B 252 61.34 3.70 33.11
CA PRO B 252 62.32 2.83 32.47
C PRO B 252 62.41 1.49 33.20
N ASP B 253 63.11 0.56 32.55
CA ASP B 253 63.35 -0.79 33.10
C ASP B 253 62.05 -1.52 33.38
N GLY B 254 61.00 -1.22 32.63
CA GLY B 254 59.72 -1.88 32.80
C GLY B 254 59.03 -1.49 34.09
N TYR B 255 57.94 -2.22 34.37
CA TYR B 255 57.15 -1.99 35.57
C TYR B 255 57.74 -2.74 36.75
N THR B 256 57.64 -2.14 37.93
CA THR B 256 58.11 -2.78 39.15
C THR B 256 57.00 -2.81 40.20
N ASP B 257 57.33 -3.24 41.42
CA ASP B 257 56.32 -3.32 42.48
C ASP B 257 55.93 -1.93 42.97
N GLU B 258 56.84 -0.96 42.90
CA GLU B 258 56.57 0.40 43.37
C GLU B 258 56.18 1.34 42.24
N ASN B 259 56.82 1.22 41.08
CA ASN B 259 56.50 2.09 39.95
C ASN B 259 55.20 1.71 39.26
N LEU B 260 54.52 0.67 39.71
CA LEU B 260 53.24 0.27 39.15
C LEU B 260 52.23 1.39 39.36
N PRO B 261 51.72 2.02 38.30
CA PRO B 261 50.79 3.14 38.49
C PRO B 261 49.44 2.68 39.01
N ASP B 262 48.76 3.59 39.69
CA ASP B 262 47.43 3.36 40.23
C ASP B 262 46.46 4.26 39.47
N ILE B 263 45.71 3.67 38.54
CA ILE B 263 44.81 4.44 37.69
C ILE B 263 43.61 5.00 38.43
N HIS B 264 43.44 4.65 39.71
CA HIS B 264 42.35 5.22 40.49
C HIS B 264 42.71 6.60 41.02
N THR B 265 43.97 6.81 41.40
CA THR B 265 44.42 8.11 41.87
C THR B 265 45.01 8.95 40.75
N TRP B 266 45.69 8.32 39.79
CA TRP B 266 46.24 9.03 38.64
C TRP B 266 45.11 9.58 37.78
N GLU B 267 44.64 10.79 38.10
CA GLU B 267 43.42 11.30 37.49
C GLU B 267 43.66 11.91 36.11
N GLU B 268 44.87 12.36 35.81
CA GLU B 268 45.15 12.89 34.48
C GLU B 268 44.93 11.82 33.42
N PHE B 269 45.29 10.57 33.73
CA PHE B 269 45.02 9.47 32.81
C PHE B 269 43.52 9.28 32.60
N GLN B 270 42.73 9.45 33.67
CA GLN B 270 41.29 9.34 33.53
C GLN B 270 40.72 10.48 32.69
N VAL B 271 41.31 11.67 32.79
CA VAL B 271 40.83 12.80 32.01
C VAL B 271 41.16 12.61 30.54
N TRP B 272 42.37 12.11 30.24
CA TRP B 272 42.78 11.95 28.85
C TRP B 272 42.03 10.83 28.14
N MET B 273 41.48 9.86 28.88
CA MET B 273 40.78 8.76 28.23
C MET B 273 39.44 9.20 27.65
N ARG B 274 38.84 10.25 28.20
CA ARG B 274 37.57 10.77 27.67
C ARG B 274 37.81 11.38 26.31
N THR B 275 37.33 10.70 25.27
CA THR B 275 37.52 11.17 23.90
C THR B 275 36.78 12.48 23.67
N ALA B 276 37.48 13.47 23.10
CA ALA B 276 36.89 14.75 22.81
C ALA B 276 36.00 14.64 21.57
N ALA B 277 35.47 15.78 21.11
CA ALA B 277 34.54 15.79 19.99
C ALA B 277 35.12 16.40 18.72
N PHE B 278 36.04 17.34 18.84
CA PHE B 278 36.59 18.05 17.68
C PHE B 278 38.07 18.28 17.90
N PRO B 279 38.84 18.46 16.83
CA PRO B 279 40.28 18.69 16.98
C PRO B 279 40.63 19.98 17.71
N LYS B 280 39.66 20.84 18.00
CA LYS B 280 39.85 22.03 18.81
C LYS B 280 39.13 21.77 20.14
N PHE B 281 39.87 21.24 21.11
CA PHE B 281 39.28 20.78 22.36
C PHE B 281 40.13 21.21 23.54
N TYR B 282 39.60 21.00 24.73
CA TYR B 282 40.30 21.23 25.99
C TYR B 282 40.43 19.91 26.74
N LYS B 283 41.30 19.92 27.75
CA LYS B 283 41.48 18.79 28.65
C LYS B 283 41.76 19.33 30.04
N LEU B 284 40.88 19.04 30.99
CA LEU B 284 41.00 19.62 32.32
C LEU B 284 42.24 19.09 33.02
N THR B 285 43.11 19.99 33.47
CA THR B 285 44.32 19.63 34.18
C THR B 285 44.34 20.13 35.61
N LEU B 286 44.11 21.43 35.83
CA LEU B 286 44.16 21.99 37.17
C LEU B 286 42.92 22.82 37.44
N LYS B 287 42.58 22.96 38.72
CA LYS B 287 41.41 23.74 39.10
C LYS B 287 41.60 24.29 40.51
N ASN B 288 40.85 25.34 40.80
CA ASN B 288 40.82 25.92 42.13
C ASN B 288 39.44 26.55 42.33
N GLU B 289 38.70 26.01 43.31
CA GLU B 289 37.34 26.46 43.59
C GLU B 289 37.17 26.88 45.05
N SER B 290 38.28 27.12 45.75
CA SER B 290 38.24 27.44 47.17
C SER B 290 38.45 28.92 47.47
N ALA B 291 39.17 29.64 46.62
CA ALA B 291 39.46 31.04 46.87
C ALA B 291 39.62 31.77 45.55
N SER B 292 39.57 33.10 45.62
CA SER B 292 39.69 33.93 44.44
C SER B 292 41.15 34.15 44.07
N LEU B 293 41.38 34.34 42.77
CA LEU B 293 42.73 34.58 42.26
C LEU B 293 42.99 36.08 42.24
N PRO B 294 43.89 36.59 43.08
CA PRO B 294 44.16 38.03 43.09
C PRO B 294 44.98 38.46 41.88
N LYS B 295 44.91 39.75 41.60
CA LYS B 295 45.65 40.32 40.48
C LYS B 295 47.14 40.33 40.78
N GLY B 296 47.94 40.37 39.72
CA GLY B 296 49.38 40.46 39.85
C GLY B 296 50.07 39.67 38.75
N LYS B 297 51.39 39.60 38.86
CA LYS B 297 52.22 38.91 37.87
C LYS B 297 52.48 37.48 38.33
N TYR B 298 52.21 36.52 37.44
CA TYR B 298 52.34 35.11 37.74
C TYR B 298 53.29 34.44 36.75
N GLN B 299 53.89 33.34 37.19
CA GLN B 299 54.83 32.56 36.40
C GLN B 299 54.46 31.09 36.51
N MET B 300 54.58 30.37 35.40
CA MET B 300 54.21 28.97 35.32
C MET B 300 55.29 28.20 34.58
N ASN B 301 55.70 27.07 35.16
CA ASN B 301 56.69 26.19 34.54
C ASN B 301 55.99 25.02 33.85
N ILE B 302 56.45 24.70 32.65
CA ILE B 302 55.88 23.60 31.87
C ILE B 302 57.03 22.76 31.33
N GLU B 303 57.07 21.48 31.71
CA GLU B 303 58.10 20.58 31.22
C GLU B 303 57.80 20.23 29.77
N LEU B 304 58.55 20.84 28.85
CA LEU B 304 58.34 20.61 27.42
C LEU B 304 58.68 19.18 27.06
N ASN B 305 57.70 18.28 27.18
CA ASN B 305 57.89 16.88 26.85
C ASN B 305 57.06 16.41 25.66
N TYR B 306 55.97 17.10 25.34
CA TYR B 306 55.12 16.71 24.23
C TYR B 306 55.48 17.53 23.01
N PRO B 307 56.11 16.95 21.98
CA PRO B 307 56.50 17.73 20.82
C PRO B 307 55.32 18.03 19.91
N ILE B 308 55.30 19.25 19.38
CA ILE B 308 54.25 19.66 18.44
C ILE B 308 54.44 19.06 17.06
N SER B 309 55.61 18.47 16.78
CA SER B 309 55.86 17.86 15.49
C SER B 309 55.25 16.47 15.35
N LEU B 310 54.77 15.88 16.45
CA LEU B 310 54.18 14.56 16.39
C LEU B 310 52.78 14.58 15.77
N PHE B 311 52.02 15.64 15.99
CA PHE B 311 50.66 15.75 15.47
C PHE B 311 50.46 16.94 14.56
N GLY B 312 51.48 17.79 14.37
CA GLY B 312 51.38 18.89 13.43
C GLY B 312 50.50 20.04 13.86
N GLY B 313 50.08 20.08 15.11
CA GLY B 313 49.23 21.15 15.60
C GLY B 313 49.95 22.14 16.48
N THR B 314 49.21 22.79 17.38
CA THR B 314 49.78 23.81 18.26
C THR B 314 49.19 23.66 19.65
N LYS B 315 50.04 23.33 20.62
CA LYS B 315 49.61 23.27 22.00
C LYS B 315 49.35 24.68 22.54
N SER B 316 48.59 24.75 23.63
CA SER B 316 48.32 26.05 24.24
C SER B 316 47.92 25.84 25.70
N PHE B 317 48.38 26.73 26.56
CA PHE B 317 47.95 26.76 27.95
C PHE B 317 46.78 27.73 28.08
N VAL B 318 45.66 27.23 28.59
CA VAL B 318 44.42 28.01 28.66
C VAL B 318 43.99 28.11 30.12
N LEU B 319 43.68 29.32 30.56
CA LEU B 319 43.18 29.58 31.90
C LEU B 319 41.84 30.28 31.78
N THR B 320 40.77 29.62 32.24
CA THR B 320 39.42 30.14 32.13
C THR B 320 38.75 30.11 33.49
N THR B 321 37.50 30.59 33.52
CA THR B 321 36.66 30.51 34.70
C THR B 321 35.52 29.54 34.47
N ASN B 322 34.28 30.02 34.56
CA ASN B 322 33.13 29.18 34.32
C ASN B 322 31.95 30.06 33.93
N GLY B 323 31.11 29.55 33.04
CA GLY B 323 29.94 30.27 32.60
C GLY B 323 28.69 29.41 32.70
N ALA B 324 27.55 30.08 32.81
CA ALA B 324 26.28 29.37 32.88
C ALA B 324 25.99 28.57 31.63
N ILE B 325 26.57 28.94 30.50
CA ILE B 325 26.38 28.23 29.24
C ILE B 325 27.64 27.49 28.81
N GLY B 326 28.80 28.11 28.98
CA GLY B 326 30.05 27.49 28.60
C GLY B 326 31.26 28.34 28.94
N GLY B 327 31.94 28.85 27.91
CA GLY B 327 33.11 29.68 28.14
C GLY B 327 33.57 30.41 26.90
N ARG B 328 33.21 31.70 26.79
CA ARG B 328 33.60 32.56 25.68
C ARG B 328 33.16 31.96 24.34
N ASN B 329 31.84 31.96 24.16
CA ASN B 329 31.24 31.46 22.93
C ASN B 329 29.88 32.11 22.76
N MET B 330 29.62 32.65 21.58
CA MET B 330 28.38 33.37 21.30
C MET B 330 27.55 32.71 20.22
N SER B 331 27.76 31.40 19.97
CA SER B 331 26.99 30.70 18.95
C SER B 331 25.51 30.69 19.29
N LEU B 332 25.17 30.41 20.55
CA LEU B 332 23.78 30.42 20.96
C LEU B 332 23.16 31.81 20.80
N GLY B 333 23.90 32.85 21.18
CA GLY B 333 23.39 34.20 21.05
C GLY B 333 23.17 34.61 19.61
N VAL B 334 24.13 34.29 18.74
CA VAL B 334 23.98 34.67 17.34
C VAL B 334 22.88 33.86 16.67
N LEU B 335 22.67 32.60 17.10
CA LEU B 335 21.56 31.84 16.54
C LEU B 335 20.22 32.43 16.98
N TYR B 336 20.09 32.79 18.26
CA TYR B 336 18.88 33.47 18.71
C TYR B 336 18.66 34.77 17.94
N LEU B 337 19.72 35.54 17.72
CA LEU B 337 19.59 36.80 17.00
C LEU B 337 19.17 36.56 15.55
N ILE B 338 19.72 35.52 14.92
CA ILE B 338 19.34 35.22 13.53
C ILE B 338 17.87 34.83 13.44
N VAL B 339 17.41 33.98 14.37
CA VAL B 339 16.01 33.58 14.36
C VAL B 339 15.11 34.78 14.56
N ALA B 340 15.44 35.62 15.55
CA ALA B 340 14.62 36.80 15.83
C ALA B 340 14.61 37.75 14.64
N GLY B 341 15.75 37.94 13.99
CA GLY B 341 15.80 38.83 12.85
C GLY B 341 15.00 38.31 11.68
N LEU B 342 15.11 37.01 11.39
CA LEU B 342 14.30 36.43 10.32
C LEU B 342 12.82 36.58 10.60
N CYS B 343 12.40 36.31 11.85
CA CYS B 343 11.00 36.44 12.19
C CYS B 343 10.52 37.88 12.04
N ALA B 344 11.25 38.83 12.63
CA ALA B 344 10.85 40.23 12.56
C ALA B 344 10.93 40.81 11.16
N LEU B 345 11.75 40.21 10.28
CA LEU B 345 11.81 40.66 8.90
C LEU B 345 10.64 40.13 8.09
N PHE B 346 10.41 38.81 8.15
CA PHE B 346 9.34 38.21 7.35
C PHE B 346 7.96 38.67 7.82
N GLY B 347 7.78 38.90 9.12
CA GLY B 347 6.50 39.39 9.59
C GLY B 347 6.15 40.75 9.00
N ILE B 348 7.09 41.69 9.06
CA ILE B 348 6.86 43.02 8.51
C ILE B 348 6.72 42.96 6.99
N ILE B 349 7.48 42.07 6.35
CA ILE B 349 7.38 41.92 4.90
C ILE B 349 5.97 41.49 4.51
N PHE B 350 5.46 40.44 5.15
CA PHE B 350 4.11 39.97 4.84
C PHE B 350 3.06 41.01 5.23
N LEU B 351 3.28 41.74 6.32
CA LEU B 351 2.33 42.78 6.71
C LEU B 351 2.22 43.87 5.64
N VAL B 352 3.36 44.41 5.21
CA VAL B 352 3.33 45.46 4.20
C VAL B 352 2.87 44.90 2.87
N LYS B 353 3.08 43.61 2.61
CA LYS B 353 2.61 43.02 1.37
C LYS B 353 1.08 42.92 1.36
N LEU B 354 0.49 42.51 2.48
CA LEU B 354 -0.97 42.44 2.55
C LEU B 354 -1.60 43.82 2.66
N ILE B 355 -0.85 44.83 3.14
CA ILE B 355 -1.41 46.17 3.23
C ILE B 355 -1.38 46.85 1.87
N PHE B 356 -0.20 46.92 1.24
CA PHE B 356 -0.08 47.64 -0.02
C PHE B 356 -0.72 46.90 -1.18
N GLN B 357 -0.91 45.59 -1.08
CA GLN B 357 -1.55 44.83 -2.14
C GLN B 357 -2.19 43.56 -1.58
N PRO B 358 -3.46 43.62 -1.19
CA PRO B 358 -4.10 42.43 -0.61
C PRO B 358 -4.29 41.34 -1.65
N ARG B 359 -4.77 40.18 -1.17
CA ARG B 359 -4.97 39.03 -2.03
C ARG B 359 -6.14 39.25 -2.98
N ALA B 360 -7.30 39.63 -2.43
CA ALA B 360 -8.52 39.85 -3.22
C ALA B 360 -8.85 38.63 -4.08
N MET B 361 -8.66 37.44 -3.51
CA MET B 361 -8.89 36.19 -4.23
C MET B 361 -9.66 35.18 -3.36
N GLY B 362 -10.51 35.67 -2.46
CA GLY B 362 -11.27 34.77 -1.62
C GLY B 362 -12.31 33.97 -2.37
N ASP B 363 -12.83 34.52 -3.47
CA ASP B 363 -13.81 33.83 -4.28
C ASP B 363 -13.14 32.80 -5.17
N HIS B 364 -13.90 31.74 -5.50
CA HIS B 364 -13.36 30.69 -6.36
C HIS B 364 -13.25 31.15 -7.81
N THR B 365 -14.27 31.87 -8.30
CA THR B 365 -14.32 32.37 -9.67
C THR B 365 -14.25 31.25 -10.71
N TYR B 366 -14.47 30.01 -10.28
CA TYR B 366 -14.46 28.83 -11.16
C TYR B 366 -13.14 28.74 -11.93
N LEU B 367 -12.04 28.64 -11.18
CA LEU B 367 -10.71 28.49 -11.75
C LEU B 367 -10.37 27.04 -12.06
N ASN B 368 -11.37 26.16 -12.13
CA ASN B 368 -11.14 24.74 -12.40
C ASN B 368 -10.63 24.53 -13.82
C1 NAG C . 42.87 27.38 45.95
C2 NAG C . 43.38 26.28 46.87
C3 NAG C . 43.51 26.80 48.30
C4 NAG C . 44.38 28.05 48.33
C5 NAG C . 43.83 29.09 47.35
C6 NAG C . 44.72 30.31 47.23
C7 NAG C . 42.93 23.86 46.68
C8 NAG C . 44.41 23.70 46.55
N2 NAG C . 42.49 25.13 46.84
O3 NAG C . 44.08 25.79 49.13
O4 NAG C . 44.38 28.61 49.64
O5 NAG C . 43.75 28.51 46.03
O6 NAG C . 46.08 29.95 47.11
O7 NAG C . 42.16 22.91 46.66
C1 NAG C . 45.71 28.50 50.19
C2 NAG C . 45.80 29.40 51.42
C3 NAG C . 47.18 29.29 52.07
C4 NAG C . 47.50 27.83 52.36
C5 NAG C . 47.33 26.97 51.11
C6 NAG C . 47.51 25.50 51.36
C7 NAG C . 44.77 31.60 51.82
C8 NAG C . 44.59 32.99 51.31
N2 NAG C . 45.52 30.79 51.06
O3 NAG C . 47.21 30.05 53.26
O4 NAG C . 48.83 27.71 52.84
O5 NAG C . 46.01 27.14 50.57
O6 NAG C . 48.80 25.22 51.92
O7 NAG C . 44.28 31.22 52.88
C1 NAG D . 50.36 25.78 49.02
C2 NAG D . 50.96 24.38 48.91
C3 NAG D . 52.29 24.31 49.65
C4 NAG D . 53.23 25.39 49.16
C5 NAG D . 52.55 26.75 49.27
C6 NAG D . 53.39 27.89 48.72
C7 NAG D . 49.89 22.16 48.89
C8 NAG D . 48.89 21.26 49.55
N2 NAG D . 50.03 23.38 49.42
O3 NAG D . 52.88 23.02 49.44
O4 NAG D . 54.43 25.39 49.92
O5 NAG D . 51.32 26.75 48.55
O6 NAG D . 52.57 28.96 48.28
O7 NAG D . 50.55 21.80 47.92
C1 NAG D . 55.51 24.95 49.06
C2 NAG D . 56.84 25.36 49.69
C3 NAG D . 58.00 24.87 48.85
C4 NAG D . 57.89 23.37 48.61
C5 NAG D . 56.53 23.03 48.03
C6 NAG D . 56.30 21.54 47.86
C7 NAG D . 56.60 27.41 51.02
C8 NAG D . 56.72 28.91 51.01
N2 NAG D . 56.90 26.80 49.87
O3 NAG D . 59.23 25.17 49.51
O4 NAG D . 58.91 22.94 47.71
O5 NAG D . 55.49 23.52 48.88
O6 NAG D . 57.52 20.86 47.64
O7 NAG D . 56.24 26.80 52.02
C1 NAG E . 56.32 12.64 26.92
C2 NAG E . 57.57 11.78 27.16
C3 NAG E . 58.42 11.71 25.89
C4 NAG E . 57.58 11.28 24.70
C5 NAG E . 56.34 12.16 24.57
C6 NAG E . 55.39 11.71 23.49
C7 NAG E . 58.15 11.97 29.54
C8 NAG E . 59.05 12.62 30.54
N2 NAG E . 58.36 12.32 28.27
O3 NAG E . 59.49 10.79 26.09
O4 NAG E . 58.35 11.39 23.51
O5 NAG E . 55.60 12.12 25.81
O6 NAG E . 55.23 10.30 23.49
O7 NAG E . 57.29 11.17 29.87
C1 NAG E . 58.52 10.06 22.97
C2 NAG E . 59.46 10.14 21.77
C3 NAG E . 59.68 8.76 21.17
C4 NAG E . 60.14 7.78 22.25
C5 NAG E . 59.21 7.82 23.47
C6 NAG E . 59.72 7.00 24.63
C7 NAG E . 57.81 10.94 20.11
C8 NAG E . 57.49 12.01 19.11
N2 NAG E . 58.97 11.07 20.76
O3 NAG E . 60.65 8.84 20.14
O4 NAG E . 60.12 6.45 21.72
O5 NAG E . 59.07 9.17 23.94
O6 NAG E . 61.13 7.10 24.74
O7 NAG E . 57.04 10.00 20.31
C1 BMA E . 61.47 5.99 21.52
C2 BMA E . 61.43 4.44 21.62
C3 BMA E . 62.77 3.84 21.19
C4 BMA E . 63.26 4.44 19.86
C5 BMA E . 63.29 5.97 19.97
C6 BMA E . 63.75 6.66 18.70
O2 BMA E . 60.44 3.91 20.75
O3 BMA E . 62.67 2.42 21.08
O4 BMA E . 64.56 3.96 19.55
O5 BMA E . 61.97 6.42 20.26
O6 BMA E . 63.81 8.05 18.93
C1 BMA E . 63.75 1.78 21.81
C2 BMA E . 63.58 2.07 23.32
C3 BMA E . 64.60 1.28 24.12
C4 BMA E . 64.61 -0.20 23.72
C5 BMA E . 64.84 -0.31 22.20
C6 BMA E . 64.82 -1.75 21.71
O2 BMA E . 62.29 1.64 23.76
O3 BMA E . 64.37 1.39 25.53
O4 BMA E . 65.65 -0.88 24.39
O5 BMA E . 63.78 0.39 21.54
O6 BMA E . 63.49 -2.25 21.83
C1 2Y5 F . 6.31 22.63 -0.54
O1 2Y5 F . 7.21 21.57 -0.70
P1 2Y5 F . 8.61 21.62 0.17
C2 2Y5 F . 5.49 22.41 0.75
O2 2Y5 F . 5.25 21.02 0.92
C3 2Y5 F . 4.15 23.17 0.76
O3 2Y5 F . 4.42 24.54 0.94
C4 2Y5 F . 3.30 22.99 -0.51
O4 2Y5 F . 2.15 22.25 -0.18
P4 2Y5 F . 0.74 23.07 0.10
C5 2Y5 F . 4.03 22.28 -1.66
O5 2Y5 F . 3.33 22.54 -2.86
C6 2Y5 F . 5.48 22.76 -1.83
O6 2Y5 F . 5.48 24.10 -2.23
C7 2Y5 F . 9.91 21.91 -2.08
C8 2Y5 F . 10.73 23.20 -1.95
C9 2Y5 F . 12.21 22.85 -1.81
C10 2Y5 F . 9.89 25.20 -2.84
C11 2Y5 F . 13.89 23.15 -0.21
O11 2Y5 F . 8.55 20.58 1.27
C12 2Y5 F . 10.36 26.10 -1.70
O12 2Y5 F . 8.79 22.98 0.76
C13 2Y5 F . 10.62 27.51 -2.25
O13 2Y5 F . 9.87 21.27 -0.83
C14 2Y5 F . 11.21 28.39 -1.14
C15 2Y5 F . 10.83 29.85 -1.38
C16 2Y5 F . 11.58 30.82 -0.90
O16 2Y5 F . 10.54 23.99 -3.09
C17 2Y5 F . 12.84 30.51 -0.09
O17 2Y5 F . 8.96 25.51 -3.51
C18 2Y5 F . 14.05 30.51 -1.01
O18 2Y5 F . 12.80 23.71 -0.88
C19 2Y5 F . 15.10 29.76 -0.72
O19 2Y5 F . 14.00 21.97 -0.11
C20 2Y5 F . 15.12 28.91 0.54
C21 2Y5 F . 16.46 28.22 0.67
C22 2Y5 F . 17.21 28.40 1.74
C23 2Y5 F . 16.74 29.30 2.88
C24 2Y5 F . 17.78 29.28 4.00
C25 2Y5 F . 17.77 30.20 4.94
C26 2Y5 F . 18.82 30.14 6.05
C27 2Y5 F . 19.16 31.57 6.50
C28 2Y5 F . 20.48 31.55 7.28
C29 2Y5 F . 20.97 32.98 7.46
C30 2Y5 F . 22.43 32.95 7.94
C31 2Y5 F . 14.96 24.05 0.40
C32 2Y5 F . 16.19 24.07 -0.52
C33 2Y5 F . 17.43 23.71 0.27
C34 2Y5 F . 18.51 23.20 -0.69
C35 2Y5 F . 19.78 22.88 0.09
C36 2Y5 F . 20.93 22.66 -0.88
C37 2Y5 F . 22.11 22.04 -0.14
C38 2Y5 F . 22.49 22.91 1.07
C39 2Y5 F . 23.61 22.24 1.85
C40 2Y5 F . 24.39 23.30 2.63
C41 2Y5 F . 25.57 22.63 3.33
O41 2Y5 F . 0.93 24.52 -0.29
C42 2Y5 F . 26.72 23.62 3.49
O42 2Y5 F . -0.37 22.47 -0.74
C43 2Y5 F . 27.85 22.96 4.29
O43 2Y5 F . 0.39 22.98 1.56
C44 2Y5 F . 27.50 23.01 5.78
C45 2Y5 F . 28.03 21.76 6.47
C46 2Y5 F . 29.55 21.79 6.51
C47 2Y5 F . 30.02 22.99 7.32
PG ACP G . -29.97 -7.42 -22.41
O1G ACP G . -30.73 -6.81 -21.25
O2G ACP G . -28.66 -6.69 -22.58
O3G ACP G . -30.80 -7.30 -23.67
PB ACP G . -28.87 -10.02 -23.55
O1B ACP G . -27.54 -10.61 -23.17
O2B ACP G . -28.66 -8.98 -24.62
C3B ACP G . -29.64 -9.21 -22.06
PA ACP G . -29.42 -12.57 -24.87
O1A ACP G . -30.51 -13.60 -24.74
O2A ACP G . -28.15 -13.09 -24.26
O3A ACP G . -29.89 -11.19 -24.11
O5' ACP G . -29.18 -12.26 -26.48
C5' ACP G . -29.60 -11.04 -27.00
C4' ACP G . -31.09 -11.12 -27.46
O4' ACP G . -31.55 -12.33 -27.29
C3' ACP G . -31.97 -10.24 -26.56
O3' ACP G . -32.14 -9.02 -27.11
C2' ACP G . -33.32 -10.98 -26.50
O2' ACP G . -34.36 -10.20 -27.24
C1' ACP G . -33.15 -12.14 -27.08
N9 ACP G . -33.66 -13.19 -26.24
C8 ACP G . -33.65 -13.19 -24.90
N7 ACP G . -34.21 -14.33 -24.49
C5 ACP G . -34.57 -15.04 -25.57
C6 ACP G . -35.17 -16.26 -25.72
N6 ACP G . -35.67 -17.29 -24.83
N1 ACP G . -35.41 -16.74 -26.93
C2 ACP G . -35.07 -16.03 -28.02
N3 ACP G . -34.47 -14.82 -27.88
C4 ACP G . -34.23 -14.34 -26.65
MG MG H . -24.83 -7.34 -17.51
#